data_6AWK
# 
_entry.id   6AWK 
# 
_audit_conform.dict_name       mmcif_pdbx.dic 
_audit_conform.dict_version    5.391 
_audit_conform.dict_location   http://mmcif.pdb.org/dictionaries/ascii/mmcif_pdbx.dic 
# 
loop_
_database_2.database_id 
_database_2.database_code 
_database_2.pdbx_database_accession 
_database_2.pdbx_DOI 
PDB   6AWK         pdb_00006awk 10.2210/pdb6awk/pdb 
WWPDB D_1000229650 ?            ?                   
BMRB  30337        ?            10.13018/BMR30337   
# 
loop_
_pdbx_audit_revision_history.ordinal 
_pdbx_audit_revision_history.data_content_type 
_pdbx_audit_revision_history.major_revision 
_pdbx_audit_revision_history.minor_revision 
_pdbx_audit_revision_history.revision_date 
1 'Structure model' 1 0 2018-03-07 
2 'Structure model' 1 1 2018-11-28 
3 'Structure model' 1 2 2020-01-01 
4 'Structure model' 1 3 2024-05-01 
# 
_pdbx_audit_revision_details.ordinal             1 
_pdbx_audit_revision_details.revision_ordinal    1 
_pdbx_audit_revision_details.data_content_type   'Structure model' 
_pdbx_audit_revision_details.provider            repository 
_pdbx_audit_revision_details.type                'Initial release' 
_pdbx_audit_revision_details.description         ? 
_pdbx_audit_revision_details.details             ? 
# 
loop_
_pdbx_audit_revision_group.ordinal 
_pdbx_audit_revision_group.revision_ordinal 
_pdbx_audit_revision_group.data_content_type 
_pdbx_audit_revision_group.group 
1 2 'Structure model' 'Data collection'            
2 2 'Structure model' 'Database references'        
3 3 'Structure model' 'Author supporting evidence' 
4 3 'Structure model' 'Data collection'            
5 4 'Structure model' 'Data collection'            
6 4 'Structure model' 'Database references'        
# 
loop_
_pdbx_audit_revision_category.ordinal 
_pdbx_audit_revision_category.revision_ordinal 
_pdbx_audit_revision_category.data_content_type 
_pdbx_audit_revision_category.category 
1 2 'Structure model' citation              
2 2 'Structure model' citation_author       
3 3 'Structure model' pdbx_audit_support    
4 3 'Structure model' pdbx_nmr_software     
5 3 'Structure model' pdbx_nmr_spectrometer 
6 4 'Structure model' chem_comp_atom        
7 4 'Structure model' chem_comp_bond        
8 4 'Structure model' database_2            
# 
loop_
_pdbx_audit_revision_item.ordinal 
_pdbx_audit_revision_item.revision_ordinal 
_pdbx_audit_revision_item.data_content_type 
_pdbx_audit_revision_item.item 
1  2 'Structure model' '_citation.country'                        
2  2 'Structure model' '_citation.journal_id_ISSN'                
3  2 'Structure model' '_citation.pdbx_database_id_PubMed'        
4  2 'Structure model' '_citation.title'                          
5  2 'Structure model' '_citation_author.name'                    
6  3 'Structure model' '_pdbx_audit_support.funding_organization' 
7  3 'Structure model' '_pdbx_nmr_software.name'                  
8  3 'Structure model' '_pdbx_nmr_spectrometer.model'             
9  4 'Structure model' '_database_2.pdbx_DOI'                     
10 4 'Structure model' '_database_2.pdbx_database_accession'      
# 
_pdbx_database_status.status_code                     REL 
_pdbx_database_status.status_code_sf                  ? 
_pdbx_database_status.status_code_mr                  REL 
_pdbx_database_status.entry_id                        6AWK 
_pdbx_database_status.recvd_initial_deposition_date   2017-09-05 
_pdbx_database_status.SG_entry                        N 
_pdbx_database_status.deposit_site                    RCSB 
_pdbx_database_status.process_site                    RCSB 
_pdbx_database_status.status_code_cs                  REL 
_pdbx_database_status.methods_development_category    ? 
_pdbx_database_status.pdb_format_compatible           Y 
_pdbx_database_status.status_code_nmr_data            ? 
# 
_pdbx_database_related.db_name        BMRB 
_pdbx_database_related.details        'PawL-Derived Peptide PLP-12' 
_pdbx_database_related.db_id          30337 
_pdbx_database_related.content_type   unspecified 
# 
loop_
_audit_author.name 
_audit_author.pdbx_ordinal 
_audit_author.identifier_ORCID 
'Fisher, M.'   1 0000-0002-6971-4285 
'Mylne, J.S.'  2 0000-0003-4957-6388 
'Howard, M.J.' 3 ?                   
# 
_citation.abstract                  ? 
_citation.abstract_id_CAS           ? 
_citation.book_id_ISBN              ? 
_citation.book_publisher            ? 
_citation.book_publisher_city       ? 
_citation.book_title                ? 
_citation.coordinate_linkage        ? 
_citation.country                   UK 
_citation.database_id_Medline       ? 
_citation.details                   ? 
_citation.id                        primary 
_citation.journal_abbrev            'Plant Direct' 
_citation.journal_id_ASTM           ? 
_citation.journal_id_CSD            ? 
_citation.journal_id_ISSN           2475-4455 
_citation.journal_full              ? 
_citation.journal_issue             ? 
_citation.journal_volume            2 
_citation.language                  ? 
_citation.page_first                ? 
_citation.page_last                 ? 
_citation.title                     'A family of small, cyclic peptides buried in preproalbumin since the Eocene epoch.' 
_citation.year                      2018 
_citation.database_id_CSD           ? 
_citation.pdbx_database_id_DOI      10.1002/pld3.42 
_citation.pdbx_database_id_PubMed   30417166 
_citation.unpublished_flag          ? 
# 
loop_
_citation_author.citation_id 
_citation_author.name 
_citation_author.ordinal 
_citation_author.identifier_ORCID 
primary 'Fisher, M.F.'   1  ? 
primary 'Zhang, J.'      2  ? 
primary 'Taylor, N.L.'   3  ? 
primary 'Howard, M.J.'   4  ? 
primary 'Berkowitz, O.'  5  ? 
primary 'Debowski, A.W.' 6  ? 
primary 'Behsaz, B.'     7  ? 
primary 'Whelan, J.'     8  ? 
primary 'Pevzner, P.A.'  9  ? 
primary 'Mylne, J.S.'    10 ? 
# 
_entity.id                         1 
_entity.type                       polymer 
_entity.src_method                 syn 
_entity.pdbx_description           PLP-12 
_entity.formula_weight             828.867 
_entity.pdbx_number_of_molecules   1 
_entity.pdbx_ec                    ? 
_entity.pdbx_mutation              ? 
_entity.pdbx_fragment              ? 
_entity.details                    ? 
# 
_entity_poly.entity_id                      1 
_entity_poly.type                           'polypeptide(L)' 
_entity_poly.nstd_linkage                   no 
_entity_poly.nstd_monomer                   no 
_entity_poly.pdbx_seq_one_letter_code       FVGGTSFD 
_entity_poly.pdbx_seq_one_letter_code_can   FVGGTSFD 
_entity_poly.pdbx_strand_id                 A 
_entity_poly.pdbx_target_identifier         ? 
# 
loop_
_entity_poly_seq.entity_id 
_entity_poly_seq.num 
_entity_poly_seq.mon_id 
_entity_poly_seq.hetero 
1 1 PHE n 
1 2 VAL n 
1 3 GLY n 
1 4 GLY n 
1 5 THR n 
1 6 SER n 
1 7 PHE n 
1 8 ASP n 
# 
_pdbx_entity_src_syn.entity_id              1 
_pdbx_entity_src_syn.pdbx_src_id            1 
_pdbx_entity_src_syn.pdbx_alt_source_flag   sample 
_pdbx_entity_src_syn.pdbx_beg_seq_num       1 
_pdbx_entity_src_syn.pdbx_end_seq_num       8 
_pdbx_entity_src_syn.organism_scientific    'Senecio vulgaris' 
_pdbx_entity_src_syn.organism_common_name   ? 
_pdbx_entity_src_syn.ncbi_taxonomy_id       76276 
_pdbx_entity_src_syn.details                ? 
# 
loop_
_chem_comp.id 
_chem_comp.type 
_chem_comp.mon_nstd_flag 
_chem_comp.name 
_chem_comp.pdbx_synonyms 
_chem_comp.formula 
_chem_comp.formula_weight 
ASP 'L-peptide linking' y 'ASPARTIC ACID' ? 'C4 H7 N O4'  133.103 
GLY 'peptide linking'   y GLYCINE         ? 'C2 H5 N O2'  75.067  
PHE 'L-peptide linking' y PHENYLALANINE   ? 'C9 H11 N O2' 165.189 
SER 'L-peptide linking' y SERINE          ? 'C3 H7 N O3'  105.093 
THR 'L-peptide linking' y THREONINE       ? 'C4 H9 N O3'  119.119 
VAL 'L-peptide linking' y VALINE          ? 'C5 H11 N O2' 117.146 
# 
loop_
_pdbx_poly_seq_scheme.asym_id 
_pdbx_poly_seq_scheme.entity_id 
_pdbx_poly_seq_scheme.seq_id 
_pdbx_poly_seq_scheme.mon_id 
_pdbx_poly_seq_scheme.ndb_seq_num 
_pdbx_poly_seq_scheme.pdb_seq_num 
_pdbx_poly_seq_scheme.auth_seq_num 
_pdbx_poly_seq_scheme.pdb_mon_id 
_pdbx_poly_seq_scheme.auth_mon_id 
_pdbx_poly_seq_scheme.pdb_strand_id 
_pdbx_poly_seq_scheme.pdb_ins_code 
_pdbx_poly_seq_scheme.hetero 
A 1 1 PHE 1 1 1 PHE PHE A . n 
A 1 2 VAL 2 2 2 VAL VAL A . n 
A 1 3 GLY 3 3 3 GLY GLY A . n 
A 1 4 GLY 4 4 4 GLY GLY A . n 
A 1 5 THR 5 5 5 THR THR A . n 
A 1 6 SER 6 6 6 SER SER A . n 
A 1 7 PHE 7 7 7 PHE PHE A . n 
A 1 8 ASP 8 8 8 ASP ASP A . n 
# 
_exptl.absorpt_coefficient_mu     ? 
_exptl.absorpt_correction_T_max   ? 
_exptl.absorpt_correction_T_min   ? 
_exptl.absorpt_correction_type    ? 
_exptl.absorpt_process_details    ? 
_exptl.entry_id                   6AWK 
_exptl.crystals_number            ? 
_exptl.details                    ? 
_exptl.method                     'SOLUTION NMR' 
_exptl.method_details             ? 
# 
_struct.entry_id                     6AWK 
_struct.title                        'PawL-Derived Peptide PLP-12' 
_struct.pdbx_model_details           ? 
_struct.pdbx_formula_weight          ? 
_struct.pdbx_formula_weight_method   ? 
_struct.pdbx_model_type_details      ? 
_struct.pdbx_CASP_flag               N 
# 
_struct_keywords.entry_id        6AWK 
_struct_keywords.text            'orbitide, cyclic peptide, plant peptide, buried peptide, DE NOVO PROTEIN' 
_struct_keywords.pdbx_keywords   'DE NOVO PROTEIN' 
# 
_struct_asym.id                            A 
_struct_asym.pdbx_blank_PDB_chainid_flag   N 
_struct_asym.pdbx_modified                 N 
_struct_asym.entity_id                     1 
_struct_asym.details                       ? 
# 
_struct_ref.id                         1 
_struct_ref.db_name                    PDB 
_struct_ref.db_code                    6AWK 
_struct_ref.pdbx_db_accession          6AWK 
_struct_ref.pdbx_db_isoform            ? 
_struct_ref.entity_id                  1 
_struct_ref.pdbx_seq_one_letter_code   ? 
_struct_ref.pdbx_align_begin           1 
# 
_struct_ref_seq.align_id                      1 
_struct_ref_seq.ref_id                        1 
_struct_ref_seq.pdbx_PDB_id_code              6AWK 
_struct_ref_seq.pdbx_strand_id                A 
_struct_ref_seq.seq_align_beg                 1 
_struct_ref_seq.pdbx_seq_align_beg_ins_code   ? 
_struct_ref_seq.seq_align_end                 8 
_struct_ref_seq.pdbx_seq_align_end_ins_code   ? 
_struct_ref_seq.pdbx_db_accession             6AWK 
_struct_ref_seq.db_align_beg                  1 
_struct_ref_seq.pdbx_db_align_beg_ins_code    ? 
_struct_ref_seq.db_align_end                  8 
_struct_ref_seq.pdbx_db_align_end_ins_code    ? 
_struct_ref_seq.pdbx_auth_seq_align_beg       1 
_struct_ref_seq.pdbx_auth_seq_align_end       8 
# 
_pdbx_struct_assembly.id                   1 
_pdbx_struct_assembly.details              author_defined_assembly 
_pdbx_struct_assembly.method_details       ? 
_pdbx_struct_assembly.oligomeric_details   monomeric 
_pdbx_struct_assembly.oligomeric_count     1 
# 
loop_
_pdbx_struct_assembly_prop.biol_id 
_pdbx_struct_assembly_prop.type 
_pdbx_struct_assembly_prop.value 
_pdbx_struct_assembly_prop.details 
1 'ABSA (A^2)' 0   ? 
1 MORE         0   ? 
1 'SSA (A^2)'  990 ? 
# 
_pdbx_struct_assembly_gen.assembly_id       1 
_pdbx_struct_assembly_gen.oper_expression   1 
_pdbx_struct_assembly_gen.asym_id_list      A 
# 
_pdbx_struct_assembly_auth_evidence.id                     1 
_pdbx_struct_assembly_auth_evidence.assembly_id            1 
_pdbx_struct_assembly_auth_evidence.experimental_support   'mass spectrometry' 
_pdbx_struct_assembly_auth_evidence.details                ? 
# 
_pdbx_struct_oper_list.id                   1 
_pdbx_struct_oper_list.type                 'identity operation' 
_pdbx_struct_oper_list.name                 1_555 
_pdbx_struct_oper_list.symmetry_operation   ? 
_pdbx_struct_oper_list.matrix[1][1]         1.0000000000 
_pdbx_struct_oper_list.matrix[1][2]         0.0000000000 
_pdbx_struct_oper_list.matrix[1][3]         0.0000000000 
_pdbx_struct_oper_list.vector[1]            0.0000000000 
_pdbx_struct_oper_list.matrix[2][1]         0.0000000000 
_pdbx_struct_oper_list.matrix[2][2]         1.0000000000 
_pdbx_struct_oper_list.matrix[2][3]         0.0000000000 
_pdbx_struct_oper_list.vector[2]            0.0000000000 
_pdbx_struct_oper_list.matrix[3][1]         0.0000000000 
_pdbx_struct_oper_list.matrix[3][2]         0.0000000000 
_pdbx_struct_oper_list.matrix[3][3]         1.0000000000 
_pdbx_struct_oper_list.vector[3]            0.0000000000 
# 
loop_
_pdbx_validate_close_contact.id 
_pdbx_validate_close_contact.PDB_model_num 
_pdbx_validate_close_contact.auth_atom_id_1 
_pdbx_validate_close_contact.auth_asym_id_1 
_pdbx_validate_close_contact.auth_comp_id_1 
_pdbx_validate_close_contact.auth_seq_id_1 
_pdbx_validate_close_contact.PDB_ins_code_1 
_pdbx_validate_close_contact.label_alt_id_1 
_pdbx_validate_close_contact.auth_atom_id_2 
_pdbx_validate_close_contact.auth_asym_id_2 
_pdbx_validate_close_contact.auth_comp_id_2 
_pdbx_validate_close_contact.auth_seq_id_2 
_pdbx_validate_close_contact.PDB_ins_code_2 
_pdbx_validate_close_contact.label_alt_id_2 
_pdbx_validate_close_contact.dist 
1  1  N A PHE 1 ? ? C A ASP 8 ? ? 1.32 
2  2  N A PHE 1 ? ? C A ASP 8 ? ? 1.32 
3  3  N A PHE 1 ? ? C A ASP 8 ? ? 1.32 
4  4  N A PHE 1 ? ? C A ASP 8 ? ? 1.32 
5  5  N A PHE 1 ? ? C A ASP 8 ? ? 1.33 
6  6  N A PHE 1 ? ? C A ASP 8 ? ? 1.35 
7  7  N A PHE 1 ? ? C A ASP 8 ? ? 1.33 
8  8  N A PHE 1 ? ? C A ASP 8 ? ? 1.32 
9  9  N A PHE 1 ? ? C A ASP 8 ? ? 1.34 
10 10 N A PHE 1 ? ? C A ASP 8 ? ? 1.33 
11 11 N A PHE 1 ? ? C A ASP 8 ? ? 1.33 
12 12 N A PHE 1 ? ? C A ASP 8 ? ? 1.31 
13 13 N A PHE 1 ? ? C A ASP 8 ? ? 1.32 
14 14 N A PHE 1 ? ? C A ASP 8 ? ? 1.33 
15 15 N A PHE 1 ? ? C A ASP 8 ? ? 1.33 
16 16 N A PHE 1 ? ? C A ASP 8 ? ? 1.35 
17 17 N A PHE 1 ? ? C A ASP 8 ? ? 1.32 
18 18 N A PHE 1 ? ? C A ASP 8 ? ? 1.33 
19 19 N A PHE 1 ? ? C A ASP 8 ? ? 1.34 
20 20 N A PHE 1 ? ? C A ASP 8 ? ? 1.34 
# 
loop_
_pdbx_validate_torsion.id 
_pdbx_validate_torsion.PDB_model_num 
_pdbx_validate_torsion.auth_comp_id 
_pdbx_validate_torsion.auth_asym_id 
_pdbx_validate_torsion.auth_seq_id 
_pdbx_validate_torsion.PDB_ins_code 
_pdbx_validate_torsion.label_alt_id 
_pdbx_validate_torsion.phi 
_pdbx_validate_torsion.psi 
1 7  SER A 6 ? ? 58.40   12.93  
2 8  THR A 5 ? ? -77.57  24.12  
3 8  PHE A 7 ? ? 58.78   12.70  
4 9  PHE A 7 ? ? -149.41 30.92  
5 15 VAL A 2 ? ? 73.74   -52.43 
6 16 SER A 6 ? ? -153.81 -52.53 
7 17 VAL A 2 ? ? 61.43   87.64  
8 18 THR A 5 ? ? 63.44   167.02 
9 19 SER A 6 ? ? 69.18   -36.99 
# 
_pdbx_nmr_ensemble.entry_id                                      6AWK 
_pdbx_nmr_ensemble.conformers_calculated_total_number            200 
_pdbx_nmr_ensemble.conformers_submitted_total_number             20 
_pdbx_nmr_ensemble.conformer_selection_criteria                  'structures with the lowest energy' 
_pdbx_nmr_ensemble.representative_conformer                      ? 
_pdbx_nmr_ensemble.average_constraints_per_residue               ? 
_pdbx_nmr_ensemble.average_constraint_violations_per_residue     ? 
_pdbx_nmr_ensemble.maximum_distance_constraint_violation         ? 
_pdbx_nmr_ensemble.average_distance_constraint_violation         ? 
_pdbx_nmr_ensemble.maximum_upper_distance_constraint_violation   ? 
_pdbx_nmr_ensemble.maximum_lower_distance_constraint_violation   ? 
_pdbx_nmr_ensemble.distance_constraint_violation_method          ? 
_pdbx_nmr_ensemble.maximum_torsion_angle_constraint_violation    ? 
_pdbx_nmr_ensemble.average_torsion_angle_constraint_violation    ? 
_pdbx_nmr_ensemble.torsion_angle_constraint_violation_method     ? 
# 
_pdbx_nmr_representative.entry_id             6AWK 
_pdbx_nmr_representative.conformer_id         1 
_pdbx_nmr_representative.selection_criteria   'closest to the average' 
# 
_pdbx_nmr_sample_details.solution_id      1 
_pdbx_nmr_sample_details.contents         '1.0 mg/mL peptide, 90% H2O/10% D2O' 
_pdbx_nmr_sample_details.solvent_system   '90% H2O/10% D2O' 
_pdbx_nmr_sample_details.label            PLP-12 
_pdbx_nmr_sample_details.type             solution 
_pdbx_nmr_sample_details.details          '1 mg/ml in 90% H2O, 10% D2O' 
# 
_pdbx_nmr_exptl_sample.solution_id           1 
_pdbx_nmr_exptl_sample.component             peptide 
_pdbx_nmr_exptl_sample.concentration         1.0 
_pdbx_nmr_exptl_sample.concentration_range   ? 
_pdbx_nmr_exptl_sample.concentration_units   mg/mL 
_pdbx_nmr_exptl_sample.isotopic_labeling     'natural abundance' 
# 
_pdbx_nmr_exptl_sample_conditions.conditions_id          1 
_pdbx_nmr_exptl_sample_conditions.temperature            298 
_pdbx_nmr_exptl_sample_conditions.pressure_units         atm 
_pdbx_nmr_exptl_sample_conditions.pressure               1 
_pdbx_nmr_exptl_sample_conditions.pH                     4.5 
_pdbx_nmr_exptl_sample_conditions.ionic_strength         1.2 
_pdbx_nmr_exptl_sample_conditions.details                ? 
_pdbx_nmr_exptl_sample_conditions.ionic_strength_err     0.3 
_pdbx_nmr_exptl_sample_conditions.ionic_strength_units   mM 
_pdbx_nmr_exptl_sample_conditions.label                  PLP-12 
_pdbx_nmr_exptl_sample_conditions.pH_err                 0.5 
_pdbx_nmr_exptl_sample_conditions.pH_units               pH 
_pdbx_nmr_exptl_sample_conditions.pressure_err           ? 
_pdbx_nmr_exptl_sample_conditions.temperature_err        ? 
_pdbx_nmr_exptl_sample_conditions.temperature_units      K 
# 
loop_
_pdbx_nmr_exptl.experiment_id 
_pdbx_nmr_exptl.conditions_id 
_pdbx_nmr_exptl.solution_id 
_pdbx_nmr_exptl.type 
_pdbx_nmr_exptl.spectrometer_id 
_pdbx_nmr_exptl.sample_state 
1 1 1 '2D 1H-1H TOCSY 20 ms' 1 isotropic 
2 1 1 '2D 1H-1H ROESY'       2 isotropic 
3 1 1 '2D DQF-COSY'          1 isotropic 
4 1 1 '2D 1H-13C HSQC'       1 isotropic 
5 1 1 '2D 1H-1H TOCSY 80 ms' 1 isotropic 
# 
_pdbx_nmr_refine.entry_id           6AWK 
_pdbx_nmr_refine.method             'simulated annealing' 
_pdbx_nmr_refine.details            ? 
_pdbx_nmr_refine.software_ordinal   3 
# 
loop_
_pdbx_nmr_software.ordinal 
_pdbx_nmr_software.classification 
_pdbx_nmr_software.name 
_pdbx_nmr_software.version 
_pdbx_nmr_software.authors 
1 collection              TopSpin  3.5     'Bruker Biospin' 
2 'data analysis'         Analysis 2.4.2   CCPN             
3 'structure calculation' YASARA   16.7.22 'Elmar Krieger'  
# 
loop_
_chem_comp_atom.comp_id 
_chem_comp_atom.atom_id 
_chem_comp_atom.type_symbol 
_chem_comp_atom.pdbx_aromatic_flag 
_chem_comp_atom.pdbx_stereo_config 
_chem_comp_atom.pdbx_ordinal 
ASP N    N N N 1  
ASP CA   C N S 2  
ASP C    C N N 3  
ASP O    O N N 4  
ASP CB   C N N 5  
ASP CG   C N N 6  
ASP OD1  O N N 7  
ASP OD2  O N N 8  
ASP OXT  O N N 9  
ASP H    H N N 10 
ASP H2   H N N 11 
ASP HA   H N N 12 
ASP HB2  H N N 13 
ASP HB3  H N N 14 
ASP HD2  H N N 15 
ASP HXT  H N N 16 
GLY N    N N N 17 
GLY CA   C N N 18 
GLY C    C N N 19 
GLY O    O N N 20 
GLY OXT  O N N 21 
GLY H    H N N 22 
GLY H2   H N N 23 
GLY HA2  H N N 24 
GLY HA3  H N N 25 
GLY HXT  H N N 26 
PHE N    N N N 27 
PHE CA   C N S 28 
PHE C    C N N 29 
PHE O    O N N 30 
PHE CB   C N N 31 
PHE CG   C Y N 32 
PHE CD1  C Y N 33 
PHE CD2  C Y N 34 
PHE CE1  C Y N 35 
PHE CE2  C Y N 36 
PHE CZ   C Y N 37 
PHE OXT  O N N 38 
PHE H    H N N 39 
PHE H2   H N N 40 
PHE HA   H N N 41 
PHE HB2  H N N 42 
PHE HB3  H N N 43 
PHE HD1  H N N 44 
PHE HD2  H N N 45 
PHE HE1  H N N 46 
PHE HE2  H N N 47 
PHE HZ   H N N 48 
PHE HXT  H N N 49 
SER N    N N N 50 
SER CA   C N S 51 
SER C    C N N 52 
SER O    O N N 53 
SER CB   C N N 54 
SER OG   O N N 55 
SER OXT  O N N 56 
SER H    H N N 57 
SER H2   H N N 58 
SER HA   H N N 59 
SER HB2  H N N 60 
SER HB3  H N N 61 
SER HG   H N N 62 
SER HXT  H N N 63 
THR N    N N N 64 
THR CA   C N S 65 
THR C    C N N 66 
THR O    O N N 67 
THR CB   C N R 68 
THR OG1  O N N 69 
THR CG2  C N N 70 
THR OXT  O N N 71 
THR H    H N N 72 
THR H2   H N N 73 
THR HA   H N N 74 
THR HB   H N N 75 
THR HG1  H N N 76 
THR HG21 H N N 77 
THR HG22 H N N 78 
THR HG23 H N N 79 
THR HXT  H N N 80 
VAL N    N N N 81 
VAL CA   C N S 82 
VAL C    C N N 83 
VAL O    O N N 84 
VAL CB   C N N 85 
VAL CG1  C N N 86 
VAL CG2  C N N 87 
VAL OXT  O N N 88 
VAL H    H N N 89 
VAL H2   H N N 90 
VAL HA   H N N 91 
VAL HB   H N N 92 
VAL HG11 H N N 93 
VAL HG12 H N N 94 
VAL HG13 H N N 95 
VAL HG21 H N N 96 
VAL HG22 H N N 97 
VAL HG23 H N N 98 
VAL HXT  H N N 99 
# 
loop_
_chem_comp_bond.comp_id 
_chem_comp_bond.atom_id_1 
_chem_comp_bond.atom_id_2 
_chem_comp_bond.value_order 
_chem_comp_bond.pdbx_aromatic_flag 
_chem_comp_bond.pdbx_stereo_config 
_chem_comp_bond.pdbx_ordinal 
ASP N   CA   sing N N 1  
ASP N   H    sing N N 2  
ASP N   H2   sing N N 3  
ASP CA  C    sing N N 4  
ASP CA  CB   sing N N 5  
ASP CA  HA   sing N N 6  
ASP C   O    doub N N 7  
ASP C   OXT  sing N N 8  
ASP CB  CG   sing N N 9  
ASP CB  HB2  sing N N 10 
ASP CB  HB3  sing N N 11 
ASP CG  OD1  doub N N 12 
ASP CG  OD2  sing N N 13 
ASP OD2 HD2  sing N N 14 
ASP OXT HXT  sing N N 15 
GLY N   CA   sing N N 16 
GLY N   H    sing N N 17 
GLY N   H2   sing N N 18 
GLY CA  C    sing N N 19 
GLY CA  HA2  sing N N 20 
GLY CA  HA3  sing N N 21 
GLY C   O    doub N N 22 
GLY C   OXT  sing N N 23 
GLY OXT HXT  sing N N 24 
PHE N   CA   sing N N 25 
PHE N   H    sing N N 26 
PHE N   H2   sing N N 27 
PHE CA  C    sing N N 28 
PHE CA  CB   sing N N 29 
PHE CA  HA   sing N N 30 
PHE C   O    doub N N 31 
PHE C   OXT  sing N N 32 
PHE CB  CG   sing N N 33 
PHE CB  HB2  sing N N 34 
PHE CB  HB3  sing N N 35 
PHE CG  CD1  doub Y N 36 
PHE CG  CD2  sing Y N 37 
PHE CD1 CE1  sing Y N 38 
PHE CD1 HD1  sing N N 39 
PHE CD2 CE2  doub Y N 40 
PHE CD2 HD2  sing N N 41 
PHE CE1 CZ   doub Y N 42 
PHE CE1 HE1  sing N N 43 
PHE CE2 CZ   sing Y N 44 
PHE CE2 HE2  sing N N 45 
PHE CZ  HZ   sing N N 46 
PHE OXT HXT  sing N N 47 
SER N   CA   sing N N 48 
SER N   H    sing N N 49 
SER N   H2   sing N N 50 
SER CA  C    sing N N 51 
SER CA  CB   sing N N 52 
SER CA  HA   sing N N 53 
SER C   O    doub N N 54 
SER C   OXT  sing N N 55 
SER CB  OG   sing N N 56 
SER CB  HB2  sing N N 57 
SER CB  HB3  sing N N 58 
SER OG  HG   sing N N 59 
SER OXT HXT  sing N N 60 
THR N   CA   sing N N 61 
THR N   H    sing N N 62 
THR N   H2   sing N N 63 
THR CA  C    sing N N 64 
THR CA  CB   sing N N 65 
THR CA  HA   sing N N 66 
THR C   O    doub N N 67 
THR C   OXT  sing N N 68 
THR CB  OG1  sing N N 69 
THR CB  CG2  sing N N 70 
THR CB  HB   sing N N 71 
THR OG1 HG1  sing N N 72 
THR CG2 HG21 sing N N 73 
THR CG2 HG22 sing N N 74 
THR CG2 HG23 sing N N 75 
THR OXT HXT  sing N N 76 
VAL N   CA   sing N N 77 
VAL N   H    sing N N 78 
VAL N   H2   sing N N 79 
VAL CA  C    sing N N 80 
VAL CA  CB   sing N N 81 
VAL CA  HA   sing N N 82 
VAL C   O    doub N N 83 
VAL C   OXT  sing N N 84 
VAL CB  CG1  sing N N 85 
VAL CB  CG2  sing N N 86 
VAL CB  HB   sing N N 87 
VAL CG1 HG11 sing N N 88 
VAL CG1 HG12 sing N N 89 
VAL CG1 HG13 sing N N 90 
VAL CG2 HG21 sing N N 91 
VAL CG2 HG22 sing N N 92 
VAL CG2 HG23 sing N N 93 
VAL OXT HXT  sing N N 94 
# 
_pdbx_audit_support.funding_organization   'Australian Research Council (ARC)' 
_pdbx_audit_support.country                Australia 
_pdbx_audit_support.grant_number           DP130101191 
_pdbx_audit_support.ordinal                1 
# 
loop_
_pdbx_nmr_spectrometer.spectrometer_id 
_pdbx_nmr_spectrometer.model 
_pdbx_nmr_spectrometer.type 
_pdbx_nmr_spectrometer.manufacturer 
_pdbx_nmr_spectrometer.field_strength 
_pdbx_nmr_spectrometer.details 
1 'AVANCE III' ? Bruker 600 ? 
2 'AVANCE III' ? Bruker 500 ? 
# 
_atom_sites.entry_id                    6AWK 
_atom_sites.fract_transf_matrix[1][1]   1.000000 
_atom_sites.fract_transf_matrix[1][2]   0.000000 
_atom_sites.fract_transf_matrix[1][3]   0.000000 
_atom_sites.fract_transf_matrix[2][1]   0.000000 
_atom_sites.fract_transf_matrix[2][2]   1.000000 
_atom_sites.fract_transf_matrix[2][3]   0.000000 
_atom_sites.fract_transf_matrix[3][1]   0.000000 
_atom_sites.fract_transf_matrix[3][2]   0.000000 
_atom_sites.fract_transf_matrix[3][3]   1.000000 
_atom_sites.fract_transf_vector[1]      0.00000 
_atom_sites.fract_transf_vector[2]      0.00000 
_atom_sites.fract_transf_vector[3]      0.00000 
# 
loop_
_atom_type.symbol 
C 
H 
N 
O 
# 
loop_
_atom_site.group_PDB 
_atom_site.id 
_atom_site.type_symbol 
_atom_site.label_atom_id 
_atom_site.label_alt_id 
_atom_site.label_comp_id 
_atom_site.label_asym_id 
_atom_site.label_entity_id 
_atom_site.label_seq_id 
_atom_site.pdbx_PDB_ins_code 
_atom_site.Cartn_x 
_atom_site.Cartn_y 
_atom_site.Cartn_z 
_atom_site.occupancy 
_atom_site.B_iso_or_equiv 
_atom_site.pdbx_formal_charge 
_atom_site.auth_seq_id 
_atom_site.auth_comp_id 
_atom_site.auth_asym_id 
_atom_site.auth_atom_id 
_atom_site.pdbx_PDB_model_num 
ATOM 1    N N    . PHE A 1 1 ? 2.204  3.091  -1.020 1.00 0.00 ? 1 PHE A N    1  
ATOM 2    C CA   . PHE A 1 1 ? 2.812  3.197  0.313  1.00 0.00 ? 1 PHE A CA   1  
ATOM 3    C C    . PHE A 1 1 ? 2.788  1.788  0.923  1.00 0.00 ? 1 PHE A C    1  
ATOM 4    O O    . PHE A 1 1 ? 1.830  1.037  0.669  1.00 0.00 ? 1 PHE A O    1  
ATOM 5    C CB   . PHE A 1 1 ? 1.999  4.161  1.192  1.00 0.00 ? 1 PHE A CB   1  
ATOM 6    C CG   . PHE A 1 1 ? 2.689  4.547  2.512  1.00 0.00 ? 1 PHE A CG   1  
ATOM 7    C CD1  . PHE A 1 1 ? 2.356  3.905  3.718  1.00 0.00 ? 1 PHE A CD1  1  
ATOM 8    C CD2  . PHE A 1 1 ? 3.656  5.556  2.508  1.00 0.00 ? 1 PHE A CD2  1  
ATOM 9    C CE1  . PHE A 1 1 ? 2.985  4.210  4.913  1.00 0.00 ? 1 PHE A CE1  1  
ATOM 10   C CE2  . PHE A 1 1 ? 4.270  5.947  3.702  1.00 0.00 ? 1 PHE A CE2  1  
ATOM 11   C CZ   . PHE A 1 1 ? 3.950  5.255  4.930  1.00 0.00 ? 1 PHE A CZ   1  
ATOM 12   H H1   . PHE A 1 1 ? 1.417  2.497  -1.110 1.00 0.00 ? 1 PHE A H1   1  
ATOM 13   H HA   . PHE A 1 1 ? 3.841  3.550  0.239  1.00 0.00 ? 1 PHE A HA   1  
ATOM 14   H HB2  . PHE A 1 1 ? 1.778  5.080  0.625  1.00 0.00 ? 1 PHE A HB2  1  
ATOM 15   H HB3  . PHE A 1 1 ? 1.062  3.666  1.446  1.00 0.00 ? 1 PHE A HB3  1  
ATOM 16   H HD1  . PHE A 1 1 ? 1.588  3.128  3.742  1.00 0.00 ? 1 PHE A HD1  1  
ATOM 17   H HD2  . PHE A 1 1 ? 3.939  6.046  1.599  1.00 0.00 ? 1 PHE A HD2  1  
ATOM 18   H HE1  . PHE A 1 1 ? 2.762  3.683  5.829  1.00 0.00 ? 1 PHE A HE1  1  
ATOM 19   H HE2  . PHE A 1 1 ? 4.959  6.744  3.689  1.00 0.00 ? 1 PHE A HE2  1  
ATOM 20   H HZ   . PHE A 1 1 ? 4.458  5.546  5.838  1.00 0.00 ? 1 PHE A HZ   1  
ATOM 21   N N    . VAL A 1 2 ? 3.782  1.412  1.731  1.00 0.00 ? 2 VAL A N    1  
ATOM 22   C CA   . VAL A 1 2 ? 3.830  0.038  2.276  1.00 0.00 ? 2 VAL A CA   1  
ATOM 23   C C    . VAL A 1 2 ? 2.903  -0.045 3.522  1.00 0.00 ? 2 VAL A C    1  
ATOM 24   O O    . VAL A 1 2 ? 3.027  0.766  4.471  1.00 0.00 ? 2 VAL A O    1  
ATOM 25   C CB   . VAL A 1 2 ? 5.275  -0.354 2.685  1.00 0.00 ? 2 VAL A CB   1  
ATOM 26   C CG1  . VAL A 1 2 ? 5.340  -1.788 3.235  1.00 0.00 ? 2 VAL A CG1  1  
ATOM 27   C CG2  . VAL A 1 2 ? 6.194  -0.223 1.460  1.00 0.00 ? 2 VAL A CG2  1  
ATOM 28   H H    . VAL A 1 2 ? 4.519  2.039  1.976  1.00 0.00 ? 2 VAL A H    1  
ATOM 29   H HA   . VAL A 1 2 ? 3.470  -0.658 1.507  1.00 0.00 ? 2 VAL A HA   1  
ATOM 30   H HB   . VAL A 1 2 ? 5.626  0.333  3.450  1.00 0.00 ? 2 VAL A HB   1  
ATOM 31   H HG11 . VAL A 1 2 ? 4.957  -2.511 2.485  1.00 0.00 ? 2 VAL A HG11 1  
ATOM 32   H HG12 . VAL A 1 2 ? 4.773  -1.840 4.165  1.00 0.00 ? 2 VAL A HG12 1  
ATOM 33   H HG13 . VAL A 1 2 ? 6.372  -2.035 3.458  1.00 0.00 ? 2 VAL A HG13 1  
ATOM 34   H HG21 . VAL A 1 2 ? 6.027  0.734  0.977  1.00 0.00 ? 2 VAL A HG21 1  
ATOM 35   H HG22 . VAL A 1 2 ? 6.014  -1.048 0.759  1.00 0.00 ? 2 VAL A HG22 1  
ATOM 36   H HG23 . VAL A 1 2 ? 7.222  -0.235 1.804  1.00 0.00 ? 2 VAL A HG23 1  
ATOM 37   N N    . GLY A 1 3 ? 1.969  -1.024 3.473  1.00 0.00 ? 3 GLY A N    1  
ATOM 38   C CA   . GLY A 1 3 ? 1.051  -1.197 4.583  1.00 0.00 ? 3 GLY A CA   1  
ATOM 39   C C    . GLY A 1 3 ? -0.416 -1.229 4.144  1.00 0.00 ? 3 GLY A C    1  
ATOM 40   O O    . GLY A 1 3 ? -1.286 -0.852 4.944  1.00 0.00 ? 3 GLY A O    1  
ATOM 41   H H    . GLY A 1 3 ? 1.901  -1.634 2.682  1.00 0.00 ? 3 GLY A H    1  
ATOM 42   H HA2  . GLY A 1 3 ? 1.235  -2.138 5.102  1.00 0.00 ? 3 GLY A HA2  1  
ATOM 43   H HA3  . GLY A 1 3 ? 1.225  -0.371 5.297  1.00 0.00 ? 3 GLY A HA3  1  
ATOM 44   N N    . GLY A 1 4 ? -0.742 -1.623 2.933  1.00 0.00 ? 4 GLY A N    1  
ATOM 45   C CA   . GLY A 1 4 ? -2.123 -1.565 2.510  1.00 0.00 ? 4 GLY A CA   1  
ATOM 46   C C    . GLY A 1 4 ? -2.416 -2.291 1.205  1.00 0.00 ? 4 GLY A C    1  
ATOM 47   O O    . GLY A 1 4 ? -1.494 -2.848 0.586  1.00 0.00 ? 4 GLY A O    1  
ATOM 48   H H    . GLY A 1 4 ? -0.077 -1.972 2.275  1.00 0.00 ? 4 GLY A H    1  
ATOM 49   H HA2  . GLY A 1 4 ? -2.747 -2.021 3.285  1.00 0.00 ? 4 GLY A HA2  1  
ATOM 50   H HA3  . GLY A 1 4 ? -2.385 -0.505 2.427  1.00 0.00 ? 4 GLY A HA3  1  
ATOM 51   N N    . THR A 1 5 ? -3.668 -2.312 0.808  1.00 0.00 ? 5 THR A N    1  
ATOM 52   C CA   . THR A 1 5 ? -4.083 -3.029 -0.374 1.00 0.00 ? 5 THR A CA   1  
ATOM 53   C C    . THR A 1 5 ? -3.702 -2.197 -1.602 1.00 0.00 ? 5 THR A C    1  
ATOM 54   O O    . THR A 1 5 ? -4.268 -1.126 -1.818 1.00 0.00 ? 5 THR A O    1  
ATOM 55   C CB   . THR A 1 5 ? -5.610 -3.290 -0.336 1.00 0.00 ? 5 THR A CB   1  
ATOM 56   O OG1  . THR A 1 5 ? -5.926 -3.989 0.895  1.00 0.00 ? 5 THR A OG1  1  
ATOM 57   C CG2  . THR A 1 5 ? -6.074 -4.175 -1.473 1.00 0.00 ? 5 THR A CG2  1  
ATOM 58   H H    . THR A 1 5 ? -4.377 -1.816 1.355  1.00 0.00 ? 5 THR A H    1  
ATOM 59   H HA   . THR A 1 5 ? -3.557 -3.981 -0.409 1.00 0.00 ? 5 THR A HA   1  
ATOM 60   H HB   . THR A 1 5 ? -6.147 -2.335 -0.370 1.00 0.00 ? 5 THR A HB   1  
ATOM 61   H HG1  . THR A 1 5 ? -6.457 -3.427 1.468  1.00 0.00 ? 5 THR A HG1  1  
ATOM 62   H HG21 . THR A 1 5 ? -5.610 -5.164 -1.381 1.00 0.00 ? 5 THR A HG21 1  
ATOM 63   H HG22 . THR A 1 5 ? -5.792 -3.720 -2.431 1.00 0.00 ? 5 THR A HG22 1  
ATOM 64   H HG23 . THR A 1 5 ? -7.161 -4.300 -1.405 1.00 0.00 ? 5 THR A HG23 1  
ATOM 65   N N    . SER A 1 6 ? -2.754 -2.708 -2.378 1.00 0.00 ? 6 SER A N    1  
ATOM 66   C CA   . SER A 1 6 ? -2.329 -2.103 -3.647 1.00 0.00 ? 6 SER A CA   1  
ATOM 67   C C    . SER A 1 6 ? -2.136 -0.576 -3.652 1.00 0.00 ? 6 SER A C    1  
ATOM 68   O O    . SER A 1 6 ? -2.527 0.096  -4.604 1.00 0.00 ? 6 SER A O    1  
ATOM 69   C CB   . SER A 1 6 ? -3.314 -2.475 -4.773 1.00 0.00 ? 6 SER A CB   1  
ATOM 70   O OG   . SER A 1 6 ? -4.644 -2.129 -4.435 1.00 0.00 ? 6 SER A OG   1  
ATOM 71   H H    . SER A 1 6 ? -2.276 -3.578 -2.069 1.00 0.00 ? 6 SER A H    1  
ATOM 72   H HA   . SER A 1 6 ? -1.363 -2.554 -3.893 1.00 0.00 ? 6 SER A HA   1  
ATOM 73   H HB2  . SER A 1 6 ? -3.017 -1.948 -5.681 1.00 0.00 ? 6 SER A HB2  1  
ATOM 74   H HB3  . SER A 1 6 ? -3.291 -3.550 -4.946 1.00 0.00 ? 6 SER A HB3  1  
ATOM 75   H HG   . SER A 1 6 ? -4.677 -1.203 -4.244 1.00 0.00 ? 6 SER A HG   1  
ATOM 76   N N    . PHE A 1 7 ? -1.537 -0.025 -2.593 1.00 0.00 ? 7 PHE A N    1  
ATOM 77   C CA   . PHE A 1 7 ? -1.265 1.438  -2.534 1.00 0.00 ? 7 PHE A CA   1  
ATOM 78   C C    . PHE A 1 7 ? 0.202  1.671  -2.840 1.00 0.00 ? 7 PHE A C    1  
ATOM 79   O O    . PHE A 1 7 ? 0.969  0.732  -2.820 1.00 0.00 ? 7 PHE A O    1  
ATOM 80   C CB   . PHE A 1 7 ? -1.579 2.072  -1.172 1.00 0.00 ? 7 PHE A CB   1  
ATOM 81   C CG   . PHE A 1 7 ? -2.998 1.868  -0.724 1.00 0.00 ? 7 PHE A CG   1  
ATOM 82   C CD1  . PHE A 1 7 ? -4.078 2.090  -1.595 1.00 0.00 ? 7 PHE A CD1  1  
ATOM 83   C CD2  . PHE A 1 7 ? -3.239 1.444  0.613  1.00 0.00 ? 7 PHE A CD2  1  
ATOM 84   C CE1  . PHE A 1 7 ? -5.398 1.875  -1.154 1.00 0.00 ? 7 PHE A CE1  1  
ATOM 85   C CE2  . PHE A 1 7 ? -4.584 1.201  1.077  1.00 0.00 ? 7 PHE A CE2  1  
ATOM 86   C CZ   . PHE A 1 7 ? -5.646 1.417  0.203  1.00 0.00 ? 7 PHE A CZ   1  
ATOM 87   H H    . PHE A 1 7 ? -1.222 -0.618 -1.811 1.00 0.00 ? 7 PHE A H    1  
ATOM 88   H HA   . PHE A 1 7 ? -1.878 1.938  -3.264 1.00 0.00 ? 7 PHE A HA   1  
ATOM 89   H HB2  . PHE A 1 7 ? -0.916 1.640  -0.414 1.00 0.00 ? 7 PHE A HB2  1  
ATOM 90   H HB3  . PHE A 1 7 ? -1.384 3.147  -1.230 1.00 0.00 ? 7 PHE A HB3  1  
ATOM 91   H HD1  . PHE A 1 7 ? -3.888 2.419  -2.628 1.00 0.00 ? 7 PHE A HD1  1  
ATOM 92   H HD2  . PHE A 1 7 ? -2.411 1.275  1.300  1.00 0.00 ? 7 PHE A HD2  1  
ATOM 93   H HE1  . PHE A 1 7 ? -6.222 2.059  -1.817 1.00 0.00 ? 7 PHE A HE1  1  
ATOM 94   H HE2  . PHE A 1 7 ? -4.759 0.826  2.088  1.00 0.00 ? 7 PHE A HE2  1  
ATOM 95   H HZ   . PHE A 1 7 ? -6.682 1.268  0.514  1.00 0.00 ? 7 PHE A HZ   1  
ATOM 96   N N    . ASP A 1 8 ? 0.556  2.943  -3.078 1.00 0.00 ? 8 ASP A N    1  
ATOM 97   C CA   . ASP A 1 8 ? 1.923  3.372  -3.390 1.00 0.00 ? 8 ASP A CA   1  
ATOM 98   C C    . ASP A 1 8 ? 2.684  3.691  -2.098 1.00 0.00 ? 8 ASP A C    1  
ATOM 99   O O    . ASP A 1 8 ? 3.671  4.431  -2.054 1.00 0.00 ? 8 ASP A O    1  
ATOM 100  C CB   . ASP A 1 8 ? 1.901  4.605  -4.320 1.00 0.00 ? 8 ASP A CB   1  
ATOM 101  C CG   . ASP A 1 8 ? 1.365  4.266  -5.729 1.00 0.00 ? 8 ASP A CG   1  
ATOM 102  O OD1  . ASP A 1 8 ? 0.480  5.010  -6.223 1.00 0.00 ? 8 ASP A OD1  1  
ATOM 103  O OD2  . ASP A 1 8 ? 1.839  3.255  -6.317 1.00 0.00 ? 8 ASP A OD2  1  
ATOM 104  H H    . ASP A 1 8 ? -0.144 3.658  -3.049 1.00 0.00 ? 8 ASP A H    1  
ATOM 105  H HA   . ASP A 1 8 ? 2.426  2.553  -3.911 1.00 0.00 ? 8 ASP A HA   1  
ATOM 106  H HB2  . ASP A 1 8 ? 1.279  5.380  -3.870 1.00 0.00 ? 8 ASP A HB2  1  
ATOM 107  H HB3  . ASP A 1 8 ? 2.897  5.035  -4.408 1.00 0.00 ? 8 ASP A HB3  1  
ATOM 108  N N    . PHE A 1 1 ? 2.414  2.967  -1.053 1.00 0.00 ? 1 PHE A N    2  
ATOM 109  C CA   . PHE A 1 1 ? 3.186  2.957  0.170  1.00 0.00 ? 1 PHE A CA   2  
ATOM 110  C C    . PHE A 1 1 ? 2.919  1.628  0.889  1.00 0.00 ? 1 PHE A C    2  
ATOM 111  O O    . PHE A 1 1 ? 1.899  0.946  0.628  1.00 0.00 ? 1 PHE A O    2  
ATOM 112  C CB   . PHE A 1 1 ? 2.872  4.183  1.028  1.00 0.00 ? 1 PHE A CB   2  
ATOM 113  C CG   . PHE A 1 1 ? 3.774  4.282  2.233  1.00 0.00 ? 1 PHE A CG   2  
ATOM 114  C CD1  . PHE A 1 1 ? 5.156  4.346  2.064  1.00 0.00 ? 1 PHE A CD1  2  
ATOM 115  C CD2  . PHE A 1 1 ? 3.232  4.263  3.555  1.00 0.00 ? 1 PHE A CD2  2  
ATOM 116  C CE1  . PHE A 1 1 ? 6.010  4.382  3.205  1.00 0.00 ? 1 PHE A CE1  2  
ATOM 117  C CE2  . PHE A 1 1 ? 4.102  4.332  4.679  1.00 0.00 ? 1 PHE A CE2  2  
ATOM 118  C CZ   . PHE A 1 1 ? 5.455  4.385  4.528  1.00 0.00 ? 1 PHE A CZ   2  
ATOM 119  H H1   . PHE A 1 1 ? 1.465  2.665  -1.024 1.00 0.00 ? 1 PHE A H1   2  
ATOM 120  H HA   . PHE A 1 1 ? 4.238  2.997  -0.096 1.00 0.00 ? 1 PHE A HA   2  
ATOM 121  H HB2  . PHE A 1 1 ? 2.994  5.076  0.407  1.00 0.00 ? 1 PHE A HB2  2  
ATOM 122  H HB3  . PHE A 1 1 ? 1.834  4.133  1.365  1.00 0.00 ? 1 PHE A HB3  2  
ATOM 123  H HD1  . PHE A 1 1 ? 5.599  4.374  1.081  1.00 0.00 ? 1 PHE A HD1  2  
ATOM 124  H HD2  . PHE A 1 1 ? 2.169  4.183  3.731  1.00 0.00 ? 1 PHE A HD2  2  
ATOM 125  H HE1  . PHE A 1 1 ? 7.083  4.441  3.071  1.00 0.00 ? 1 PHE A HE1  2  
ATOM 126  H HE2  . PHE A 1 1 ? 3.633  4.321  5.669  1.00 0.00 ? 1 PHE A HE2  2  
ATOM 127  H HZ   . PHE A 1 1 ? 6.118  4.427  5.394  1.00 0.00 ? 1 PHE A HZ   2  
ATOM 128  N N    . VAL A 1 2 ? 3.809  1.261  1.812  1.00 0.00 ? 2 VAL A N    2  
ATOM 129  C CA   . VAL A 1 2 ? 3.650  0.005  2.570  1.00 0.00 ? 2 VAL A CA   2  
ATOM 130  C C    . VAL A 1 2 ? 2.676  0.213  3.702  1.00 0.00 ? 2 VAL A C    2  
ATOM 131  O O    . VAL A 1 2 ? 2.777  1.175  4.433  1.00 0.00 ? 2 VAL A O    2  
ATOM 132  C CB   . VAL A 1 2 ? 5.046  -0.451 3.162  1.00 0.00 ? 2 VAL A CB   2  
ATOM 133  C CG1  . VAL A 1 2 ? 4.888  -1.677 4.041  1.00 0.00 ? 2 VAL A CG1  2  
ATOM 134  C CG2  . VAL A 1 2 ? 6.040  -0.702 2.035  1.00 0.00 ? 2 VAL A CG2  2  
ATOM 135  H H    . VAL A 1 2 ? 4.582  1.813  2.003  1.00 0.00 ? 2 VAL A H    2  
ATOM 136  H HA   . VAL A 1 2 ? 3.268  -0.781 1.926  1.00 0.00 ? 2 VAL A HA   2  
ATOM 137  H HB   . VAL A 1 2 ? 5.431  0.368  3.777  1.00 0.00 ? 2 VAL A HB   2  
ATOM 138  H HG11 . VAL A 1 2 ? 5.870  -2.038 4.360  1.00 0.00 ? 2 VAL A HG11 2  
ATOM 139  H HG12 . VAL A 1 2 ? 4.379  -2.469 3.485  1.00 0.00 ? 2 VAL A HG12 2  
ATOM 140  H HG13 . VAL A 1 2 ? 4.317  -1.402 4.920  1.00 0.00 ? 2 VAL A HG13 2  
ATOM 141  H HG21 . VAL A 1 2 ? 5.558  -1.236 1.205  1.00 0.00 ? 2 VAL A HG21 2  
ATOM 142  H HG22 . VAL A 1 2 ? 6.893  -1.298 2.383  1.00 0.00 ? 2 VAL A HG22 2  
ATOM 143  H HG23 . VAL A 1 2 ? 6.425  0.244  1.658  1.00 0.00 ? 2 VAL A HG23 2  
ATOM 144  N N    . GLY A 1 3 ? 1.719  -0.707 3.814  1.00 0.00 ? 3 GLY A N    2  
ATOM 145  C CA   . GLY A 1 3 ? 0.704  -0.657 4.893  1.00 0.00 ? 3 GLY A CA   2  
ATOM 146  C C    . GLY A 1 3 ? -0.710 -0.876 4.414  1.00 0.00 ? 3 GLY A C    2  
ATOM 147  O O    . GLY A 1 3 ? -1.665 -0.430 5.071  1.00 0.00 ? 3 GLY A O    2  
ATOM 148  H H    . GLY A 1 3 ? 1.715  -1.506 3.160  1.00 0.00 ? 3 GLY A H    2  
ATOM 149  H HA2  . GLY A 1 3 ? 0.928  -1.433 5.643  1.00 0.00 ? 3 GLY A HA2  2  
ATOM 150  H HA3  . GLY A 1 3 ? 0.759  0.311  5.375  1.00 0.00 ? 3 GLY A HA3  2  
ATOM 151  N N    . GLY A 1 4 ? -0.874 -1.577 3.285  1.00 0.00 ? 4 GLY A N    2  
ATOM 152  C CA   . GLY A 1 4 ? -2.198 -1.854 2.736  1.00 0.00 ? 4 GLY A CA   2  
ATOM 153  C C    . GLY A 1 4 ? -2.000 -2.715 1.529  1.00 0.00 ? 4 GLY A C    2  
ATOM 154  O O    . GLY A 1 4 ? -0.903 -3.265 1.310  1.00 0.00 ? 4 GLY A O    2  
ATOM 155  H H    . GLY A 1 4 ? -0.105 -1.961 2.798  1.00 0.00 ? 4 GLY A H    2  
ATOM 156  H HA2  . GLY A 1 4 ? -2.785 -2.396 3.444  1.00 0.00 ? 4 GLY A HA2  2  
ATOM 157  H HA3  . GLY A 1 4 ? -2.683 -0.933 2.448  1.00 0.00 ? 4 GLY A HA3  2  
ATOM 158  N N    . THR A 1 5 ? -3.053 -2.830 0.735  1.00 0.00 ? 5 THR A N    2  
ATOM 159  C CA   . THR A 1 5 ? -3.033 -3.581 -0.534 1.00 0.00 ? 5 THR A CA   2  
ATOM 160  C C    . THR A 1 5 ? -3.370 -2.568 -1.591 1.00 0.00 ? 5 THR A C    2  
ATOM 161  O O    . THR A 1 5 ? -4.175 -1.683 -1.352 1.00 0.00 ? 5 THR A O    2  
ATOM 162  C CB   . THR A 1 5 ? -4.036 -4.777 -0.605 1.00 0.00 ? 5 THR A CB   2  
ATOM 163  O OG1  . THR A 1 5 ? -5.251 -4.402 0.037  1.00 0.00 ? 5 THR A OG1  2  
ATOM 164  C CG2  . THR A 1 5 ? -3.483 -5.955 0.058  1.00 0.00 ? 5 THR A CG2  2  
ATOM 165  H H    . THR A 1 5 ? -3.912 -2.405 0.988  1.00 0.00 ? 5 THR A H    2  
ATOM 166  H HA   . THR A 1 5 ? -2.032 -3.948 -0.702 1.00 0.00 ? 5 THR A HA   2  
ATOM 167  H HB   . THR A 1 5 ? -4.227 -5.032 -1.645 1.00 0.00 ? 5 THR A HB   2  
ATOM 168  H HG1  . THR A 1 5 ? -5.952 -4.974 -0.299 1.00 0.00 ? 5 THR A HG1  2  
ATOM 169  H HG21 . THR A 1 5 ? -2.482 -6.169 -0.301 1.00 0.00 ? 5 THR A HG21 2  
ATOM 170  H HG22 . THR A 1 5 ? -4.107 -6.820 -0.135 1.00 0.00 ? 5 THR A HG22 2  
ATOM 171  H HG23 . THR A 1 5 ? -3.436 -5.776 1.152  1.00 0.00 ? 5 THR A HG23 2  
ATOM 172  N N    . SER A 1 6 ? -2.692 -2.676 -2.726 1.00 0.00 ? 6 SER A N    2  
ATOM 173  C CA   . SER A 1 6 ? -2.885 -1.744 -3.879 1.00 0.00 ? 6 SER A CA   2  
ATOM 174  C C    . SER A 1 6 ? -2.690 -0.255 -3.533 1.00 0.00 ? 6 SER A C    2  
ATOM 175  O O    . SER A 1 6 ? -3.517 0.586  -3.903 1.00 0.00 ? 6 SER A O    2  
ATOM 176  C CB   . SER A 1 6 ? -4.266 -1.970 -4.507 1.00 0.00 ? 6 SER A CB   2  
ATOM 177  O OG   . SER A 1 6 ? -4.443 -3.363 -4.694 1.00 0.00 ? 6 SER A OG   2  
ATOM 178  H H    . SER A 1 6 ? -2.006 -3.397 -2.818 1.00 0.00 ? 6 SER A H    2  
ATOM 179  H HA   . SER A 1 6 ? -2.133 -1.999 -4.616 1.00 0.00 ? 6 SER A HA   2  
ATOM 180  H HB2  . SER A 1 6 ? -5.056 -1.584 -3.867 1.00 0.00 ? 6 SER A HB2  2  
ATOM 181  H HB3  . SER A 1 6 ? -4.292 -1.497 -5.486 1.00 0.00 ? 6 SER A HB3  2  
ATOM 182  H HG   . SER A 1 6 ? -5.233 -3.504 -5.225 1.00 0.00 ? 6 SER A HG   2  
ATOM 183  N N    . PHE A 1 7 ? -1.615 0.069  -2.802 1.00 0.00 ? 7 PHE A N    2  
ATOM 184  C CA   . PHE A 1 7 ? -1.262 1.458  -2.500 1.00 0.00 ? 7 PHE A CA   2  
ATOM 185  C C    . PHE A 1 7 ? 0.153  1.687  -3.028 1.00 0.00 ? 7 PHE A C    2  
ATOM 186  O O    . PHE A 1 7 ? 0.833  0.738  -3.399 1.00 0.00 ? 7 PHE A O    2  
ATOM 187  C CB   . PHE A 1 7 ? -1.265 1.706  -0.969 1.00 0.00 ? 7 PHE A CB   2  
ATOM 188  C CG   . PHE A 1 7 ? -2.616 1.807  -0.376 1.00 0.00 ? 7 PHE A CG   2  
ATOM 189  C CD1  . PHE A 1 7 ? -3.172 0.726  0.270  1.00 0.00 ? 7 PHE A CD1  2  
ATOM 190  C CD2  . PHE A 1 7 ? -3.340 3.000  -0.487 1.00 0.00 ? 7 PHE A CD2  2  
ATOM 191  C CE1  . PHE A 1 7 ? -4.484 0.810  0.874  1.00 0.00 ? 7 PHE A CE1  2  
ATOM 192  C CE2  . PHE A 1 7 ? -4.625 3.122  0.070  1.00 0.00 ? 7 PHE A CE2  2  
ATOM 193  C CZ   . PHE A 1 7 ? -5.207 2.027  0.771  1.00 0.00 ? 7 PHE A CZ   2  
ATOM 194  H H    . PHE A 1 7 ? -0.984 -0.649 -2.492 1.00 0.00 ? 7 PHE A H    2  
ATOM 195  H HA   . PHE A 1 7 ? -1.952 2.147  -2.976 1.00 0.00 ? 7 PHE A HA   2  
ATOM 196  H HB2  . PHE A 1 7 ? -0.712 0.891  -0.466 1.00 0.00 ? 7 PHE A HB2  2  
ATOM 197  H HB3  . PHE A 1 7 ? -0.744 2.645  -0.781 1.00 0.00 ? 7 PHE A HB3  2  
ATOM 198  H HD1  . PHE A 1 7 ? -2.627 -0.227 0.309  1.00 0.00 ? 7 PHE A HD1  2  
ATOM 199  H HD2  . PHE A 1 7 ? -2.928 3.856  -0.982 1.00 0.00 ? 7 PHE A HD2  2  
ATOM 200  H HE1  . PHE A 1 7 ? -4.899 -0.039 1.389  1.00 0.00 ? 7 PHE A HE1  2  
ATOM 201  H HE2  . PHE A 1 7 ? -5.137 4.054  -0.039 1.00 0.00 ? 7 PHE A HE2  2  
ATOM 202  H HZ   . PHE A 1 7 ? -6.203 2.091  1.203  1.00 0.00 ? 7 PHE A HZ   2  
ATOM 203  N N    . ASP A 1 8 ? 0.603  2.939  -3.021 1.00 0.00 ? 8 ASP A N    2  
ATOM 204  C CA   . ASP A 1 8 ? 1.995  3.325  -3.418 1.00 0.00 ? 8 ASP A CA   2  
ATOM 205  C C    . ASP A 1 8 ? 2.935  3.337  -2.213 1.00 0.00 ? 8 ASP A C    2  
ATOM 206  O O    . ASP A 1 8 ? 4.123  3.643  -2.368 1.00 0.00 ? 8 ASP A O    2  
ATOM 207  C CB   . ASP A 1 8 ? 1.985  4.701  -4.064 1.00 0.00 ? 8 ASP A CB   2  
ATOM 208  C CG   . ASP A 1 8 ? 1.433  4.660  -5.481 1.00 0.00 ? 8 ASP A CG   2  
ATOM 209  O OD1  . ASP A 1 8 ? 1.840  3.737  -6.268 1.00 0.00 ? 8 ASP A OD1  2  
ATOM 210  O OD2  . ASP A 1 8 ? 0.592  5.564  -5.785 1.00 0.00 ? 8 ASP A OD2  2  
ATOM 211  H H    . ASP A 1 8 ? -0.029 3.697  -2.765 1.00 0.00 ? 8 ASP A H    2  
ATOM 212  H HA   . ASP A 1 8 ? 2.395  2.592  -4.128 1.00 0.00 ? 8 ASP A HA   2  
ATOM 213  H HB2  . ASP A 1 8 ? 1.381  5.395  -3.472 1.00 0.00 ? 8 ASP A HB2  2  
ATOM 214  H HB3  . ASP A 1 8 ? 3.016  5.079  -4.109 1.00 0.00 ? 8 ASP A HB3  2  
ATOM 215  N N    . PHE A 1 1 ? 2.429  2.753  -1.278 1.00 0.00 ? 1 PHE A N    3  
ATOM 216  C CA   . PHE A 1 1 ? 2.781  3.205  0.044  1.00 0.00 ? 1 PHE A CA   3  
ATOM 217  C C    . PHE A 1 1 ? 2.779  1.936  0.913  1.00 0.00 ? 1 PHE A C    3  
ATOM 218  O O    . PHE A 1 1 ? 2.263  0.893  0.511  1.00 0.00 ? 1 PHE A O    3  
ATOM 219  C CB   . PHE A 1 1 ? 1.732  4.178  0.617  1.00 0.00 ? 1 PHE A CB   3  
ATOM 220  C CG   . PHE A 1 1 ? 2.200  4.938  1.829  1.00 0.00 ? 1 PHE A CG   3  
ATOM 221  C CD1  . PHE A 1 1 ? 1.680  4.684  3.124  1.00 0.00 ? 1 PHE A CD1  3  
ATOM 222  C CD2  . PHE A 1 1 ? 3.158  5.923  1.702  1.00 0.00 ? 1 PHE A CD2  3  
ATOM 223  C CE1  . PHE A 1 1 ? 2.123  5.423  4.241  1.00 0.00 ? 1 PHE A CE1  3  
ATOM 224  C CE2  . PHE A 1 1 ? 3.627  6.652  2.848  1.00 0.00 ? 1 PHE A CE2  3  
ATOM 225  C CZ   . PHE A 1 1 ? 3.089  6.410  4.107  1.00 0.00 ? 1 PHE A CZ   3  
ATOM 226  H H1   . PHE A 1 1 ? 1.934  1.878  -1.354 1.00 0.00 ? 1 PHE A H1   3  
ATOM 227  H HA   . PHE A 1 1 ? 3.761  3.680  0.029  1.00 0.00 ? 1 PHE A HA   3  
ATOM 228  H HB2  . PHE A 1 1 ? 1.481  4.878  -0.161 1.00 0.00 ? 1 PHE A HB2  3  
ATOM 229  H HB3  . PHE A 1 1 ? 0.834  3.610  0.883  1.00 0.00 ? 1 PHE A HB3  3  
ATOM 230  H HD1  . PHE A 1 1 ? 0.930  3.905  3.266  1.00 0.00 ? 1 PHE A HD1  3  
ATOM 231  H HD2  . PHE A 1 1 ? 3.562  6.139  0.722  1.00 0.00 ? 1 PHE A HD2  3  
ATOM 232  H HE1  . PHE A 1 1 ? 1.693  5.237  5.204  1.00 0.00 ? 1 PHE A HE1  3  
ATOM 233  H HE2  . PHE A 1 1 ? 4.398  7.411  2.721  1.00 0.00 ? 1 PHE A HE2  3  
ATOM 234  H HZ   . PHE A 1 1 ? 3.424  6.946  4.978  1.00 0.00 ? 1 PHE A HZ   3  
ATOM 235  N N    . VAL A 1 2 ? 3.368  2.022  2.087  1.00 0.00 ? 2 VAL A N    3  
ATOM 236  C CA   . VAL A 1 2 ? 3.403  0.878  3.008  1.00 0.00 ? 2 VAL A CA   3  
ATOM 237  C C    . VAL A 1 2 ? 2.018  0.515  3.526  1.00 0.00 ? 2 VAL A C    3  
ATOM 238  O O    . VAL A 1 2 ? 1.160  1.404  3.725  1.00 0.00 ? 2 VAL A O    3  
ATOM 239  C CB   . VAL A 1 2 ? 4.418  1.128  4.236  1.00 0.00 ? 2 VAL A CB   3  
ATOM 240  C CG1  . VAL A 1 2 ? 5.870  1.197  3.681  1.00 0.00 ? 2 VAL A CG1  3  
ATOM 241  C CG2  . VAL A 1 2 ? 4.125  2.464  4.963  1.00 0.00 ? 2 VAL A CG2  3  
ATOM 242  H H    . VAL A 1 2 ? 3.779  2.911  2.390  1.00 0.00 ? 2 VAL A H    3  
ATOM 243  H HA   . VAL A 1 2 ? 3.755  0.023  2.437  1.00 0.00 ? 2 VAL A HA   3  
ATOM 244  H HB   . VAL A 1 2 ? 4.349  0.303  4.955  1.00 0.00 ? 2 VAL A HB   3  
ATOM 245  H HG11 . VAL A 1 2 ? 6.580  1.068  4.497  1.00 0.00 ? 2 VAL A HG11 3  
ATOM 246  H HG12 . VAL A 1 2 ? 6.052  2.157  3.172  1.00 0.00 ? 2 VAL A HG12 3  
ATOM 247  H HG13 . VAL A 1 2 ? 6.049  0.386  2.959  1.00 0.00 ? 2 VAL A HG13 3  
ATOM 248  H HG21 . VAL A 1 2 ? 4.667  2.484  5.912  1.00 0.00 ? 2 VAL A HG21 3  
ATOM 249  H HG22 . VAL A 1 2 ? 3.062  2.530  5.174  1.00 0.00 ? 2 VAL A HG22 3  
ATOM 250  H HG23 . VAL A 1 2 ? 4.444  3.317  4.369  1.00 0.00 ? 2 VAL A HG23 3  
ATOM 251  N N    . GLY A 1 3 ? 1.784  -0.780 3.720  1.00 0.00 ? 3 GLY A N    3  
ATOM 252  C CA   . GLY A 1 3 ? 0.487  -1.260 4.182  1.00 0.00 ? 3 GLY A CA   3  
ATOM 253  C C    . GLY A 1 3 ? -0.039 -2.383 3.359  1.00 0.00 ? 3 GLY A C    3  
ATOM 254  O O    . GLY A 1 3 ? 0.647  -2.874 2.487  1.00 0.00 ? 3 GLY A O    3  
ATOM 255  H H    . GLY A 1 3 ? 2.511  -1.467 3.531  1.00 0.00 ? 3 GLY A H    3  
ATOM 256  H HA2  . GLY A 1 3 ? 0.543  -1.587 5.237  1.00 0.00 ? 3 GLY A HA2  3  
ATOM 257  H HA3  . GLY A 1 3 ? -0.224 -0.464 4.105  1.00 0.00 ? 3 GLY A HA3  3  
ATOM 258  N N    . GLY A 1 4 ? -1.249 -2.814 3.645  1.00 0.00 ? 4 GLY A N    3  
ATOM 259  C CA   . GLY A 1 4 ? -1.822 -3.983 2.964  1.00 0.00 ? 4 GLY A CA   3  
ATOM 260  C C    . GLY A 1 4 ? -2.684 -3.647 1.799  1.00 0.00 ? 4 GLY A C    3  
ATOM 261  O O    . GLY A 1 4 ? -3.496 -4.474 1.362  1.00 0.00 ? 4 GLY A O    3  
ATOM 262  H H    . GLY A 1 4 ? -1.767 -2.370 4.358  1.00 0.00 ? 4 GLY A H    3  
ATOM 263  H HA2  . GLY A 1 4 ? -1.008 -4.632 2.627  1.00 0.00 ? 4 GLY A HA2  3  
ATOM 264  H HA3  . GLY A 1 4 ? -2.447 -4.532 3.694  1.00 0.00 ? 4 GLY A HA3  3  
ATOM 265  N N    . THR A 1 5 ? -2.546 -2.422 1.309  1.00 0.00 ? 5 THR A N    3  
ATOM 266  C CA   . THR A 1 5 ? -3.375 -1.911 0.213  1.00 0.00 ? 5 THR A CA   3  
ATOM 267  C C    . THR A 1 5 ? -2.627 -1.955 -1.123 1.00 0.00 ? 5 THR A C    3  
ATOM 268  O O    . THR A 1 5 ? -1.421 -2.192 -1.160 1.00 0.00 ? 5 THR A O    3  
ATOM 269  C CB   . THR A 1 5 ? -3.834 -0.460 0.534  1.00 0.00 ? 5 THR A CB   3  
ATOM 270  O OG1  . THR A 1 5 ? -2.659 0.323  0.786  1.00 0.00 ? 5 THR A OG1  3  
ATOM 271  C CG2  . THR A 1 5 ? -4.701 -0.426 1.785  1.00 0.00 ? 5 THR A CG2  3  
ATOM 272  H H    . THR A 1 5 ? -1.841 -1.800 1.700  1.00 0.00 ? 5 THR A H    3  
ATOM 273  H HA   . THR A 1 5 ? -4.255 -2.557 0.120  1.00 0.00 ? 5 THR A HA   3  
ATOM 274  H HB   . THR A 1 5 ? -4.410 -0.060 -0.306 1.00 0.00 ? 5 THR A HB   3  
ATOM 275  H HG1  . THR A 1 5 ? -2.930 1.112  1.271  1.00 0.00 ? 5 THR A HG1  3  
ATOM 276  H HG21 . THR A 1 5 ? -5.417 -1.257 1.752  1.00 0.00 ? 5 THR A HG21 3  
ATOM 277  H HG22 . THR A 1 5 ? -5.253 0.510  1.820  1.00 0.00 ? 5 THR A HG22 3  
ATOM 278  H HG23 . THR A 1 5 ? -4.081 -0.513 2.674  1.00 0.00 ? 5 THR A HG23 3  
ATOM 279  N N    . SER A 1 6 ? -3.331 -1.721 -2.219 1.00 0.00 ? 6 SER A N    3  
ATOM 280  C CA   . SER A 1 6 ? -2.702 -1.727 -3.532 1.00 0.00 ? 6 SER A CA   3  
ATOM 281  C C    . SER A 1 6 ? -1.919 -0.462 -3.792 1.00 0.00 ? 6 SER A C    3  
ATOM 282  O O    . SER A 1 6 ? -1.220 -0.363 -4.775 1.00 0.00 ? 6 SER A O    3  
ATOM 283  C CB   . SER A 1 6 ? -3.828 -1.859 -4.560 1.00 0.00 ? 6 SER A CB   3  
ATOM 284  O OG   . SER A 1 6 ? -4.755 -0.778 -4.461 1.00 0.00 ? 6 SER A OG   3  
ATOM 285  H H    . SER A 1 6 ? -4.316 -1.523 -2.179 1.00 0.00 ? 6 SER A H    3  
ATOM 286  H HA   . SER A 1 6 ? -2.053 -2.577 -3.620 1.00 0.00 ? 6 SER A HA   3  
ATOM 287  H HB2  . SER A 1 6 ? -3.419 -1.901 -5.576 1.00 0.00 ? 6 SER A HB2  3  
ATOM 288  H HB3  . SER A 1 6 ? -4.354 -2.794 -4.346 1.00 0.00 ? 6 SER A HB3  3  
ATOM 289  H HG   . SER A 1 6 ? -4.547 -0.110 -5.127 1.00 0.00 ? 6 SER A HG   3  
ATOM 290  N N    . PHE A 1 7 ? -2.066 0.521  -2.902 1.00 0.00 ? 7 PHE A N    3  
ATOM 291  C CA   . PHE A 1 7 ? -1.392 1.830  -3.017 1.00 0.00 ? 7 PHE A CA   3  
ATOM 292  C C    . PHE A 1 7 ? 0.135  1.707  -2.968 1.00 0.00 ? 7 PHE A C    3  
ATOM 293  O O    . PHE A 1 7 ? 0.716  0.760  -2.405 1.00 0.00 ? 7 PHE A O    3  
ATOM 294  C CB   . PHE A 1 7 ? -1.818 2.726  -1.839 1.00 0.00 ? 7 PHE A CB   3  
ATOM 295  C CG   . PHE A 1 7 ? -3.158 3.369  -2.050 1.00 0.00 ? 7 PHE A CG   3  
ATOM 296  C CD1  . PHE A 1 7 ? -4.339 2.703  -1.729 1.00 0.00 ? 7 PHE A CD1  3  
ATOM 297  C CD2  . PHE A 1 7 ? -3.222 4.683  -2.576 1.00 0.00 ? 7 PHE A CD2  3  
ATOM 298  C CE1  . PHE A 1 7 ? -5.595 3.305  -1.909 1.00 0.00 ? 7 PHE A CE1  3  
ATOM 299  C CE2  . PHE A 1 7 ? -4.508 5.305  -2.788 1.00 0.00 ? 7 PHE A CE2  3  
ATOM 300  C CZ   . PHE A 1 7 ? -5.688 4.587  -2.435 1.00 0.00 ? 7 PHE A CZ   3  
ATOM 301  H H    . PHE A 1 7 ? -2.613 0.349  -2.083 1.00 0.00 ? 7 PHE A H    3  
ATOM 302  H HA   . PHE A 1 7 ? -1.638 2.308  -3.978 1.00 0.00 ? 7 PHE A HA   3  
ATOM 303  H HB2  . PHE A 1 7 ? -1.793 2.179  -0.892 1.00 0.00 ? 7 PHE A HB2  3  
ATOM 304  H HB3  . PHE A 1 7 ? -1.093 3.533  -1.759 1.00 0.00 ? 7 PHE A HB3  3  
ATOM 305  H HD1  . PHE A 1 7 ? -4.269 1.705  -1.336 1.00 0.00 ? 7 PHE A HD1  3  
ATOM 306  H HD2  . PHE A 1 7 ? -2.308 5.241  -2.832 1.00 0.00 ? 7 PHE A HD2  3  
ATOM 307  H HE1  . PHE A 1 7 ? -6.516 2.783  -1.664 1.00 0.00 ? 7 PHE A HE1  3  
ATOM 308  H HE2  . PHE A 1 7 ? -4.642 6.265  -3.209 1.00 0.00 ? 7 PHE A HE2  3  
ATOM 309  H HZ   . PHE A 1 7 ? -6.649 5.044  -2.546 1.00 0.00 ? 7 PHE A HZ   3  
ATOM 310  N N    . ASP A 1 8 ? 0.765  2.688  -3.601 1.00 0.00 ? 8 ASP A N    3  
ATOM 311  C CA   . ASP A 1 8 ? 2.212  2.731  -3.647 1.00 0.00 ? 8 ASP A CA   3  
ATOM 312  C C    . ASP A 1 8 ? 2.714  3.418  -2.383 1.00 0.00 ? 8 ASP A C    3  
ATOM 313  O O    . ASP A 1 8 ? 3.260  4.523  -2.419 1.00 0.00 ? 8 ASP A O    3  
ATOM 314  C CB   . ASP A 1 8 ? 2.667  3.447  -4.934 1.00 0.00 ? 8 ASP A CB   3  
ATOM 315  C CG   . ASP A 1 8 ? 2.267  2.666  -6.208 1.00 0.00 ? 8 ASP A CG   3  
ATOM 316  O OD1  . ASP A 1 8 ? 2.955  1.711  -6.588 1.00 0.00 ? 8 ASP A OD1  3  
ATOM 317  O OD2  . ASP A 1 8 ? 1.241  3.035  -6.820 1.00 0.00 ? 8 ASP A OD2  3  
ATOM 318  H H    . ASP A 1 8 ? 0.235  3.428  -4.080 1.00 0.00 ? 8 ASP A H    3  
ATOM 319  H HA   . ASP A 1 8 ? 2.587  1.707  -3.657 1.00 0.00 ? 8 ASP A HA   3  
ATOM 320  H HB2  . ASP A 1 8 ? 2.213  4.448  -4.954 1.00 0.00 ? 8 ASP A HB2  3  
ATOM 321  H HB3  . ASP A 1 8 ? 3.750  3.542  -4.924 1.00 0.00 ? 8 ASP A HB3  3  
ATOM 322  N N    . PHE A 1 1 ? 1.894  2.876  -0.678 1.00 0.00 ? 1 PHE A N    4  
ATOM 323  C CA   . PHE A 1 1 ? 2.200  3.164  0.702  1.00 0.00 ? 1 PHE A CA   4  
ATOM 324  C C    . PHE A 1 1 ? 2.566  1.876  1.432  1.00 0.00 ? 1 PHE A C    4  
ATOM 325  O O    . PHE A 1 1 ? 2.210  0.782  1.017  1.00 0.00 ? 1 PHE A O    4  
ATOM 326  C CB   . PHE A 1 1 ? 0.997  3.818  1.385  1.00 0.00 ? 1 PHE A CB   4  
ATOM 327  C CG   . PHE A 1 1 ? 1.238  4.262  2.781  1.00 0.00 ? 1 PHE A CG   4  
ATOM 328  C CD1  . PHE A 1 1 ? 0.595  3.642  3.819  1.00 0.00 ? 1 PHE A CD1  4  
ATOM 329  C CD2  . PHE A 1 1 ? 2.137  5.306  3.056  1.00 0.00 ? 1 PHE A CD2  4  
ATOM 330  C CE1  . PHE A 1 1 ? 0.816  4.033  5.190  1.00 0.00 ? 1 PHE A CE1  4  
ATOM 331  C CE2  . PHE A 1 1 ? 2.352  5.705  4.386  1.00 0.00 ? 1 PHE A CE2  4  
ATOM 332  C CZ   . PHE A 1 1 ? 1.705  5.074  5.447  1.00 0.00 ? 1 PHE A CZ   4  
ATOM 333  H H1   . PHE A 1 1 ? 0.927  2.684  -0.919 1.00 0.00 ? 1 PHE A H1   4  
ATOM 334  H HA   . PHE A 1 1 ? 3.046  3.858  0.738  1.00 0.00 ? 1 PHE A HA   4  
ATOM 335  H HB2  . PHE A 1 1 ? 0.732  4.714  0.797  1.00 0.00 ? 1 PHE A HB2  4  
ATOM 336  H HB3  . PHE A 1 1 ? 0.178  3.128  1.399  1.00 0.00 ? 1 PHE A HB3  4  
ATOM 337  H HD1  . PHE A 1 1 ? -0.086 2.833  3.624  1.00 0.00 ? 1 PHE A HD1  4  
ATOM 338  H HD2  . PHE A 1 1 ? 2.686  5.797  2.250  1.00 0.00 ? 1 PHE A HD2  4  
ATOM 339  H HE1  . PHE A 1 1 ? 0.302  3.528  5.996  1.00 0.00 ? 1 PHE A HE1  4  
ATOM 340  H HE2  . PHE A 1 1 ? 3.045  6.513  4.560  1.00 0.00 ? 1 PHE A HE2  4  
ATOM 341  H HZ   . PHE A 1 1 ? 1.872  5.346  6.457  1.00 0.00 ? 1 PHE A HZ   4  
ATOM 342  N N    . VAL A 1 2 ? 3.265  2.001  2.540  1.00 0.00 ? 2 VAL A N    4  
ATOM 343  C CA   . VAL A 1 2 ? 3.747  0.843  3.292  1.00 0.00 ? 2 VAL A CA   4  
ATOM 344  C C    . VAL A 1 2 ? 2.561  0.144  3.924  1.00 0.00 ? 2 VAL A C    4  
ATOM 345  O O    . VAL A 1 2 ? 1.821  0.721  4.726  1.00 0.00 ? 2 VAL A O    4  
ATOM 346  C CB   . VAL A 1 2 ? 4.761  1.324  4.396  1.00 0.00 ? 2 VAL A CB   4  
ATOM 347  C CG1  . VAL A 1 2 ? 5.366  0.100  5.165  1.00 0.00 ? 2 VAL A CG1  4  
ATOM 348  C CG2  . VAL A 1 2 ? 5.904  2.131  3.715  1.00 0.00 ? 2 VAL A CG2  4  
ATOM 349  H H    . VAL A 1 2 ? 3.489  2.892  2.856  1.00 0.00 ? 2 VAL A H    4  
ATOM 350  H HA   . VAL A 1 2 ? 4.261  0.145  2.605  1.00 0.00 ? 2 VAL A HA   4  
ATOM 351  H HB   . VAL A 1 2 ? 4.239  1.966  5.098  1.00 0.00 ? 2 VAL A HB   4  
ATOM 352  H HG11 . VAL A 1 2 ? 4.576  -0.392 5.738  1.00 0.00 ? 2 VAL A HG11 4  
ATOM 353  H HG12 . VAL A 1 2 ? 6.123  0.422  5.875  1.00 0.00 ? 2 VAL A HG12 4  
ATOM 354  H HG13 . VAL A 1 2 ? 5.804  -0.600 4.448  1.00 0.00 ? 2 VAL A HG13 4  
ATOM 355  H HG21 . VAL A 1 2 ? 6.204  1.614  2.798  1.00 0.00 ? 2 VAL A HG21 4  
ATOM 356  H HG22 . VAL A 1 2 ? 6.746  2.214  4.383  1.00 0.00 ? 2 VAL A HG22 4  
ATOM 357  H HG23 . VAL A 1 2 ? 5.565  3.135  3.477  1.00 0.00 ? 2 VAL A HG23 4  
ATOM 358  N N    . GLY A 1 3 ? 2.403  -1.114 3.554  1.00 0.00 ? 3 GLY A N    4  
ATOM 359  C CA   . GLY A 1 3 ? 1.323  -1.905 4.066  1.00 0.00 ? 3 GLY A CA   4  
ATOM 360  C C    . GLY A 1 3 ? -0.007 -1.601 3.399  1.00 0.00 ? 3 GLY A C    4  
ATOM 361  O O    . GLY A 1 3 ? -1.039 -2.123 3.799  1.00 0.00 ? 3 GLY A O    4  
ATOM 362  H H    . GLY A 1 3 ? 3.038  -1.530 2.854  1.00 0.00 ? 3 GLY A H    4  
ATOM 363  H HA2  . GLY A 1 3 ? 1.574  -2.968 3.948  1.00 0.00 ? 3 GLY A HA2  4  
ATOM 364  H HA3  . GLY A 1 3 ? 1.206  -1.665 5.108  1.00 0.00 ? 3 GLY A HA3  4  
ATOM 365  N N    . GLY A 1 4 ? -0.008 -0.727 2.417  1.00 0.00 ? 4 GLY A N    4  
ATOM 366  C CA   . GLY A 1 4 ? -1.248 -0.363 1.782  1.00 0.00 ? 4 GLY A CA   4  
ATOM 367  C C    . GLY A 1 4 ? -1.711 -1.404 0.812  1.00 0.00 ? 4 GLY A C    4  
ATOM 368  O O    . GLY A 1 4 ? -0.909 -1.923 0.035  1.00 0.00 ? 4 GLY A O    4  
ATOM 369  H H    . GLY A 1 4 ? 0.863  -0.291 2.069  1.00 0.00 ? 4 GLY A H    4  
ATOM 370  H HA2  . GLY A 1 4 ? -2.041 -0.188 2.544  1.00 0.00 ? 4 GLY A HA2  4  
ATOM 371  H HA3  . GLY A 1 4 ? -1.086 0.545  1.234  1.00 0.00 ? 4 GLY A HA3  4  
ATOM 372  N N    . THR A 1 5 ? -2.992 -1.733 0.850  1.00 0.00 ? 5 THR A N    4  
ATOM 373  C CA   . THR A 1 5 ? -3.508 -2.708 -0.088 1.00 0.00 ? 5 THR A CA   4  
ATOM 374  C C    . THR A 1 5 ? -3.703 -2.046 -1.450 1.00 0.00 ? 5 THR A C    4  
ATOM 375  O O    . THR A 1 5 ? -4.484 -1.118 -1.574 1.00 0.00 ? 5 THR A O    4  
ATOM 376  C CB   . THR A 1 5 ? -4.792 -3.280 0.402  1.00 0.00 ? 5 THR A CB   4  
ATOM 377  O OG1  . THR A 1 5 ? -5.637 -2.234 0.846  1.00 0.00 ? 5 THR A OG1  4  
ATOM 378  C CG2  . THR A 1 5 ? -4.534 -4.212 1.628  1.00 0.00 ? 5 THR A CG2  4  
ATOM 379  H H    . THR A 1 5 ? -3.629 -1.333 1.525  1.00 0.00 ? 5 THR A H    4  
ATOM 380  H HA   . THR A 1 5 ? -2.789 -3.514 -0.194 1.00 0.00 ? 5 THR A HA   4  
ATOM 381  H HB   . THR A 1 5 ? -5.292 -3.847 -0.380 1.00 0.00 ? 5 THR A HB   4  
ATOM 382  H HG1  . THR A 1 5 ? -5.808 -1.632 0.111  1.00 0.00 ? 5 THR A HG1  4  
ATOM 383  H HG21 . THR A 1 5 ? -5.482 -4.659 1.932  1.00 0.00 ? 5 THR A HG21 4  
ATOM 384  H HG22 . THR A 1 5 ? -4.157 -3.629 2.473  1.00 0.00 ? 5 THR A HG22 4  
ATOM 385  H HG23 . THR A 1 5 ? -3.805 -5.019 1.362  1.00 0.00 ? 5 THR A HG23 4  
ATOM 386  N N    . SER A 1 6 ? -3.033 -2.583 -2.456 1.00 0.00 ? 6 SER A N    4  
ATOM 387  C CA   . SER A 1 6 ? -3.026 -2.055 -3.817 1.00 0.00 ? 6 SER A CA   4  
ATOM 388  C C    . SER A 1 6 ? -2.616 -0.583 -3.899 1.00 0.00 ? 6 SER A C    4  
ATOM 389  O O    . SER A 1 6 ? -3.036 0.144  -4.806 1.00 0.00 ? 6 SER A O    4  
ATOM 390  C CB   . SER A 1 6 ? -4.398 -2.246 -4.481 1.00 0.00 ? 6 SER A CB   4  
ATOM 391  O OG   . SER A 1 6 ? -4.833 -3.593 -4.398 1.00 0.00 ? 6 SER A OG   4  
ATOM 392  H H    . SER A 1 6 ? -2.451 -3.396 -2.275 1.00 0.00 ? 6 SER A H    4  
ATOM 393  H HA   . SER A 1 6 ? -2.303 -2.638 -4.399 1.00 0.00 ? 6 SER A HA   4  
ATOM 394  H HB2  . SER A 1 6 ? -5.113 -1.603 -4.000 1.00 0.00 ? 6 SER A HB2  4  
ATOM 395  H HB3  . SER A 1 6 ? -4.286 -1.976 -5.543 1.00 0.00 ? 6 SER A HB3  4  
ATOM 396  H HG   . SER A 1 6 ? -5.700 -3.622 -4.822 1.00 0.00 ? 6 SER A HG   4  
ATOM 397  N N    . PHE A 1 7 ? -1.785 -0.176 -2.932 1.00 0.00 ? 7 PHE A N    4  
ATOM 398  C CA   . PHE A 1 7 ? -1.310 1.226  -2.853 1.00 0.00 ? 7 PHE A CA   4  
ATOM 399  C C    . PHE A 1 7 ? 0.222  1.233  -2.784 1.00 0.00 ? 7 PHE A C    4  
ATOM 400  O O    . PHE A 1 7 ? 0.829  0.221  -2.477 1.00 0.00 ? 7 PHE A O    4  
ATOM 401  C CB   . PHE A 1 7 ? -1.838 1.907  -1.573 1.00 0.00 ? 7 PHE A CB   4  
ATOM 402  C CG   . PHE A 1 7 ? -3.341 1.939  -1.473 1.00 0.00 ? 7 PHE A CG   4  
ATOM 403  C CD1  . PHE A 1 7 ? -3.973 1.615  -0.269 1.00 0.00 ? 7 PHE A CD1  4  
ATOM 404  C CD2  . PHE A 1 7 ? -4.121 2.298  -2.584 1.00 0.00 ? 7 PHE A CD2  4  
ATOM 405  C CE1  . PHE A 1 7 ? -5.388 1.705  -0.169 1.00 0.00 ? 7 PHE A CE1  4  
ATOM 406  C CE2  . PHE A 1 7 ? -5.550 2.350  -2.490 1.00 0.00 ? 7 PHE A CE2  4  
ATOM 407  C CZ   . PHE A 1 7 ? -6.164 2.061  -1.273 1.00 0.00 ? 7 PHE A CZ   4  
ATOM 408  H H    . PHE A 1 7 ? -1.472 -0.812 -2.245 1.00 0.00 ? 7 PHE A H    4  
ATOM 409  H HA   . PHE A 1 7 ? -1.614 1.784  -3.731 1.00 0.00 ? 7 PHE A HA   4  
ATOM 410  H HB2  . PHE A 1 7 ? -1.471 1.371  -0.734 1.00 0.00 ? 7 PHE A HB2  4  
ATOM 411  H HB3  . PHE A 1 7 ? -1.461 2.933  -1.575 1.00 0.00 ? 7 PHE A HB3  4  
ATOM 412  H HD1  . PHE A 1 7 ? -3.395 1.319  0.587  1.00 0.00 ? 7 PHE A HD1  4  
ATOM 413  H HD2  . PHE A 1 7 ? -3.653 2.521  -3.519 1.00 0.00 ? 7 PHE A HD2  4  
ATOM 414  H HE1  . PHE A 1 7 ? -5.890 1.470  0.776  1.00 0.00 ? 7 PHE A HE1  4  
ATOM 415  H HE2  . PHE A 1 7 ? -6.140 2.643  -3.336 1.00 0.00 ? 7 PHE A HE2  4  
ATOM 416  H HZ   . PHE A 1 7 ? -7.243 2.101  -1.178 1.00 0.00 ? 7 PHE A HZ   4  
ATOM 417  N N    . ASP A 1 8 ? 0.858  2.377  -3.068 1.00 0.00 ? 8 ASP A N    4  
ATOM 418  C CA   . ASP A 1 8 ? 2.318  2.459  -3.021 1.00 0.00 ? 8 ASP A CA   4  
ATOM 419  C C    . ASP A 1 8 ? 2.817  2.841  -1.619 1.00 0.00 ? 8 ASP A C    4  
ATOM 420  O O    . ASP A 1 8 ? 4.013  3.047  -1.387 1.00 0.00 ? 8 ASP A O    4  
ATOM 421  C CB   . ASP A 1 8 ? 2.787  3.489  -4.061 1.00 0.00 ? 8 ASP A CB   4  
ATOM 422  C CG   . ASP A 1 8 ? 2.867  4.917  -3.509 1.00 0.00 ? 8 ASP A CG   4  
ATOM 423  O OD1  . ASP A 1 8 ? 3.847  5.623  -3.881 1.00 0.00 ? 8 ASP A OD1  4  
ATOM 424  O OD2  . ASP A 1 8 ? 1.945  5.351  -2.757 1.00 0.00 ? 8 ASP A OD2  4  
ATOM 425  H H    . ASP A 1 8 ? 0.339  3.229  -3.313 1.00 0.00 ? 8 ASP A H    4  
ATOM 426  H HA   . ASP A 1 8 ? 2.719  1.492  -3.296 1.00 0.00 ? 8 ASP A HA   4  
ATOM 427  H HB2  . ASP A 1 8 ? 3.753  3.207  -4.449 1.00 0.00 ? 8 ASP A HB2  4  
ATOM 428  H HB3  . ASP A 1 8 ? 2.062  3.505  -4.900 1.00 0.00 ? 8 ASP A HB3  4  
ATOM 429  N N    . PHE A 1 1 ? 2.594  2.793  -1.210 1.00 0.00 ? 1 PHE A N    5  
ATOM 430  C CA   . PHE A 1 1 ? 3.226  3.492  -0.100 1.00 0.00 ? 1 PHE A CA   5  
ATOM 431  C C    . PHE A 1 1 ? 2.742  3.005  1.267  1.00 0.00 ? 1 PHE A C    5  
ATOM 432  O O    . PHE A 1 1 ? 3.480  3.082  2.247  1.00 0.00 ? 1 PHE A O    5  
ATOM 433  C CB   . PHE A 1 1 ? 2.919  4.985  -0.228 1.00 0.00 ? 1 PHE A CB   5  
ATOM 434  C CG   . PHE A 1 1 ? 3.660  5.847  0.762  1.00 0.00 ? 1 PHE A CG   5  
ATOM 435  C CD1  . PHE A 1 1 ? 3.062  6.197  1.983  1.00 0.00 ? 1 PHE A CD1  5  
ATOM 436  C CD2  . PHE A 1 1 ? 4.962  6.306  0.460  1.00 0.00 ? 1 PHE A CD2  5  
ATOM 437  C CE1  . PHE A 1 1 ? 3.749  7.033  2.886  1.00 0.00 ? 1 PHE A CE1  5  
ATOM 438  C CE2  . PHE A 1 1 ? 5.671  7.121  1.389  1.00 0.00 ? 1 PHE A CE2  5  
ATOM 439  C CZ   . PHE A 1 1 ? 5.084  7.469  2.584  1.00 0.00 ? 1 PHE A CZ   5  
ATOM 440  H H1   . PHE A 1 1 ? 1.867  3.238  -1.774 1.00 0.00 ? 1 PHE A H1   5  
ATOM 441  H HA   . PHE A 1 1 ? 4.311  3.321  -0.172 1.00 0.00 ? 1 PHE A HA   5  
ATOM 442  H HB2  . PHE A 1 1 ? 3.116  5.321  -1.243 1.00 0.00 ? 1 PHE A HB2  5  
ATOM 443  H HB3  . PHE A 1 1 ? 1.855  5.130  -0.034 1.00 0.00 ? 1 PHE A HB3  5  
ATOM 444  H HD1  . PHE A 1 1 ? 2.046  5.841  2.193  1.00 0.00 ? 1 PHE A HD1  5  
ATOM 445  H HD2  . PHE A 1 1 ? 5.389  6.057  -0.507 1.00 0.00 ? 1 PHE A HD2  5  
ATOM 446  H HE1  . PHE A 1 1 ? 3.257  7.278  3.790  1.00 0.00 ? 1 PHE A HE1  5  
ATOM 447  H HE2  . PHE A 1 1 ? 6.680  7.469  1.131  1.00 0.00 ? 1 PHE A HE2  5  
ATOM 448  H HZ   . PHE A 1 1 ? 5.625  8.090  3.277  1.00 0.00 ? 1 PHE A HZ   5  
ATOM 449  N N    . VAL A 1 2 ? 1.516  2.486  1.306  1.00 0.00 ? 2 VAL A N    5  
ATOM 450  C CA   . VAL A 1 2 ? 0.948  1.911  2.523  1.00 0.00 ? 2 VAL A CA   5  
ATOM 451  C C    . VAL A 1 2 ? 0.953  0.378  2.360  1.00 0.00 ? 2 VAL A C    5  
ATOM 452  O O    . VAL A 1 2 ? 0.481  -0.170 1.360  1.00 0.00 ? 2 VAL A O    5  
ATOM 453  C CB   . VAL A 1 2 ? -0.500 2.503  2.802  1.00 0.00 ? 2 VAL A CB   5  
ATOM 454  C CG1  . VAL A 1 2 ? -1.051 2.119  4.228  1.00 0.00 ? 2 VAL A CG1  5  
ATOM 455  C CG2  . VAL A 1 2 ? -0.440 4.054  2.701  1.00 0.00 ? 2 VAL A CG2  5  
ATOM 456  H H    . VAL A 1 2 ? 0.973  2.449  0.482  1.00 0.00 ? 2 VAL A H    5  
ATOM 457  H HA   . VAL A 1 2 ? 1.596  2.154  3.358  1.00 0.00 ? 2 VAL A HA   5  
ATOM 458  H HB   . VAL A 1 2 ? -1.192 2.149  2.031  1.00 0.00 ? 2 VAL A HB   5  
ATOM 459  H HG11 . VAL A 1 2 ? -0.430 2.556  5.011  1.00 0.00 ? 2 VAL A HG11 5  
ATOM 460  H HG12 . VAL A 1 2 ? -1.062 1.018  4.321  1.00 0.00 ? 2 VAL A HG12 5  
ATOM 461  H HG13 . VAL A 1 2 ? -2.066 2.500  4.353  1.00 0.00 ? 2 VAL A HG13 5  
ATOM 462  H HG21 . VAL A 1 2 ? 0.382  4.432  3.339  1.00 0.00 ? 2 VAL A HG21 5  
ATOM 463  H HG22 . VAL A 1 2 ? -1.369 4.480  3.043  1.00 0.00 ? 2 VAL A HG22 5  
ATOM 464  H HG23 . VAL A 1 2 ? -0.251 4.350  1.677  1.00 0.00 ? 2 VAL A HG23 5  
ATOM 465  N N    . GLY A 1 3 ? 1.498  -0.316 3.347  1.00 0.00 ? 3 GLY A N    5  
ATOM 466  C CA   . GLY A 1 3 ? 1.507  -1.757 3.275  1.00 0.00 ? 3 GLY A CA   5  
ATOM 467  C C    . GLY A 1 3 ? 0.111  -2.327 3.464  1.00 0.00 ? 3 GLY A C    5  
ATOM 468  O O    . GLY A 1 3 ? -0.676 -1.741 4.156  1.00 0.00 ? 3 GLY A O    5  
ATOM 469  H H    . GLY A 1 3 ? 1.870  0.145  4.149  1.00 0.00 ? 3 GLY A H    5  
ATOM 470  H HA2  . GLY A 1 3 ? 1.932  -2.047 2.317  1.00 0.00 ? 3 GLY A HA2  5  
ATOM 471  H HA3  . GLY A 1 3 ? 2.142  -2.142 4.070  1.00 0.00 ? 3 GLY A HA3  5  
ATOM 472  N N    . GLY A 1 4 ? -0.223 -3.457 2.838  1.00 0.00 ? 4 GLY A N    5  
ATOM 473  C CA   . GLY A 1 4 ? -1.545 -4.020 2.976  1.00 0.00 ? 4 GLY A CA   5  
ATOM 474  C C    . GLY A 1 4 ? -2.590 -3.386 2.103  1.00 0.00 ? 4 GLY A C    5  
ATOM 475  O O    . GLY A 1 4 ? -3.767 -3.653 2.253  1.00 0.00 ? 4 GLY A O    5  
ATOM 476  H H    . GLY A 1 4 ? 0.465  -3.958 2.270  1.00 0.00 ? 4 GLY A H    5  
ATOM 477  H HA2  . GLY A 1 4 ? -1.490 -5.093 2.751  1.00 0.00 ? 4 GLY A HA2  5  
ATOM 478  H HA3  . GLY A 1 4 ? -1.860 -3.885 4.014  1.00 0.00 ? 4 GLY A HA3  5  
ATOM 479  N N    . THR A 1 5 ? -2.141 -2.533 1.198  1.00 0.00 ? 5 THR A N    5  
ATOM 480  C CA   . THR A 1 5 ? -3.053 -1.850 0.298  1.00 0.00 ? 5 THR A CA   5  
ATOM 481  C C    . THR A 1 5 ? -2.438 -1.886 -1.038 1.00 0.00 ? 5 THR A C    5  
ATOM 482  O O    . THR A 1 5 ? -1.259 -2.179 -1.159 1.00 0.00 ? 5 THR A O    5  
ATOM 483  C CB   . THR A 1 5 ? -3.264 -0.361 0.680  1.00 0.00 ? 5 THR A CB   5  
ATOM 484  O OG1  . THR A 1 5 ? -2.138 0.433  0.349  1.00 0.00 ? 5 THR A OG1  5  
ATOM 485  C CG2  . THR A 1 5 ? -3.530 -0.167 2.154  1.00 0.00 ? 5 THR A CG2  5  
ATOM 486  H H    . THR A 1 5 ? -1.167 -2.322 1.123  1.00 0.00 ? 5 THR A H    5  
ATOM 487  H HA   . THR A 1 5 ? -4.015 -2.355 0.286  1.00 0.00 ? 5 THR A HA   5  
ATOM 488  H HB   . THR A 1 5 ? -4.111 0.027  0.124  1.00 0.00 ? 5 THR A HB   5  
ATOM 489  H HG1  . THR A 1 5 ? -1.353 0.034  0.757  1.00 0.00 ? 5 THR A HG1  5  
ATOM 490  H HG21 . THR A 1 5 ? -2.756 -0.637 2.755  1.00 0.00 ? 5 THR A HG21 5  
ATOM 491  H HG22 . THR A 1 5 ? -4.497 -0.605 2.410  1.00 0.00 ? 5 THR A HG22 5  
ATOM 492  H HG23 . THR A 1 5 ? -3.566 0.892  2.387  1.00 0.00 ? 5 THR A HG23 5  
ATOM 493  N N    . SER A 1 6 ? -3.217 -1.512 -2.035 1.00 0.00 ? 6 SER A N    5  
ATOM 494  C CA   . SER A 1 6 ? -2.737 -1.449 -3.415 1.00 0.00 ? 6 SER A CA   5  
ATOM 495  C C    . SER A 1 6 ? -2.124 -0.099 -3.793 1.00 0.00 ? 6 SER A C    5  
ATOM 496  O O    . SER A 1 6 ? -1.870 0.138  -4.936 1.00 0.00 ? 6 SER A O    5  
ATOM 497  C CB   . SER A 1 6 ? -3.893 -1.791 -4.344 1.00 0.00 ? 6 SER A CB   5  
ATOM 498  O OG   . SER A 1 6 ? -4.492 -3.044 -4.005 1.00 0.00 ? 6 SER A OG   5  
ATOM 499  H H    . SER A 1 6 ? -4.169 -1.254 -1.845 1.00 0.00 ? 6 SER A H    5  
ATOM 500  H HA   . SER A 1 6 ? -1.968 -2.200 -3.560 1.00 0.00 ? 6 SER A HA   5  
ATOM 501  H HB2  . SER A 1 6 ? -4.643 -1.016 -4.278 1.00 0.00 ? 6 SER A HB2  5  
ATOM 502  H HB3  . SER A 1 6 ? -3.543 -1.824 -5.376 1.00 0.00 ? 6 SER A HB3  5  
ATOM 503  H HG   . SER A 1 6 ? -5.328 -3.143 -4.498 1.00 0.00 ? 6 SER A HG   5  
ATOM 504  N N    . PHE A 1 7 ? -1.934 0.765  -2.807 1.00 0.00 ? 7 PHE A N    5  
ATOM 505  C CA   . PHE A 1 7 ? -1.396 2.137  -3.040 1.00 0.00 ? 7 PHE A CA   5  
ATOM 506  C C    . PHE A 1 7 ? 0.117  2.226  -2.972 1.00 0.00 ? 7 PHE A C    5  
ATOM 507  O O    . PHE A 1 7 ? 0.700  3.299  -3.138 1.00 0.00 ? 7 PHE A O    5  
ATOM 508  C CB   . PHE A 1 7 ? -2.037 3.065  -2.011 1.00 0.00 ? 7 PHE A CB   5  
ATOM 509  C CG   . PHE A 1 7 ? -2.201 4.479  -2.475 1.00 0.00 ? 7 PHE A CG   5  
ATOM 510  C CD1  . PHE A 1 7 ? -1.237 5.473  -2.137 1.00 0.00 ? 7 PHE A CD1  5  
ATOM 511  C CD2  . PHE A 1 7 ? -3.304 4.876  -3.264 1.00 0.00 ? 7 PHE A CD2  5  
ATOM 512  C CE1  . PHE A 1 7 ? -1.371 6.827  -2.599 1.00 0.00 ? 7 PHE A CE1  5  
ATOM 513  C CE2  . PHE A 1 7 ? -3.436 6.158  -3.726 1.00 0.00 ? 7 PHE A CE2  5  
ATOM 514  C CZ   . PHE A 1 7 ? -2.492 7.153  -3.423 1.00 0.00 ? 7 PHE A CZ   5  
ATOM 515  H H    . PHE A 1 7 ? -2.127 0.514  -1.900 1.00 0.00 ? 7 PHE A H    5  
ATOM 516  H HA   . PHE A 1 7 ? -1.715 2.460  -4.039 1.00 0.00 ? 7 PHE A HA   5  
ATOM 517  H HB2  . PHE A 1 7 ? -3.029 2.664  -1.713 1.00 0.00 ? 7 PHE A HB2  5  
ATOM 518  H HB3  . PHE A 1 7 ? -1.398 3.076  -1.135 1.00 0.00 ? 7 PHE A HB3  5  
ATOM 519  H HD1  . PHE A 1 7 ? -0.419 5.183  -1.510 1.00 0.00 ? 7 PHE A HD1  5  
ATOM 520  H HD2  . PHE A 1 7 ? -4.044 4.158  -3.525 1.00 0.00 ? 7 PHE A HD2  5  
ATOM 521  H HE1  . PHE A 1 7 ? -0.647 7.545  -2.357 1.00 0.00 ? 7 PHE A HE1  5  
ATOM 522  H HE2  . PHE A 1 7 ? -4.297 6.426  -4.353 1.00 0.00 ? 7 PHE A HE2  5  
ATOM 523  H HZ   . PHE A 1 7 ? -2.625 8.138  -3.775 1.00 0.00 ? 7 PHE A HZ   5  
ATOM 524  N N    . ASP A 1 8 ? 0.746  1.066  -2.751 1.00 0.00 ? 8 ASP A N    5  
ATOM 525  C CA   . ASP A 1 8 ? 2.187  0.869  -2.741 1.00 0.00 ? 8 ASP A CA   5  
ATOM 526  C C    . ASP A 1 8 ? 2.963  1.558  -1.548 1.00 0.00 ? 8 ASP A C    5  
ATOM 527  O O    . ASP A 1 8 ? 3.880  0.974  -0.946 1.00 0.00 ? 8 ASP A O    5  
ATOM 528  C CB   . ASP A 1 8 ? 2.837  1.286  -4.084 1.00 0.00 ? 8 ASP A CB   5  
ATOM 529  C CG   . ASP A 1 8 ? 4.304  0.932  -4.151 1.00 0.00 ? 8 ASP A CG   5  
ATOM 530  O OD1  . ASP A 1 8 ? 5.122  1.852  -4.204 1.00 0.00 ? 8 ASP A OD1  5  
ATOM 531  O OD2  . ASP A 1 8 ? 4.635  -0.256 -4.185 1.00 0.00 ? 8 ASP A OD2  5  
ATOM 532  H H    . ASP A 1 8 ? 0.187  0.219  -2.586 1.00 0.00 ? 8 ASP A H    5  
ATOM 533  H HA   . ASP A 1 8 ? 2.356  -0.191 -2.604 1.00 0.00 ? 8 ASP A HA   5  
ATOM 534  H HB2  . ASP A 1 8 ? 2.315  0.784  -4.894 1.00 0.00 ? 8 ASP A HB2  5  
ATOM 535  H HB3  . ASP A 1 8 ? 2.737  2.370  -4.257 1.00 0.00 ? 8 ASP A HB3  5  
ATOM 536  N N    . PHE A 1 1 ? 2.695  2.967  -1.124 1.00 0.00 ? 1 PHE A N    6  
ATOM 537  C CA   . PHE A 1 1 ? 3.695  2.808  -0.050 1.00 0.00 ? 1 PHE A CA   6  
ATOM 538  C C    . PHE A 1 1 ? 3.111  1.735  0.868  1.00 0.00 ? 1 PHE A C    6  
ATOM 539  O O    . PHE A 1 1 ? 1.896  1.454  0.802  1.00 0.00 ? 1 PHE A O    6  
ATOM 540  C CB   . PHE A 1 1 ? 3.831  4.157  0.659  1.00 0.00 ? 1 PHE A CB   6  
ATOM 541  C CG   . PHE A 1 1 ? 4.869  4.153  1.756  1.00 0.00 ? 1 PHE A CG   6  
ATOM 542  C CD1  . PHE A 1 1 ? 4.476  4.329  3.100  1.00 0.00 ? 1 PHE A CD1  6  
ATOM 543  C CD2  . PHE A 1 1 ? 6.247  3.961  1.441  1.00 0.00 ? 1 PHE A CD2  6  
ATOM 544  C CE1  . PHE A 1 1 ? 5.409  4.279  4.132  1.00 0.00 ? 1 PHE A CE1  6  
ATOM 545  C CE2  . PHE A 1 1 ? 7.227  3.960  2.486  1.00 0.00 ? 1 PHE A CE2  6  
ATOM 546  C CZ   . PHE A 1 1 ? 6.822  4.096  3.840  1.00 0.00 ? 1 PHE A CZ   6  
ATOM 547  H H1   . PHE A 1 1 ? 1.709  2.788  -0.899 1.00 0.00 ? 1 PHE A H1   6  
ATOM 548  H HA   . PHE A 1 1 ? 4.664  2.495  -0.490 1.00 0.00 ? 1 PHE A HA   6  
ATOM 549  H HB2  . PHE A 1 1 ? 4.146  4.910  -0.076 1.00 0.00 ? 1 PHE A HB2  6  
ATOM 550  H HB3  . PHE A 1 1 ? 2.881  4.449  1.070  1.00 0.00 ? 1 PHE A HB3  6  
ATOM 551  H HD1  . PHE A 1 1 ? 3.421  4.456  3.333  1.00 0.00 ? 1 PHE A HD1  6  
ATOM 552  H HD2  . PHE A 1 1 ? 6.575  3.833  0.416  1.00 0.00 ? 1 PHE A HD2  6  
ATOM 553  H HE1  . PHE A 1 1 ? 5.096  4.416  5.165  1.00 0.00 ? 1 PHE A HE1  6  
ATOM 554  H HE2  . PHE A 1 1 ? 8.259  3.836  2.278  1.00 0.00 ? 1 PHE A HE2  6  
ATOM 555  H HZ   . PHE A 1 1 ? 7.569  4.094  4.638  1.00 0.00 ? 1 PHE A HZ   6  
ATOM 556  N N    . VAL A 1 2 ? 3.946  1.116  1.691  1.00 0.00 ? 2 VAL A N    6  
ATOM 557  C CA   . VAL A 1 2 ? 3.506  0.022  2.541  1.00 0.00 ? 2 VAL A CA   6  
ATOM 558  C C    . VAL A 1 2 ? 2.341  0.427  3.460  1.00 0.00 ? 2 VAL A C    6  
ATOM 559  O O    . VAL A 1 2 ? 2.308  1.593  3.938  1.00 0.00 ? 2 VAL A O    6  
ATOM 560  C CB   . VAL A 1 2 ? 4.731  -0.575 3.342  1.00 0.00 ? 2 VAL A CB   6  
ATOM 561  C CG1  . VAL A 1 2 ? 5.312  0.444  4.329  1.00 0.00 ? 2 VAL A CG1  6  
ATOM 562  C CG2  . VAL A 1 2 ? 4.420  -1.911 4.073  1.00 0.00 ? 2 VAL A CG2  6  
ATOM 563  H H    . VAL A 1 2 ? 4.904  1.435  1.771  1.00 0.00 ? 2 VAL A H    6  
ATOM 564  H HA   . VAL A 1 2 ? 3.148  -0.743 1.889  1.00 0.00 ? 2 VAL A HA   6  
ATOM 565  H HB   . VAL A 1 2 ? 5.504  -0.805 2.611  1.00 0.00 ? 2 VAL A HB   6  
ATOM 566  H HG11 . VAL A 1 2 ? 6.195  0.009  4.808  1.00 0.00 ? 2 VAL A HG11 6  
ATOM 567  H HG12 . VAL A 1 2 ? 4.592  0.711  5.106  1.00 0.00 ? 2 VAL A HG12 6  
ATOM 568  H HG13 . VAL A 1 2 ? 5.612  1.323  3.795  1.00 0.00 ? 2 VAL A HG13 6  
ATOM 569  H HG21 . VAL A 1 2 ? 4.059  -2.663 3.383  1.00 0.00 ? 2 VAL A HG21 6  
ATOM 570  H HG22 . VAL A 1 2 ? 3.691  -1.774 4.863  1.00 0.00 ? 2 VAL A HG22 6  
ATOM 571  H HG23 . VAL A 1 2 ? 5.357  -2.288 4.527  1.00 0.00 ? 2 VAL A HG23 6  
ATOM 572  N N    . GLY A 1 3 ? 1.434  -0.491 3.764  1.00 0.00 ? 3 GLY A N    6  
ATOM 573  C CA   . GLY A 1 3 ? 0.295  -0.143 4.638  1.00 0.00 ? 3 GLY A CA   6  
ATOM 574  C C    . GLY A 1 3 ? -0.926 -0.915 4.300  1.00 0.00 ? 3 GLY A C    6  
ATOM 575  O O    . GLY A 1 3 ? -1.826 -1.028 5.119  1.00 0.00 ? 3 GLY A O    6  
ATOM 576  H H    . GLY A 1 3 ? 1.514  -1.453 3.409  1.00 0.00 ? 3 GLY A H    6  
ATOM 577  H HA2  . GLY A 1 3 ? 0.558  -0.347 5.693  1.00 0.00 ? 3 GLY A HA2  6  
ATOM 578  H HA3  . GLY A 1 3 ? 0.096  0.921  4.520  1.00 0.00 ? 3 GLY A HA3  6  
ATOM 579  N N    . GLY A 1 4 ? -0.954 -1.465 3.086  1.00 0.00 ? 4 GLY A N    6  
ATOM 580  C CA   . GLY A 1 4 ? -2.098 -2.269 2.651  1.00 0.00 ? 4 GLY A CA   6  
ATOM 581  C C    . GLY A 1 4 ? -2.008 -2.711 1.210  1.00 0.00 ? 4 GLY A C    6  
ATOM 582  O O    . GLY A 1 4 ? -1.042 -2.419 0.534  1.00 0.00 ? 4 GLY A O    6  
ATOM 583  H H    . GLY A 1 4 ? -0.210 -1.326 2.427  1.00 0.00 ? 4 GLY A H    6  
ATOM 584  H HA2  . GLY A 1 4 ? -2.174 -3.159 3.244  1.00 0.00 ? 4 GLY A HA2  6  
ATOM 585  H HA3  . GLY A 1 4 ? -3.016 -1.694 2.764  1.00 0.00 ? 4 GLY A HA3  6  
ATOM 586  N N    . THR A 1 5 ? -3.023 -3.424 0.739  1.00 0.00 ? 5 THR A N    6  
ATOM 587  C CA   . THR A 1 5 ? -3.046 -3.906 -0.635 1.00 0.00 ? 5 THR A CA   6  
ATOM 588  C C    . THR A 1 5 ? -3.360 -2.714 -1.561 1.00 0.00 ? 5 THR A C    6  
ATOM 589  O O    . THR A 1 5 ? -4.111 -1.835 -1.177 1.00 0.00 ? 5 THR A O    6  
ATOM 590  C CB   . THR A 1 5 ? -4.148 -5.031 -0.794 1.00 0.00 ? 5 THR A CB   6  
ATOM 591  O OG1  . THR A 1 5 ? -5.378 -4.634 -0.187 1.00 0.00 ? 5 THR A OG1  6  
ATOM 592  C CG2  . THR A 1 5 ? -3.658 -6.318 -0.156 1.00 0.00 ? 5 THR A CG2  6  
ATOM 593  H H    . THR A 1 5 ? -3.801 -3.653 1.326  1.00 0.00 ? 5 THR A H    6  
ATOM 594  H HA   . THR A 1 5 ? -2.068 -4.311 -0.906 1.00 0.00 ? 5 THR A HA   6  
ATOM 595  H HB   . THR A 1 5 ? -4.329 -5.205 -1.865 1.00 0.00 ? 5 THR A HB   6  
ATOM 596  H HG1  . THR A 1 5 ? -5.677 -3.847 -0.645 1.00 0.00 ? 5 THR A HG1  6  
ATOM 597  H HG21 . THR A 1 5 ? -4.322 -7.121 -0.388 1.00 0.00 ? 5 THR A HG21 6  
ATOM 598  H HG22 . THR A 1 5 ? -3.619 -6.213 0.941  1.00 0.00 ? 5 THR A HG22 6  
ATOM 599  H HG23 . THR A 1 5 ? -2.654 -6.560 -0.501 1.00 0.00 ? 5 THR A HG23 6  
ATOM 600  N N    . SER A 1 6 ? -2.773 -2.693 -2.736 1.00 0.00 ? 6 SER A N    6  
ATOM 601  C CA   . SER A 1 6 ? -2.944 -1.605 -3.729 1.00 0.00 ? 6 SER A CA   6  
ATOM 602  C C    . SER A 1 6 ? -2.744 -0.179 -3.176 1.00 0.00 ? 6 SER A C    6  
ATOM 603  O O    . SER A 1 6 ? -3.673 0.634  -3.223 1.00 0.00 ? 6 SER A O    6  
ATOM 604  C CB   . SER A 1 6 ? -4.277 -1.717 -4.485 1.00 0.00 ? 6 SER A CB   6  
ATOM 605  O OG   . SER A 1 6 ? -5.378 -1.540 -3.638 1.00 0.00 ? 6 SER A OG   6  
ATOM 606  H H    . SER A 1 6 ? -2.208 -3.480 -3.010 1.00 0.00 ? 6 SER A H    6  
ATOM 607  H HA   . SER A 1 6 ? -2.164 -1.736 -4.464 1.00 0.00 ? 6 SER A HA   6  
ATOM 608  H HB2  . SER A 1 6 ? -4.328 -0.973 -5.279 1.00 0.00 ? 6 SER A HB2  6  
ATOM 609  H HB3  . SER A 1 6 ? -4.324 -2.718 -4.934 1.00 0.00 ? 6 SER A HB3  6  
ATOM 610  H HG   . SER A 1 6 ? -5.346 -0.660 -3.262 1.00 0.00 ? 6 SER A HG   6  
ATOM 611  N N    . PHE A 1 7 ? -1.524 0.098  -2.713 1.00 0.00 ? 7 PHE A N    6  
ATOM 612  C CA   . PHE A 1 7 ? -1.136 1.414  -2.227 1.00 0.00 ? 7 PHE A CA   6  
ATOM 613  C C    . PHE A 1 7 ? 0.234  1.718  -2.876 1.00 0.00 ? 7 PHE A C    6  
ATOM 614  O O    . PHE A 1 7 ? 0.913  0.826  -3.311 1.00 0.00 ? 7 PHE A O    6  
ATOM 615  C CB   . PHE A 1 7 ? -1.007 1.400  -0.713 1.00 0.00 ? 7 PHE A CB   6  
ATOM 616  C CG   . PHE A 1 7 ? -2.313 1.620  0.033  1.00 0.00 ? 7 PHE A CG   6  
ATOM 617  C CD1  . PHE A 1 7 ? -2.765 2.920  0.347  1.00 0.00 ? 7 PHE A CD1  6  
ATOM 618  C CD2  . PHE A 1 7 ? -3.094 0.528  0.443  1.00 0.00 ? 7 PHE A CD2  6  
ATOM 619  C CE1  . PHE A 1 7 ? -3.969 3.155  1.025  1.00 0.00 ? 7 PHE A CE1  6  
ATOM 620  C CE2  . PHE A 1 7 ? -4.308 0.729  1.166  1.00 0.00 ? 7 PHE A CE2  6  
ATOM 621  C CZ   . PHE A 1 7 ? -4.749 2.040  1.450  1.00 0.00 ? 7 PHE A CZ   6  
ATOM 622  H H    . PHE A 1 7 ? -0.805 -0.654 -2.706 1.00 0.00 ? 7 PHE A H    6  
ATOM 623  H HA   . PHE A 1 7 ? -1.852 2.179  -2.548 1.00 0.00 ? 7 PHE A HA   6  
ATOM 624  H HB2  . PHE A 1 7 ? -0.617 0.437  -0.424 1.00 0.00 ? 7 PHE A HB2  6  
ATOM 625  H HB3  . PHE A 1 7 ? -0.291 2.171  -0.455 1.00 0.00 ? 7 PHE A HB3  6  
ATOM 626  H HD1  . PHE A 1 7 ? -2.173 3.774  0.020  1.00 0.00 ? 7 PHE A HD1  6  
ATOM 627  H HD2  . PHE A 1 7 ? -2.765 -0.490 0.209  1.00 0.00 ? 7 PHE A HD2  6  
ATOM 628  H HE1  . PHE A 1 7 ? -4.255 4.162  1.225  1.00 0.00 ? 7 PHE A HE1  6  
ATOM 629  H HE2  . PHE A 1 7 ? -4.909 -0.135 1.496  1.00 0.00 ? 7 PHE A HE2  6  
ATOM 630  H HZ   . PHE A 1 7 ? -5.668 2.208  1.968  1.00 0.00 ? 7 PHE A HZ   6  
ATOM 631  N N    . ASP A 1 8 ? 0.629  3.004  -2.889 1.00 0.00 ? 8 ASP A N    6  
ATOM 632  C CA   . ASP A 1 8 ? 1.918  3.477  -3.414 1.00 0.00 ? 8 ASP A CA   6  
ATOM 633  C C    . ASP A 1 8 ? 3.053  3.273  -2.389 1.00 0.00 ? 8 ASP A C    6  
ATOM 634  O O    . ASP A 1 8 ? 4.225  3.445  -2.712 1.00 0.00 ? 8 ASP A O    6  
ATOM 635  C CB   . ASP A 1 8 ? 1.802  4.979  -3.758 1.00 0.00 ? 8 ASP A CB   6  
ATOM 636  C CG   . ASP A 1 8 ? 0.832  5.251  -4.897 1.00 0.00 ? 8 ASP A CG   6  
ATOM 637  O OD1  . ASP A 1 8 ? 1.166  4.872  -6.033 1.00 0.00 ? 8 ASP A OD1  6  
ATOM 638  O OD2  . ASP A 1 8 ? -0.228 5.840  -4.653 1.00 0.00 ? 8 ASP A OD2  6  
ATOM 639  H H    . ASP A 1 8 ? 0.004  3.718  -2.506 1.00 0.00 ? 8 ASP A H    6  
ATOM 640  H HA   . ASP A 1 8 ? 2.146  2.929  -4.318 1.00 0.00 ? 8 ASP A HA   6  
ATOM 641  H HB2  . ASP A 1 8 ? 1.459  5.536  -2.886 1.00 0.00 ? 8 ASP A HB2  6  
ATOM 642  H HB3  . ASP A 1 8 ? 2.809  5.361  -4.004 1.00 0.00 ? 8 ASP A HB3  6  
ATOM 643  N N    . PHE A 1 1 ? 2.031  2.116  -1.146 1.00 0.00 ? 1 PHE A N    7  
ATOM 644  C CA   . PHE A 1 1 ? 2.595  2.609  0.087  1.00 0.00 ? 1 PHE A CA   7  
ATOM 645  C C    . PHE A 1 1 ? 2.705  1.466  1.064  1.00 0.00 ? 1 PHE A C    7  
ATOM 646  O O    . PHE A 1 1 ? 2.092  0.421  0.858  1.00 0.00 ? 1 PHE A O    7  
ATOM 647  C CB   . PHE A 1 1 ? 1.672  3.720  0.605  1.00 0.00 ? 1 PHE A CB   7  
ATOM 648  C CG   . PHE A 1 1 ? 2.164  4.426  1.825  1.00 0.00 ? 1 PHE A CG   7  
ATOM 649  C CD1  . PHE A 1 1 ? 1.502  4.324  3.039  1.00 0.00 ? 1 PHE A CD1  7  
ATOM 650  C CD2  . PHE A 1 1 ? 3.302  5.216  1.748  1.00 0.00 ? 1 PHE A CD2  7  
ATOM 651  C CE1  . PHE A 1 1 ? 1.979  4.977  4.202  1.00 0.00 ? 1 PHE A CE1  7  
ATOM 652  C CE2  . PHE A 1 1 ? 3.789  5.876  2.935  1.00 0.00 ? 1 PHE A CE2  7  
ATOM 653  C CZ   . PHE A 1 1 ? 3.138  5.728  4.161  1.00 0.00 ? 1 PHE A CZ   7  
ATOM 654  H H1   . PHE A 1 1 ? 1.267  1.476  -1.080 1.00 0.00 ? 1 PHE A H1   7  
ATOM 655  H HA   . PHE A 1 1 ? 3.590  2.991  -0.118 1.00 0.00 ? 1 PHE A HA   7  
ATOM 656  H HB2  . PHE A 1 1 ? 1.566  4.475  -0.178 1.00 0.00 ? 1 PHE A HB2  7  
ATOM 657  H HB3  . PHE A 1 1 ? 0.691  3.311  0.809  1.00 0.00 ? 1 PHE A HB3  7  
ATOM 658  H HD1  . PHE A 1 1 ? 0.631  3.756  3.079  1.00 0.00 ? 1 PHE A HD1  7  
ATOM 659  H HD2  . PHE A 1 1 ? 3.856  5.314  0.793  1.00 0.00 ? 1 PHE A HD2  7  
ATOM 660  H HE1  . PHE A 1 1 ? 1.452  4.847  5.118  1.00 0.00 ? 1 PHE A HE1  7  
ATOM 661  H HE2  . PHE A 1 1 ? 4.645  6.518  2.889  1.00 0.00 ? 1 PHE A HE2  7  
ATOM 662  H HZ   . PHE A 1 1 ? 3.497  6.198  5.081  1.00 0.00 ? 1 PHE A HZ   7  
ATOM 663  N N    . VAL A 1 2 ? 3.461  1.659  2.116  1.00 0.00 ? 2 VAL A N    7  
ATOM 664  C CA   . VAL A 1 2 ? 3.646  0.575  3.090  1.00 0.00 ? 2 VAL A CA   7  
ATOM 665  C C    . VAL A 1 2 ? 2.310  0.341  3.879  1.00 0.00 ? 2 VAL A C    7  
ATOM 666  O O    . VAL A 1 2 ? 1.540  1.287  4.137  1.00 0.00 ? 2 VAL A O    7  
ATOM 667  C CB   . VAL A 1 2 ? 4.877  0.861  4.036  1.00 0.00 ? 2 VAL A CB   7  
ATOM 668  C CG1  . VAL A 1 2 ? 4.606  2.064  4.987  1.00 0.00 ? 2 VAL A CG1  7  
ATOM 669  C CG2  . VAL A 1 2 ? 5.259  -0.383 4.879  1.00 0.00 ? 2 VAL A CG2  7  
ATOM 670  H H    . VAL A 1 2 ? 3.897  2.521  2.264  1.00 0.00 ? 2 VAL A H    7  
ATOM 671  H HA   . VAL A 1 2 ? 3.871  -0.332 2.534  1.00 0.00 ? 2 VAL A HA   7  
ATOM 672  H HB   . VAL A 1 2 ? 5.709  1.119  3.415  1.00 0.00 ? 2 VAL A HB   7  
ATOM 673  H HG11 . VAL A 1 2 ? 4.307  2.941  4.394  1.00 0.00 ? 2 VAL A HG11 7  
ATOM 674  H HG12 . VAL A 1 2 ? 5.492  2.310  5.532  1.00 0.00 ? 2 VAL A HG12 7  
ATOM 675  H HG13 . VAL A 1 2 ? 3.795  1.814  5.679  1.00 0.00 ? 2 VAL A HG13 7  
ATOM 676  H HG21 . VAL A 1 2 ? 6.188  -0.195 5.415  1.00 0.00 ? 2 VAL A HG21 7  
ATOM 677  H HG22 . VAL A 1 2 ? 5.409  -1.240 4.210  1.00 0.00 ? 2 VAL A HG22 7  
ATOM 678  H HG23 . VAL A 1 2 ? 4.485  -0.641 5.576  1.00 0.00 ? 2 VAL A HG23 7  
ATOM 679  N N    . GLY A 1 3 ? 2.075  -0.923 4.232  1.00 0.00 ? 3 GLY A N    7  
ATOM 680  C CA   . GLY A 1 3 ? 0.909  -1.278 5.033  1.00 0.00 ? 3 GLY A CA   7  
ATOM 681  C C    . GLY A 1 3 ? -0.437 -1.057 4.379  1.00 0.00 ? 3 GLY A C    7  
ATOM 682  O O    . GLY A 1 3 ? -1.415 -0.872 5.043  1.00 0.00 ? 3 GLY A O    7  
ATOM 683  H H    . GLY A 1 3 ? 2.734  -1.651 3.994  1.00 0.00 ? 3 GLY A H    7  
ATOM 684  H HA2  . GLY A 1 3 ? 0.986  -2.325 5.330  1.00 0.00 ? 3 GLY A HA2  7  
ATOM 685  H HA3  . GLY A 1 3 ? 0.919  -0.665 5.943  1.00 0.00 ? 3 GLY A HA3  7  
ATOM 686  N N    . GLY A 1 4 ? -0.458 -1.114 3.078  1.00 0.00 ? 4 GLY A N    7  
ATOM 687  C CA   . GLY A 1 4 ? -1.689 -0.972 2.307  1.00 0.00 ? 4 GLY A CA   7  
ATOM 688  C C    . GLY A 1 4 ? -1.577 -1.673 0.969  1.00 0.00 ? 4 GLY A C    7  
ATOM 689  O O    . GLY A 1 4 ? -0.675 -1.393 0.140  1.00 0.00 ? 4 GLY A O    7  
ATOM 690  H H    . GLY A 1 4 ? 0.415  -1.264 2.582  1.00 0.00 ? 4 GLY A H    7  
ATOM 691  H HA2  . GLY A 1 4 ? -2.510 -1.363 2.884  1.00 0.00 ? 4 GLY A HA2  7  
ATOM 692  H HA3  . GLY A 1 4 ? -1.846 0.088  2.127  1.00 0.00 ? 4 GLY A HA3  7  
ATOM 693  N N    . THR A 1 5 ? -2.534 -2.560 0.714  1.00 0.00 ? 5 THR A N    7  
ATOM 694  C CA   . THR A 1 5 ? -2.585 -3.278 -0.576 1.00 0.00 ? 5 THR A CA   7  
ATOM 695  C C    . THR A 1 5 ? -2.982 -2.317 -1.685 1.00 0.00 ? 5 THR A C    7  
ATOM 696  O O    . THR A 1 5 ? -3.954 -1.569 -1.551 1.00 0.00 ? 5 THR A O    7  
ATOM 697  C CB   . THR A 1 5 ? -3.658 -4.329 -0.517 1.00 0.00 ? 5 THR A CB   7  
ATOM 698  O OG1  . THR A 1 5 ? -4.807 -3.724 0.107  1.00 0.00 ? 5 THR A OG1  7  
ATOM 699  C CG2  . THR A 1 5 ? -3.253 -5.520 0.255  1.00 0.00 ? 5 THR A CG2  7  
ATOM 700  H H    . THR A 1 5 ? -3.273 -2.741 1.402  1.00 0.00 ? 5 THR A H    7  
ATOM 701  H HA   . THR A 1 5 ? -1.621 -3.732 -0.802 1.00 0.00 ? 5 THR A HA   7  
ATOM 702  H HB   . THR A 1 5 ? -3.926 -4.639 -1.527 1.00 0.00 ? 5 THR A HB   7  
ATOM 703  H HG1  . THR A 1 5 ? -4.969 -2.881 -0.315 1.00 0.00 ? 5 THR A HG1  7  
ATOM 704  H HG21 . THR A 1 5 ? -2.415 -6.014 -0.251 1.00 0.00 ? 5 THR A HG21 7  
ATOM 705  H HG22 . THR A 1 5 ? -4.101 -6.211 0.295  1.00 0.00 ? 5 THR A HG22 7  
ATOM 706  H HG23 . THR A 1 5 ? -2.993 -5.207 1.267  1.00 0.00 ? 5 THR A HG23 7  
ATOM 707  N N    . SER A 1 6 ? -2.209 -2.343 -2.761 1.00 0.00 ? 6 SER A N    7  
ATOM 708  C CA   . SER A 1 6 ? -2.401 -1.528 -3.994 1.00 0.00 ? 6 SER A CA   7  
ATOM 709  C C    . SER A 1 6 ? -2.408 -0.032 -3.807 1.00 0.00 ? 6 SER A C    7  
ATOM 710  O O    . SER A 1 6 ? -2.848 0.680  -4.698 1.00 0.00 ? 6 SER A O    7  
ATOM 711  C CB   . SER A 1 6 ? -3.689 -1.921 -4.746 1.00 0.00 ? 6 SER A CB   7  
ATOM 712  O OG   . SER A 1 6 ? -3.863 -3.315 -4.787 1.00 0.00 ? 6 SER A OG   7  
ATOM 713  H H    . SER A 1 6 ? -1.448 -2.943 -2.764 1.00 0.00 ? 6 SER A H    7  
ATOM 714  H HA   . SER A 1 6 ? -1.583 -1.798 -4.656 1.00 0.00 ? 6 SER A HA   7  
ATOM 715  H HB2  . SER A 1 6 ? -4.559 -1.427 -4.265 1.00 0.00 ? 6 SER A HB2  7  
ATOM 716  H HB3  . SER A 1 6 ? -3.623 -1.565 -5.793 1.00 0.00 ? 6 SER A HB3  7  
ATOM 717  H HG   . SER A 1 6 ? -4.763 -3.499 -4.561 1.00 0.00 ? 6 SER A HG   7  
ATOM 718  N N    . PHE A 1 7 ? -1.993 0.474  -2.645 1.00 0.00 ? 7 PHE A N    7  
ATOM 719  C CA   . PHE A 1 7 ? -1.947 1.913  -2.395 1.00 0.00 ? 7 PHE A CA   7  
ATOM 720  C C    . PHE A 1 7 ? -0.595 2.468  -2.783 1.00 0.00 ? 7 PHE A C    7  
ATOM 721  O O    . PHE A 1 7 ? -0.385 3.663  -2.696 1.00 0.00 ? 7 PHE A O    7  
ATOM 722  C CB   . PHE A 1 7 ? -2.224 2.199  -0.947 1.00 0.00 ? 7 PHE A CB   7  
ATOM 723  C CG   . PHE A 1 7 ? -3.668 2.149  -0.600 1.00 0.00 ? 7 PHE A CG   7  
ATOM 724  C CD1  . PHE A 1 7 ? -4.528 3.211  -0.997 1.00 0.00 ? 7 PHE A CD1  7  
ATOM 725  C CD2  . PHE A 1 7 ? -4.215 1.060  0.120  1.00 0.00 ? 7 PHE A CD2  7  
ATOM 726  C CE1  . PHE A 1 7 ? -5.913 3.208  -0.665 1.00 0.00 ? 7 PHE A CE1  7  
ATOM 727  C CE2  . PHE A 1 7 ? -5.591 1.053  0.460  1.00 0.00 ? 7 PHE A CE2  7  
ATOM 728  C CZ   . PHE A 1 7 ? -6.437 2.132  0.083  1.00 0.00 ? 7 PHE A CZ   7  
ATOM 729  H H    . PHE A 1 7 ? -1.663 -0.152 -1.928 1.00 0.00 ? 7 PHE A H    7  
ATOM 730  H HA   . PHE A 1 7 ? -2.699 2.402  -2.988 1.00 0.00 ? 7 PHE A HA   7  
ATOM 731  H HB2  . PHE A 1 7 ? -1.694 1.476  -0.330 1.00 0.00 ? 7 PHE A HB2  7  
ATOM 732  H HB3  . PHE A 1 7 ? -1.855 3.206  -0.721 1.00 0.00 ? 7 PHE A HB3  7  
ATOM 733  H HD1  . PHE A 1 7 ? -4.127 4.037  -1.598 1.00 0.00 ? 7 PHE A HD1  7  
ATOM 734  H HD2  . PHE A 1 7 ? -3.586 0.225  0.416  1.00 0.00 ? 7 PHE A HD2  7  
ATOM 735  H HE1  . PHE A 1 7 ? -6.576 3.994  -0.957 1.00 0.00 ? 7 PHE A HE1  7  
ATOM 736  H HE2  . PHE A 1 7 ? -5.962 0.209  1.019  1.00 0.00 ? 7 PHE A HE2  7  
ATOM 737  H HZ   . PHE A 1 7 ? -7.467 2.145  0.341  1.00 0.00 ? 7 PHE A HZ   7  
ATOM 738  N N    . ASP A 1 8 ? 0.284  1.566  -3.206 1.00 0.00 ? 8 ASP A N    7  
ATOM 739  C CA   . ASP A 1 8 ? 1.707  1.842  -3.544 1.00 0.00 ? 8 ASP A CA   7  
ATOM 740  C C    . ASP A 1 8 ? 2.458  2.487  -2.347 1.00 0.00 ? 8 ASP A C    7  
ATOM 741  O O    . ASP A 1 8 ? 3.392  3.281  -2.472 1.00 0.00 ? 8 ASP A O    7  
ATOM 742  C CB   . ASP A 1 8 ? 1.838  2.667  -4.821 1.00 0.00 ? 8 ASP A CB   7  
ATOM 743  C CG   . ASP A 1 8 ? 3.239  2.623  -5.389 1.00 0.00 ? 8 ASP A CG   7  
ATOM 744  O OD1  . ASP A 1 8 ? 3.893  1.618  -5.183 1.00 0.00 ? 8 ASP A OD1  7  
ATOM 745  O OD2  . ASP A 1 8 ? 3.647  3.571  -6.046 1.00 0.00 ? 8 ASP A OD2  7  
ATOM 746  H H    . ASP A 1 8 ? -0.026 0.628  -3.300 1.00 0.00 ? 8 ASP A H    7  
ATOM 747  H HA   . ASP A 1 8 ? 2.193  0.876  -3.721 1.00 0.00 ? 8 ASP A HA   7  
ATOM 748  H HB2  . ASP A 1 8 ? 1.182  2.299  -5.596 1.00 0.00 ? 8 ASP A HB2  7  
ATOM 749  H HB3  . ASP A 1 8 ? 1.581  3.701  -4.570 1.00 0.00 ? 8 ASP A HB3  7  
ATOM 750  N N    . PHE A 1 1 ? 1.168  2.589  -0.936 1.00 0.00 ? 1 PHE A N    8  
ATOM 751  C CA   . PHE A 1 1 ? 1.319  2.858  0.484  1.00 0.00 ? 1 PHE A CA   8  
ATOM 752  C C    . PHE A 1 1 ? 1.897  1.612  1.148  1.00 0.00 ? 1 PHE A C    8  
ATOM 753  O O    . PHE A 1 1 ? 1.337  0.504  1.007  1.00 0.00 ? 1 PHE A O    8  
ATOM 754  C CB   . PHE A 1 1 ? -0.056 3.173  1.109  1.00 0.00 ? 1 PHE A CB   8  
ATOM 755  C CG   . PHE A 1 1 ? -0.016 3.271  2.632  1.00 0.00 ? 1 PHE A CG   8  
ATOM 756  C CD1  . PHE A 1 1 ? 0.543  4.398  3.272  1.00 0.00 ? 1 PHE A CD1  8  
ATOM 757  C CD2  . PHE A 1 1 ? -0.539 2.209  3.421  1.00 0.00 ? 1 PHE A CD2  8  
ATOM 758  C CE1  . PHE A 1 1 ? 0.590  4.483  4.699  1.00 0.00 ? 1 PHE A CE1  8  
ATOM 759  C CE2  . PHE A 1 1 ? -0.497 2.285  4.855  1.00 0.00 ? 1 PHE A CE2  8  
ATOM 760  C CZ   . PHE A 1 1 ? 0.071  3.424  5.490  1.00 0.00 ? 1 PHE A CZ   8  
ATOM 761  H H1   . PHE A 1 1 ? 0.807  1.678  -1.228 1.00 0.00 ? 1 PHE A H1   8  
ATOM 762  H HA   . PHE A 1 1 ? 2.005  3.704  0.631  1.00 0.00 ? 1 PHE A HA   8  
ATOM 763  H HB2  . PHE A 1 1 ? -0.470 4.079  0.679  1.00 0.00 ? 1 PHE A HB2  8  
ATOM 764  H HB3  . PHE A 1 1 ? -0.718 2.354  0.854  1.00 0.00 ? 1 PHE A HB3  8  
ATOM 765  H HD1  . PHE A 1 1 ? 0.942  5.206  2.681  1.00 0.00 ? 1 PHE A HD1  8  
ATOM 766  H HD2  . PHE A 1 1 ? -0.999 1.367  2.919  1.00 0.00 ? 1 PHE A HD2  8  
ATOM 767  H HE1  . PHE A 1 1 ? 1.033  5.342  5.162  1.00 0.00 ? 1 PHE A HE1  8  
ATOM 768  H HE2  . PHE A 1 1 ? -0.896 1.487  5.435  1.00 0.00 ? 1 PHE A HE2  8  
ATOM 769  H HZ   . PHE A 1 1 ? 0.082  3.469  6.572  1.00 0.00 ? 1 PHE A HZ   8  
ATOM 770  N N    . VAL A 1 2 ? 3.007  1.740  1.845  1.00 0.00 ? 2 VAL A N    8  
ATOM 771  C CA   . VAL A 1 2 ? 3.585  0.587  2.519  1.00 0.00 ? 2 VAL A CA   8  
ATOM 772  C C    . VAL A 1 2 ? 2.712  0.202  3.697  1.00 0.00 ? 2 VAL A C    8  
ATOM 773  O O    . VAL A 1 2 ? 2.507  0.965  4.632  1.00 0.00 ? 2 VAL A O    8  
ATOM 774  C CB   . VAL A 1 2 ? 5.029  0.866  3.025  1.00 0.00 ? 2 VAL A CB   8  
ATOM 775  C CG1  . VAL A 1 2 ? 5.677  -0.437 3.496  1.00 0.00 ? 2 VAL A CG1  8  
ATOM 776  C CG2  . VAL A 1 2 ? 5.895  1.533  1.899  1.00 0.00 ? 2 VAL A CG2  8  
ATOM 777  H H    . VAL A 1 2 ? 3.463  2.655  1.953  1.00 0.00 ? 2 VAL A H    8  
ATOM 778  H HA   . VAL A 1 2 ? 3.615  -0.236 1.811  1.00 0.00 ? 2 VAL A HA   8  
ATOM 779  H HB   . VAL A 1 2 ? 4.990  1.554  3.859  1.00 0.00 ? 2 VAL A HB   8  
ATOM 780  H HG11 . VAL A 1 2 ? 5.767  -1.149 2.683  1.00 0.00 ? 2 VAL A HG11 8  
ATOM 781  H HG12 . VAL A 1 2 ? 5.074  -0.865 4.278  1.00 0.00 ? 2 VAL A HG12 8  
ATOM 782  H HG13 . VAL A 1 2 ? 6.665  -0.217 3.898  1.00 0.00 ? 2 VAL A HG13 8  
ATOM 783  H HG21 . VAL A 1 2 ? 5.600  2.585  1.821  1.00 0.00 ? 2 VAL A HG21 8  
ATOM 784  H HG22 . VAL A 1 2 ? 5.732  1.027  0.945  1.00 0.00 ? 2 VAL A HG22 8  
ATOM 785  H HG23 . VAL A 1 2 ? 6.960  1.461  2.188  1.00 0.00 ? 2 VAL A HG23 8  
ATOM 786  N N    . GLY A 1 3 ? 2.166  -0.986 3.645  1.00 0.00 ? 3 GLY A N    8  
ATOM 787  C CA   . GLY A 1 3 ? 1.316  -1.469 4.722  1.00 0.00 ? 3 GLY A CA   8  
ATOM 788  C C    . GLY A 1 3 ? -0.104 -1.737 4.204  1.00 0.00 ? 3 GLY A C    8  
ATOM 789  O O    . GLY A 1 3 ? -0.912 -2.362 4.889  1.00 0.00 ? 3 GLY A O    8  
ATOM 790  H H    . GLY A 1 3 ? 2.347  -1.602 2.856  1.00 0.00 ? 3 GLY A H    8  
ATOM 791  H HA2  . GLY A 1 3 ? 1.745  -2.381 5.169  1.00 0.00 ? 3 GLY A HA2  8  
ATOM 792  H HA3  . GLY A 1 3 ? 1.262  -0.705 5.495  1.00 0.00 ? 3 GLY A HA3  8  
ATOM 793  N N    . GLY A 1 4 ? -0.432 -1.253 3.011  1.00 0.00 ? 4 GLY A N    8  
ATOM 794  C CA   . GLY A 1 4 ? -1.777 -1.453 2.472  1.00 0.00 ? 4 GLY A CA   8  
ATOM 795  C C    . GLY A 1 4 ? -1.782 -1.964 1.071  1.00 0.00 ? 4 GLY A C    8  
ATOM 796  O O    . GLY A 1 4 ? -0.835 -1.765 0.325  1.00 0.00 ? 4 GLY A O    8  
ATOM 797  H H    . GLY A 1 4 ? 0.253  -0.740 2.442  1.00 0.00 ? 4 GLY A H    8  
ATOM 798  H HA2  . GLY A 1 4 ? -2.332 -2.156 3.078  1.00 0.00 ? 4 GLY A HA2  8  
ATOM 799  H HA3  . GLY A 1 4 ? -2.299 -0.504 2.497  1.00 0.00 ? 4 GLY A HA3  8  
ATOM 800  N N    . THR A 1 5 ? -2.859 -2.649 0.664  1.00 0.00 ? 5 THR A N    8  
ATOM 801  C CA   . THR A 1 5 ? -2.937 -3.242 -0.711 1.00 0.00 ? 5 THR A CA   8  
ATOM 802  C C    . THR A 1 5 ? -3.253 -2.192 -1.762 1.00 0.00 ? 5 THR A C    8  
ATOM 803  O O    . THR A 1 5 ? -3.775 -2.503 -2.814 1.00 0.00 ? 5 THR A O    8  
ATOM 804  C CB   . THR A 1 5 ? -4.019 -4.314 -0.776 1.00 0.00 ? 5 THR A CB   8  
ATOM 805  O OG1  . THR A 1 5 ? -5.260 -3.722 -0.403 1.00 0.00 ? 5 THR A OG1  8  
ATOM 806  C CG2  . THR A 1 5 ? -3.749 -5.473 0.183  1.00 0.00 ? 5 THR A CG2  8  
ATOM 807  H H    . THR A 1 5 ? -3.649 -2.779 1.276  1.00 0.00 ? 5 THR A H    8  
ATOM 808  H HA   . THR A 1 5 ? -1.983 -3.700 -0.959 1.00 0.00 ? 5 THR A HA   8  
ATOM 809  H HB   . THR A 1 5 ? -4.101 -4.713 -1.782 1.00 0.00 ? 5 THR A HB   8  
ATOM 810  H HG1  . THR A 1 5 ? -5.602 -3.214 -1.171 1.00 0.00 ? 5 THR A HG1  8  
ATOM 811  H HG21 . THR A 1 5 ? -4.076 -5.209 1.189  1.00 0.00 ? 5 THR A HG21 8  
ATOM 812  H HG22 . THR A 1 5 ? -2.690 -5.718 0.198  1.00 0.00 ? 5 THR A HG22 8  
ATOM 813  H HG23 . THR A 1 5 ? -4.317 -6.335 -0.159 1.00 0.00 ? 5 THR A HG23 8  
ATOM 814  N N    . SER A 1 6 ? -2.936 -0.941 -1.473 1.00 0.00 ? 6 SER A N    8  
ATOM 815  C CA   . SER A 1 6 ? -3.157 0.170  -2.407 1.00 0.00 ? 6 SER A CA   8  
ATOM 816  C C    . SER A 1 6 ? -2.000 0.260  -3.414 1.00 0.00 ? 6 SER A C    8  
ATOM 817  O O    . SER A 1 6 ? -2.086 1.034  -4.357 1.00 0.00 ? 6 SER A O    8  
ATOM 818  C CB   . SER A 1 6 ? -3.237 1.492  -1.622 1.00 0.00 ? 6 SER A CB   8  
ATOM 819  O OG   . SER A 1 6 ? -4.058 1.312  -0.494 1.00 0.00 ? 6 SER A OG   8  
ATOM 820  H H    . SER A 1 6 ? -2.490 -0.731 -0.583 1.00 0.00 ? 6 SER A H    8  
ATOM 821  H HA   . SER A 1 6 ? -4.102 0.021  -2.931 1.00 0.00 ? 6 SER A HA   8  
ATOM 822  H HB2  . SER A 1 6 ? -2.234 1.768  -1.297 1.00 0.00 ? 6 SER A HB2  8  
ATOM 823  H HB3  . SER A 1 6 ? -3.641 2.286  -2.253 1.00 0.00 ? 6 SER A HB3  8  
ATOM 824  H HG   . SER A 1 6 ? -4.980 1.236  -0.783 1.00 0.00 ? 6 SER A HG   8  
ATOM 825  N N    . PHE A 1 7 ? -0.950 -0.530 -3.177 1.00 0.00 ? 7 PHE A N    8  
ATOM 826  C CA   . PHE A 1 7 ? 0.267  -0.580 -4.014 1.00 0.00 ? 7 PHE A CA   8  
ATOM 827  C C    . PHE A 1 7 ? 1.003  0.756  -4.146 1.00 0.00 ? 7 PHE A C    8  
ATOM 828  O O    . PHE A 1 7 ? 1.899  0.895  -4.937 1.00 0.00 ? 7 PHE A O    8  
ATOM 829  C CB   . PHE A 1 7 ? -0.063 -1.153 -5.409 1.00 0.00 ? 7 PHE A CB   8  
ATOM 830  C CG   . PHE A 1 7 ? -0.649 -2.561 -5.400 1.00 0.00 ? 7 PHE A CG   8  
ATOM 831  C CD1  . PHE A 1 7 ? -2.030 -2.790 -5.523 1.00 0.00 ? 7 PHE A CD1  8  
ATOM 832  C CD2  . PHE A 1 7 ? 0.198  -3.682 -5.241 1.00 0.00 ? 7 PHE A CD2  8  
ATOM 833  C CE1  . PHE A 1 7 ? -2.558 -4.104 -5.474 1.00 0.00 ? 7 PHE A CE1  8  
ATOM 834  C CE2  . PHE A 1 7 ? -0.315 -5.046 -5.242 1.00 0.00 ? 7 PHE A CE2  8  
ATOM 835  C CZ   . PHE A 1 7 ? -1.691 -5.223 -5.363 1.00 0.00 ? 7 PHE A CZ   8  
ATOM 836  H H    . PHE A 1 7 ? -0.986 -1.154 -2.378 1.00 0.00 ? 7 PHE A H    8  
ATOM 837  H HA   . PHE A 1 7 ? 0.978  -1.257 -3.540 1.00 0.00 ? 7 PHE A HA   8  
ATOM 838  H HB2  . PHE A 1 7 ? -0.789 -0.521 -5.885 1.00 0.00 ? 7 PHE A HB2  8  
ATOM 839  H HB3  . PHE A 1 7 ? 0.850  -1.157 -6.013 1.00 0.00 ? 7 PHE A HB3  8  
ATOM 840  H HD1  . PHE A 1 7 ? -2.682 -1.973 -5.636 1.00 0.00 ? 7 PHE A HD1  8  
ATOM 841  H HD2  . PHE A 1 7 ? 1.261  -3.523 -5.140 1.00 0.00 ? 7 PHE A HD2  8  
ATOM 842  H HE1  . PHE A 1 7 ? -3.630 -4.245 -5.563 1.00 0.00 ? 7 PHE A HE1  8  
ATOM 843  H HE2  . PHE A 1 7 ? 0.325  -5.921 -5.112 1.00 0.00 ? 7 PHE A HE2  8  
ATOM 844  H HZ   . PHE A 1 7 ? -2.087 -6.241 -5.348 1.00 0.00 ? 7 PHE A HZ   8  
ATOM 845  N N    . ASP A 1 8 ? 0.649  1.718  -3.322 1.00 0.00 ? 8 ASP A N    8  
ATOM 846  C CA   . ASP A 1 8 ? 1.333  3.020  -3.322 1.00 0.00 ? 8 ASP A CA   8  
ATOM 847  C C    . ASP A 1 8 ? 1.528  3.470  -1.856 1.00 0.00 ? 8 ASP A C    8  
ATOM 848  O O    . ASP A 1 8 ? 1.935  4.561  -1.564 1.00 0.00 ? 8 ASP A O    8  
ATOM 849  C CB   . ASP A 1 8 ? 0.506  4.046  -4.089 1.00 0.00 ? 8 ASP A CB   8  
ATOM 850  C CG   . ASP A 1 8 ? 1.332  5.110  -4.765 1.00 0.00 ? 8 ASP A CG   8  
ATOM 851  O OD1  . ASP A 1 8 ? 2.490  5.322  -4.344 1.00 0.00 ? 8 ASP A OD1  8  
ATOM 852  O OD2  . ASP A 1 8 ? 0.832  5.737  -5.733 1.00 0.00 ? 8 ASP A OD2  8  
ATOM 853  H H    . ASP A 1 8 ? -0.122 1.596  -2.679 1.00 0.00 ? 8 ASP A H    8  
ATOM 854  H HA   . ASP A 1 8 ? 2.309  2.923  -3.806 1.00 0.00 ? 8 ASP A HA   8  
ATOM 855  H HB2  . ASP A 1 8 ? -0.051 3.482  -4.856 1.00 0.00 ? 8 ASP A HB2  8  
ATOM 856  H HB3  . ASP A 1 8 ? -0.211 4.504  -3.407 1.00 0.00 ? 8 ASP A HB3  8  
ATOM 857  N N    . PHE A 1 1 ? 1.887  2.003  -0.579 1.00 0.00 ? 1 PHE A N    9  
ATOM 858  C CA   . PHE A 1 1 ? 1.894  2.879  0.588  1.00 0.00 ? 1 PHE A CA   9  
ATOM 859  C C    . PHE A 1 1 ? 2.462  2.031  1.724  1.00 0.00 ? 1 PHE A C    9  
ATOM 860  O O    . PHE A 1 1 ? 2.762  0.880  1.491  1.00 0.00 ? 1 PHE A O    9  
ATOM 861  C CB   . PHE A 1 1 ? 0.466  3.377  0.871  1.00 0.00 ? 1 PHE A CB   9  
ATOM 862  C CG   . PHE A 1 1 ? 0.393  4.647  1.687  1.00 0.00 ? 1 PHE A CG   9  
ATOM 863  C CD1  . PHE A 1 1 ? 0.818  5.882  1.174  1.00 0.00 ? 1 PHE A CD1  9  
ATOM 864  C CD2  . PHE A 1 1 ? -0.084 4.628  2.993  1.00 0.00 ? 1 PHE A CD2  9  
ATOM 865  C CE1  . PHE A 1 1 ? 0.730  7.067  1.939  1.00 0.00 ? 1 PHE A CE1  9  
ATOM 866  C CE2  . PHE A 1 1 ? -0.157 5.829  3.763  1.00 0.00 ? 1 PHE A CE2  9  
ATOM 867  C CZ   . PHE A 1 1 ? 0.241  7.040  3.225  1.00 0.00 ? 1 PHE A CZ   9  
ATOM 868  H H1   . PHE A 1 1 ? 1.615  1.010  -0.422 1.00 0.00 ? 1 PHE A H1   9  
ATOM 869  H HA   . PHE A 1 1 ? 2.535  3.735  0.400  1.00 0.00 ? 1 PHE A HA   9  
ATOM 870  H HB2  . PHE A 1 1 ? -0.036 3.556  -0.062 1.00 0.00 ? 1 PHE A HB2  9  
ATOM 871  H HB3  . PHE A 1 1 ? -0.060 2.591  1.389  1.00 0.00 ? 1 PHE A HB3  9  
ATOM 872  H HD1  . PHE A 1 1 ? 1.211  5.924  0.174  1.00 0.00 ? 1 PHE A HD1  9  
ATOM 873  H HD2  . PHE A 1 1 ? -0.408 3.696  3.432  1.00 0.00 ? 1 PHE A HD2  9  
ATOM 874  H HE1  . PHE A 1 1 ? 1.059  7.989  1.526  1.00 0.00 ? 1 PHE A HE1  9  
ATOM 875  H HE2  . PHE A 1 1 ? -0.529 5.801  4.777  1.00 0.00 ? 1 PHE A HE2  9  
ATOM 876  H HZ   . PHE A 1 1 ? 0.180  7.980  3.792  1.00 0.00 ? 1 PHE A HZ   9  
ATOM 877  N N    . VAL A 1 2 ? 2.593  2.549  2.922  1.00 0.00 ? 2 VAL A N    9  
ATOM 878  C CA   . VAL A 1 2 ? 3.054  1.776  4.080  1.00 0.00 ? 2 VAL A CA   9  
ATOM 879  C C    . VAL A 1 2 ? 2.002  0.691  4.377  1.00 0.00 ? 2 VAL A C    9  
ATOM 880  O O    . VAL A 1 2 ? 0.818  0.981  4.485  1.00 0.00 ? 2 VAL A O    9  
ATOM 881  C CB   . VAL A 1 2 ? 3.237  2.659  5.375  1.00 0.00 ? 2 VAL A CB   9  
ATOM 882  C CG1  . VAL A 1 2 ? 3.716  1.802  6.588  1.00 0.00 ? 2 VAL A CG1  9  
ATOM 883  C CG2  . VAL A 1 2 ? 4.219  3.779  5.138  1.00 0.00 ? 2 VAL A CG2  9  
ATOM 884  H H    . VAL A 1 2 ? 2.380  3.509  3.057  1.00 0.00 ? 2 VAL A H    9  
ATOM 885  H HA   . VAL A 1 2 ? 3.991  1.297  3.831  1.00 0.00 ? 2 VAL A HA   9  
ATOM 886  H HB   . VAL A 1 2 ? 2.269  3.099  5.642  1.00 0.00 ? 2 VAL A HB   9  
ATOM 887  H HG11 . VAL A 1 2 ? 4.734  1.480  6.458  1.00 0.00 ? 2 VAL A HG11 9  
ATOM 888  H HG12 . VAL A 1 2 ? 3.080  0.946  6.724  1.00 0.00 ? 2 VAL A HG12 9  
ATOM 889  H HG13 . VAL A 1 2 ? 3.674  2.379  7.508  1.00 0.00 ? 2 VAL A HG13 9  
ATOM 890  H HG21 . VAL A 1 2 ? 5.121  3.381  4.674  1.00 0.00 ? 2 VAL A HG21 9  
ATOM 891  H HG22 . VAL A 1 2 ? 4.472  4.246  6.092  1.00 0.00 ? 2 VAL A HG22 9  
ATOM 892  H HG23 . VAL A 1 2 ? 3.770  4.540  4.498  1.00 0.00 ? 2 VAL A HG23 9  
ATOM 893  N N    . GLY A 1 3 ? 2.468  -0.553 4.536  1.00 0.00 ? 3 GLY A N    9  
ATOM 894  C CA   . GLY A 1 3 ? 1.574  -1.666 4.787  1.00 0.00 ? 3 GLY A CA   9  
ATOM 895  C C    . GLY A 1 3 ? 0.940  -2.181 3.497  1.00 0.00 ? 3 GLY A C    9  
ATOM 896  O O    . GLY A 1 3 ? 1.303  -1.739 2.443  1.00 0.00 ? 3 GLY A O    9  
ATOM 897  H H    . GLY A 1 3 ? 3.442  -0.737 4.447  1.00 0.00 ? 3 GLY A H    9  
ATOM 898  H HA2  . GLY A 1 3 ? 2.138  -2.459 5.233  1.00 0.00 ? 3 GLY A HA2  9  
ATOM 899  H HA3  . GLY A 1 3 ? 0.768  -1.368 5.478  1.00 0.00 ? 3 GLY A HA3  9  
ATOM 900  N N    . GLY A 1 4 ? -0.001 -3.108 3.589  1.00 0.00 ? 4 GLY A N    9  
ATOM 901  C CA   . GLY A 1 4 ? -0.677 -3.612 2.404  1.00 0.00 ? 4 GLY A CA   9  
ATOM 902  C C    . GLY A 1 4 ? -1.783 -2.691 1.894  1.00 0.00 ? 4 GLY A C    9  
ATOM 903  O O    . GLY A 1 4 ? -2.791 -2.512 2.565  1.00 0.00 ? 4 GLY A O    9  
ATOM 904  H H    . GLY A 1 4 ? -0.289 -3.478 4.477  1.00 0.00 ? 4 GLY A H    9  
ATOM 905  H HA2  . GLY A 1 4 ? 0.075  -3.745 1.606  1.00 0.00 ? 4 GLY A HA2  9  
ATOM 906  H HA3  . GLY A 1 4 ? -1.097 -4.583 2.623  1.00 0.00 ? 4 GLY A HA3  9  
ATOM 907  N N    . THR A 1 5 ? -1.598 -2.092 0.717  1.00 0.00 ? 5 THR A N    9  
ATOM 908  C CA   . THR A 1 5 ? -2.632 -1.233 0.079  1.00 0.00 ? 5 THR A CA   9  
ATOM 909  C C    . THR A 1 5 ? -2.644 -1.572 -1.441 1.00 0.00 ? 5 THR A C    9  
ATOM 910  O O    . THR A 1 5 ? -1.841 -2.382 -1.893 1.00 0.00 ? 5 THR A O    9  
ATOM 911  C CB   . THR A 1 5 ? -2.286 0.249  0.266  1.00 0.00 ? 5 THR A CB   9  
ATOM 912  O OG1  . THR A 1 5 ? -1.028 0.551  -0.360 1.00 0.00 ? 5 THR A OG1  9  
ATOM 913  C CG2  . THR A 1 5 ? -2.179 0.651  1.734  1.00 0.00 ? 5 THR A CG2  9  
ATOM 914  H H    . THR A 1 5 ? -0.727 -2.210 0.224  1.00 0.00 ? 5 THR A H    9  
ATOM 915  H HA   . THR A 1 5 ? -3.613 -1.448 0.500  1.00 0.00 ? 5 THR A HA   9  
ATOM 916  H HB   . THR A 1 5 ? -3.072 0.844  -0.209 1.00 0.00 ? 5 THR A HB   9  
ATOM 917  H HG1  . THR A 1 5 ? -0.315 0.510  0.316  1.00 0.00 ? 5 THR A HG1  9  
ATOM 918  H HG21 . THR A 1 5 ? -2.086 1.739  1.773  1.00 0.00 ? 5 THR A HG21 9  
ATOM 919  H HG22 . THR A 1 5 ? -1.315 0.173  2.205  1.00 0.00 ? 5 THR A HG22 9  
ATOM 920  H HG23 . THR A 1 5 ? -3.084 0.359  2.273  1.00 0.00 ? 5 THR A HG23 9  
ATOM 921  N N    . SER A 1 6 ? -3.542 -0.947 -2.194 1.00 0.00 ? 6 SER A N    9  
ATOM 922  C CA   . SER A 1 6 ? -3.682 -1.220 -3.625 1.00 0.00 ? 6 SER A CA   9  
ATOM 923  C C    . SER A 1 6 ? -2.838 -0.267 -4.495 1.00 0.00 ? 6 SER A C    9  
ATOM 924  O O    . SER A 1 6 ? -2.918 -0.280 -5.720 1.00 0.00 ? 6 SER A O    9  
ATOM 925  C CB   . SER A 1 6 ? -5.145 -1.070 -3.991 1.00 0.00 ? 6 SER A CB   9  
ATOM 926  O OG   . SER A 1 6 ? -5.442 -1.688 -5.242 1.00 0.00 ? 6 SER A OG   9  
ATOM 927  H H    . SER A 1 6 ? -4.170 -0.275 -1.760 1.00 0.00 ? 6 SER A H    9  
ATOM 928  H HA   . SER A 1 6 ? -3.385 -2.242 -3.803 1.00 0.00 ? 6 SER A HA   9  
ATOM 929  H HB2  . SER A 1 6 ? -5.750 -1.545 -3.216 1.00 0.00 ? 6 SER A HB2  9  
ATOM 930  H HB3  . SER A 1 6 ? -5.385 -0.006 -4.063 1.00 0.00 ? 6 SER A HB3  9  
ATOM 931  H HG   . SER A 1 6 ? -6.398 -1.745 -5.385 1.00 0.00 ? 6 SER A HG   9  
ATOM 932  N N    . PHE A 1 7 ? -2.022 0.571  -3.842 1.00 0.00 ? 7 PHE A N    9  
ATOM 933  C CA   . PHE A 1 7 ? -1.338 1.636  -4.568 1.00 0.00 ? 7 PHE A CA   9  
ATOM 934  C C    . PHE A 1 7 ? 0.055  2.050  -3.997 1.00 0.00 ? 7 PHE A C    9  
ATOM 935  O O    . PHE A 1 7 ? 0.468  3.208  -4.109 1.00 0.00 ? 7 PHE A O    9  
ATOM 936  C CB   . PHE A 1 7 ? -2.217 2.898  -4.624 1.00 0.00 ? 7 PHE A CB   9  
ATOM 937  C CG   . PHE A 1 7 ? -2.847 3.247  -3.282 1.00 0.00 ? 7 PHE A CG   9  
ATOM 938  C CD1  . PHE A 1 7 ? -2.122 3.995  -2.332 1.00 0.00 ? 7 PHE A CD1  9  
ATOM 939  C CD2  . PHE A 1 7 ? -4.149 2.846  -2.959 1.00 0.00 ? 7 PHE A CD2  9  
ATOM 940  C CE1  . PHE A 1 7 ? -2.710 4.322  -1.060 1.00 0.00 ? 7 PHE A CE1  9  
ATOM 941  C CE2  . PHE A 1 7 ? -4.723 3.206  -1.729 1.00 0.00 ? 7 PHE A CE2  9  
ATOM 942  C CZ   . PHE A 1 7 ? -4.007 3.909  -0.785 1.00 0.00 ? 7 PHE A CZ   9  
ATOM 943  H H    . PHE A 1 7 ? -1.918 0.512  -2.844 1.00 0.00 ? 7 PHE A H    9  
ATOM 944  H HA   . PHE A 1 7 ? -1.170 1.310  -5.578 1.00 0.00 ? 7 PHE A HA   9  
ATOM 945  H HB2  . PHE A 1 7 ? -1.632 3.706  -5.021 1.00 0.00 ? 7 PHE A HB2  9  
ATOM 946  H HB3  . PHE A 1 7 ? -3.040 2.729  -5.309 1.00 0.00 ? 7 PHE A HB3  9  
ATOM 947  H HD1  . PHE A 1 7 ? -1.100 4.324  -2.554 1.00 0.00 ? 7 PHE A HD1  9  
ATOM 948  H HD2  . PHE A 1 7 ? -4.683 2.254  -3.673 1.00 0.00 ? 7 PHE A HD2  9  
ATOM 949  H HE1  . PHE A 1 7 ? -2.143 4.901  -0.330 1.00 0.00 ? 7 PHE A HE1  9  
ATOM 950  H HE2  . PHE A 1 7 ? -5.770 2.909  -1.571 1.00 0.00 ? 7 PHE A HE2  9  
ATOM 951  H HZ   . PHE A 1 7 ? -4.470 4.118  0.190  1.00 0.00 ? 7 PHE A HZ   9  
ATOM 952  N N    . ASP A 1 8 ? 0.750  1.066  -3.392 1.00 0.00 ? 8 ASP A N    9  
ATOM 953  C CA   . ASP A 1 8 ? 2.139  1.254  -2.894 1.00 0.00 ? 8 ASP A CA   9  
ATOM 954  C C    . ASP A 1 8 ? 2.245  2.364  -1.818 1.00 0.00 ? 8 ASP A C    9  
ATOM 955  O O    . ASP A 1 8 ? 2.625  3.492  -2.056 1.00 0.00 ? 8 ASP A O    9  
ATOM 956  C CB   . ASP A 1 8 ? 3.170  1.536  -4.047 1.00 0.00 ? 8 ASP A CB   9  
ATOM 957  C CG   . ASP A 1 8 ? 4.589  1.429  -3.582 1.00 0.00 ? 8 ASP A CG   9  
ATOM 958  O OD1  . ASP A 1 8 ? 4.769  0.913  -2.467 1.00 0.00 ? 8 ASP A OD1  9  
ATOM 959  O OD2  . ASP A 1 8 ? 5.521  1.852  -4.313 1.00 0.00 ? 8 ASP A OD2  9  
ATOM 960  H H    . ASP A 1 8 ? 0.314  0.118  -3.294 1.00 0.00 ? 8 ASP A H    9  
ATOM 961  H HA   . ASP A 1 8 ? 2.435  0.313  -2.414 1.00 0.00 ? 8 ASP A HA   9  
ATOM 962  H HB2  . ASP A 1 8 ? 3.024  0.842  -4.852 1.00 0.00 ? 8 ASP A HB2  9  
ATOM 963  H HB3  . ASP A 1 8 ? 3.018  2.546  -4.409 1.00 0.00 ? 8 ASP A HB3  9  
ATOM 964  N N    . PHE A 1 1 ? 2.551  2.813  -0.912 1.00 0.00 ? 1 PHE A N    10 
ATOM 965  C CA   . PHE A 1 1 ? 3.098  3.207  0.391  1.00 0.00 ? 1 PHE A CA   10 
ATOM 966  C C    . PHE A 1 1 ? 3.326  1.973  1.242  1.00 0.00 ? 1 PHE A C    10 
ATOM 967  O O    . PHE A 1 1 ? 3.025  0.850  0.806  1.00 0.00 ? 1 PHE A O    10 
ATOM 968  C CB   . PHE A 1 1 ? 2.133  4.140  1.140  1.00 0.00 ? 1 PHE A CB   10 
ATOM 969  C CG   . PHE A 1 1 ? 1.041  3.424  1.861  1.00 0.00 ? 1 PHE A CG   10 
ATOM 970  C CD1  . PHE A 1 1 ? 0.134  2.597  1.172  1.00 0.00 ? 1 PHE A CD1  10 
ATOM 971  C CD2  . PHE A 1 1 ? 0.915  3.552  3.249  1.00 0.00 ? 1 PHE A CD2  10 
ATOM 972  C CE1  . PHE A 1 1 ? -0.890 1.930  1.846  1.00 0.00 ? 1 PHE A CE1  10 
ATOM 973  C CE2  . PHE A 1 1 ? -0.134 2.831  3.939  1.00 0.00 ? 1 PHE A CE2  10 
ATOM 974  C CZ   . PHE A 1 1 ? -1.021 2.030  3.228  1.00 0.00 ? 1 PHE A CZ   10 
ATOM 975  H H1   . PHE A 1 1 ? 2.072  1.922  -0.958 1.00 0.00 ? 1 PHE A H1   10 
ATOM 976  H HA   . PHE A 1 1 ? 4.066  3.722  0.244  1.00 0.00 ? 1 PHE A HA   10 
ATOM 977  H HB2  . PHE A 1 1 ? 2.698  4.715  1.866  1.00 0.00 ? 1 PHE A HB2  10 
ATOM 978  H HB3  . PHE A 1 1 ? 1.714  4.849  0.441  1.00 0.00 ? 1 PHE A HB3  10 
ATOM 979  H HD1  . PHE A 1 1 ? 0.224  2.438  0.100  1.00 0.00 ? 1 PHE A HD1  10 
ATOM 980  H HD2  . PHE A 1 1 ? 1.575  4.217  3.814  1.00 0.00 ? 1 PHE A HD2  10 
ATOM 981  H HE1  . PHE A 1 1 ? -1.586 1.323  1.292  1.00 0.00 ? 1 PHE A HE1  10 
ATOM 982  H HE2  . PHE A 1 1 ? -0.271 2.900  4.995  1.00 0.00 ? 1 PHE A HE2  10 
ATOM 983  H HZ   . PHE A 1 1 ? -1.796 1.488  3.739  1.00 0.00 ? 1 PHE A HZ   10 
ATOM 984  N N    . VAL A 1 2 ? 3.838  2.157  2.441  1.00 0.00 ? 2 VAL A N    10 
ATOM 985  C CA   . VAL A 1 2 ? 4.088  1.025  3.353  1.00 0.00 ? 2 VAL A CA   10 
ATOM 986  C C    . VAL A 1 2 ? 2.771  0.586  3.999  1.00 0.00 ? 2 VAL A C    10 
ATOM 987  O O    . VAL A 1 2 ? 2.340  1.064  5.060  1.00 0.00 ? 2 VAL A O    10 
ATOM 988  C CB   . VAL A 1 2 ? 5.138  1.338  4.481  1.00 0.00 ? 2 VAL A CB   10 
ATOM 989  C CG1  . VAL A 1 2 ? 5.501  0.063  5.227  1.00 0.00 ? 2 VAL A CG1  10 
ATOM 990  C CG2  . VAL A 1 2 ? 6.428  1.931  3.844  1.00 0.00 ? 2 VAL A CG2  10 
ATOM 991  H H    . VAL A 1 2 ? 4.059  3.105  2.744  1.00 0.00 ? 2 VAL A H    10 
ATOM 992  H HA   . VAL A 1 2 ? 4.457  0.192  2.772  1.00 0.00 ? 2 VAL A HA   10 
ATOM 993  H HB   . VAL A 1 2 ? 4.735  2.070  5.177  1.00 0.00 ? 2 VAL A HB   10 
ATOM 994  H HG11 . VAL A 1 2 ? 4.615  -0.338 5.702  1.00 0.00 ? 2 VAL A HG11 10 
ATOM 995  H HG12 . VAL A 1 2 ? 6.211  0.297  6.023  1.00 0.00 ? 2 VAL A HG12 10 
ATOM 996  H HG13 . VAL A 1 2 ? 5.942  -0.686 4.553  1.00 0.00 ? 2 VAL A HG13 10 
ATOM 997  H HG21 . VAL A 1 2 ? 7.095  2.308  4.626  1.00 0.00 ? 2 VAL A HG21 10 
ATOM 998  H HG22 . VAL A 1 2 ? 6.167  2.747  3.171  1.00 0.00 ? 2 VAL A HG22 10 
ATOM 999  H HG23 . VAL A 1 2 ? 6.960  1.159  3.286  1.00 0.00 ? 2 VAL A HG23 10 
ATOM 1000 N N    . GLY A 1 3 ? 2.120  -0.351 3.340  1.00 0.00 ? 3 GLY A N    10 
ATOM 1001 C CA   . GLY A 1 3 ? 0.872  -0.894 3.814  1.00 0.00 ? 3 GLY A CA   10 
ATOM 1002 C C    . GLY A 1 3 ? 0.229  -1.720 2.739  1.00 0.00 ? 3 GLY A C    10 
ATOM 1003 O O    . GLY A 1 3 ? 0.854  -2.026 1.736  1.00 0.00 ? 3 GLY A O    10 
ATOM 1004 H H    . GLY A 1 3 ? 2.496  -0.717 2.467  1.00 0.00 ? 3 GLY A H    10 
ATOM 1005 H HA2  . GLY A 1 3 ? 1.086  -1.500 4.699  1.00 0.00 ? 3 GLY A HA2  10 
ATOM 1006 H HA3  . GLY A 1 3 ? 0.197  -0.071 4.085  1.00 0.00 ? 3 GLY A HA3  10 
ATOM 1007 N N    . GLY A 1 4 ? -1.010 -2.105 2.971  1.00 0.00 ? 4 GLY A N    10 
ATOM 1008 C CA   . GLY A 1 4 ? -1.710 -2.997 2.048  1.00 0.00 ? 4 GLY A CA   10 
ATOM 1009 C C    . GLY A 1 4 ? -2.660 -2.244 1.102  1.00 0.00 ? 4 GLY A C    10 
ATOM 1010 O O    . GLY A 1 4 ? -2.496 -1.045 0.898  1.00 0.00 ? 4 GLY A O    10 
ATOM 1011 H H    . GLY A 1 4 ? -1.460 -1.816 3.798  1.00 0.00 ? 4 GLY A H    10 
ATOM 1012 H HA2  . GLY A 1 4 ? -0.980 -3.562 1.467  1.00 0.00 ? 4 GLY A HA2  10 
ATOM 1013 H HA3  . GLY A 1 4 ? -2.299 -3.706 2.619  1.00 0.00 ? 4 GLY A HA3  10 
ATOM 1014 N N    . THR A 1 5 ? -3.637 -2.970 0.587  1.00 0.00 ? 5 THR A N    10 
ATOM 1015 C CA   . THR A 1 5 ? -4.703 -2.456 -0.303 1.00 0.00 ? 5 THR A CA   10 
ATOM 1016 C C    . THR A 1 5 ? -4.180 -1.922 -1.628 1.00 0.00 ? 5 THR A C    10 
ATOM 1017 O O    . THR A 1 5 ? -4.818 -1.157 -2.322 1.00 0.00 ? 5 THR A O    10 
ATOM 1018 C CB   . THR A 1 5 ? -5.612 -1.393 0.398  1.00 0.00 ? 5 THR A CB   10 
ATOM 1019 O OG1  . THR A 1 5 ? -5.745 -1.745 1.776  1.00 0.00 ? 5 THR A OG1  10 
ATOM 1020 C CG2  . THR A 1 5 ? -7.038 -1.373 -0.181 1.00 0.00 ? 5 THR A CG2  10 
ATOM 1021 H H    . THR A 1 5 ? -3.640 -3.959 0.820  1.00 0.00 ? 5 THR A H    10 
ATOM 1022 H HA   . THR A 1 5 ? -5.328 -3.309 -0.538 1.00 0.00 ? 5 THR A HA   10 
ATOM 1023 H HB   . THR A 1 5 ? -5.151 -0.412 0.310  1.00 0.00 ? 5 THR A HB   10 
ATOM 1024 H HG1  . THR A 1 5 ? -5.490 -0.979 2.303  1.00 0.00 ? 5 THR A HG1  10 
ATOM 1025 H HG21 . THR A 1 5 ? -6.979 -1.181 -1.254 1.00 0.00 ? 5 THR A HG21 10 
ATOM 1026 H HG22 . THR A 1 5 ? -7.592 -0.593 0.319  1.00 0.00 ? 5 THR A HG22 10 
ATOM 1027 H HG23 . THR A 1 5 ? -7.512 -2.348 0.013  1.00 0.00 ? 5 THR A HG23 10 
ATOM 1028 N N    . SER A 1 6 ? -2.992 -2.417 -2.006 1.00 0.00 ? 6 SER A N    10 
ATOM 1029 C CA   . SER A 1 6 ? -2.414 -2.153 -3.324 1.00 0.00 ? 6 SER A CA   10 
ATOM 1030 C C    . SER A 1 6 ? -2.230 -0.671 -3.636 1.00 0.00 ? 6 SER A C    10 
ATOM 1031 O O    . SER A 1 6 ? -2.463 -0.250 -4.755 1.00 0.00 ? 6 SER A O    10 
ATOM 1032 C CB   . SER A 1 6 ? -3.267 -2.806 -4.404 1.00 0.00 ? 6 SER A CB   10 
ATOM 1033 O OG   . SER A 1 6 ? -3.461 -4.204 -4.103 1.00 0.00 ? 6 SER A OG   10 
ATOM 1034 H H    . SER A 1 6 ? -2.449 -3.001 -1.369 1.00 0.00 ? 6 SER A H    10 
ATOM 1035 H HA   . SER A 1 6 ? -1.423 -2.612 -3.369 1.00 0.00 ? 6 SER A HA   10 
ATOM 1036 H HB2  . SER A 1 6 ? -4.248 -2.313 -4.427 1.00 0.00 ? 6 SER A HB2  10 
ATOM 1037 H HB3  . SER A 1 6 ? -2.777 -2.713 -5.375 1.00 0.00 ? 6 SER A HB3  10 
ATOM 1038 H HG   . SER A 1 6 ? -2.913 -4.426 -3.368 1.00 0.00 ? 6 SER A HG   10 
ATOM 1039 N N    . PHE A 1 7 ? -1.716 0.064  -2.680 1.00 0.00 ? 7 PHE A N    10 
ATOM 1040 C CA   . PHE A 1 7 ? -1.409 1.473  -2.810 1.00 0.00 ? 7 PHE A CA   10 
ATOM 1041 C C    . PHE A 1 7 ? 0.106  1.577  -2.687 1.00 0.00 ? 7 PHE A C    10 
ATOM 1042 O O    . PHE A 1 7 ? 0.751  0.682  -2.171 1.00 0.00 ? 7 PHE A O    10 
ATOM 1043 C CB   . PHE A 1 7 ? -2.110 2.324  -1.728 1.00 0.00 ? 7 PHE A CB   10 
ATOM 1044 C CG   . PHE A 1 7 ? -3.615 2.435  -1.907 1.00 0.00 ? 7 PHE A CG   10 
ATOM 1045 C CD1  . PHE A 1 7 ? -4.149 3.166  -3.001 1.00 0.00 ? 7 PHE A CD1  10 
ATOM 1046 C CD2  . PHE A 1 7 ? -4.514 1.841  -1.014 1.00 0.00 ? 7 PHE A CD2  10 
ATOM 1047 C CE1  . PHE A 1 7 ? -5.550 3.226  -3.190 1.00 0.00 ? 7 PHE A CE1  10 
ATOM 1048 C CE2  . PHE A 1 7 ? -5.899 1.983  -1.171 1.00 0.00 ? 7 PHE A CE2  10 
ATOM 1049 C CZ   . PHE A 1 7 ? -6.430 2.660  -2.282 1.00 0.00 ? 7 PHE A CZ   10 
ATOM 1050 H H    . PHE A 1 7 ? -1.504 -0.342 -1.807 1.00 0.00 ? 7 PHE A H    10 
ATOM 1051 H HA   . PHE A 1 7 ? -1.693 1.820  -3.815 1.00 0.00 ? 7 PHE A HA   10 
ATOM 1052 H HB2  . PHE A 1 7 ? -1.911 1.909  -0.736 1.00 0.00 ? 7 PHE A HB2  10 
ATOM 1053 H HB3  . PHE A 1 7 ? -1.709 3.342  -1.759 1.00 0.00 ? 7 PHE A HB3  10 
ATOM 1054 H HD1  . PHE A 1 7 ? -3.512 3.646  -3.715 1.00 0.00 ? 7 PHE A HD1  10 
ATOM 1055 H HD2  . PHE A 1 7 ? -4.126 1.285  -0.187 1.00 0.00 ? 7 PHE A HD2  10 
ATOM 1056 H HE1  . PHE A 1 7 ? -5.918 3.751  -4.086 1.00 0.00 ? 7 PHE A HE1  10 
ATOM 1057 H HE2  . PHE A 1 7 ? -6.534 1.542  -0.429 1.00 0.00 ? 7 PHE A HE2  10 
ATOM 1058 H HZ   . PHE A 1 7 ? -7.488 2.733  -2.428 1.00 0.00 ? 7 PHE A HZ   10 
ATOM 1059 N N    . ASP A 1 8 ? 0.626  2.692  -3.187 1.00 0.00 ? 8 ASP A N    10 
ATOM 1060 C CA   . ASP A 1 8 ? 2.080  2.965  -3.288 1.00 0.00 ? 8 ASP A CA   10 
ATOM 1061 C C    . ASP A 1 8 ? 2.735  3.544  -2.012 1.00 0.00 ? 8 ASP A C    10 
ATOM 1062 O O    . ASP A 1 8 ? 3.372  4.603  -2.002 1.00 0.00 ? 8 ASP A O    10 
ATOM 1063 C CB   . ASP A 1 8 ? 2.293  3.974  -4.460 1.00 0.00 ? 8 ASP A CB   10 
ATOM 1064 C CG   . ASP A 1 8 ? 3.712  3.972  -4.963 1.00 0.00 ? 8 ASP A CG   10 
ATOM 1065 O OD1  . ASP A 1 8 ? 3.999  4.771  -5.886 1.00 0.00 ? 8 ASP A OD1  10 
ATOM 1066 O OD2  . ASP A 1 8 ? 4.500  3.177  -4.468 1.00 0.00 ? 8 ASP A OD2  10 
ATOM 1067 H H    . ASP A 1 8 ? -0.021 3.404  -3.551 1.00 0.00 ? 8 ASP A H    10 
ATOM 1068 H HA   . ASP A 1 8 ? 2.587  2.036  -3.516 1.00 0.00 ? 8 ASP A HA   10 
ATOM 1069 H HB2  . ASP A 1 8 ? 1.633  3.701  -5.258 1.00 0.00 ? 8 ASP A HB2  10 
ATOM 1070 H HB3  . ASP A 1 8 ? 2.025  4.980  -4.106 1.00 0.00 ? 8 ASP A HB3  10 
ATOM 1071 N N    . PHE A 1 1 ? 2.235  2.874  -0.769 1.00 0.00 ? 1 PHE A N    11 
ATOM 1072 C CA   . PHE A 1 1 ? 2.741  3.226  0.562  1.00 0.00 ? 1 PHE A CA   11 
ATOM 1073 C C    . PHE A 1 1 ? 2.743  1.988  1.498  1.00 0.00 ? 1 PHE A C    11 
ATOM 1074 O O    . PHE A 1 1 ? 2.072  1.013  1.223  1.00 0.00 ? 1 PHE A O    11 
ATOM 1075 C CB   . PHE A 1 1 ? 1.968  4.410  1.163  1.00 0.00 ? 1 PHE A CB   11 
ATOM 1076 C CG   . PHE A 1 1 ? 0.546  4.062  1.602  1.00 0.00 ? 1 PHE A CG   11 
ATOM 1077 C CD1  . PHE A 1 1 ? -0.544 4.346  0.782  1.00 0.00 ? 1 PHE A CD1  11 
ATOM 1078 C CD2  . PHE A 1 1 ? 0.321  3.462  2.842  1.00 0.00 ? 1 PHE A CD2  11 
ATOM 1079 C CE1  . PHE A 1 1 ? -1.858 4.037  1.172  1.00 0.00 ? 1 PHE A CE1  11 
ATOM 1080 C CE2  . PHE A 1 1 ? -1.012 3.145  3.261  1.00 0.00 ? 1 PHE A CE2  11 
ATOM 1081 C CZ   . PHE A 1 1 ? -2.070 3.456  2.412  1.00 0.00 ? 1 PHE A CZ   11 
ATOM 1082 H H1   . PHE A 1 1 ? 1.258  3.052  -0.978 1.00 0.00 ? 1 PHE A H1   11 
ATOM 1083 H HA   . PHE A 1 1 ? 3.773  3.573  0.422  1.00 0.00 ? 1 PHE A HA   11 
ATOM 1084 H HB2  . PHE A 1 1 ? 2.495  4.783  2.042  1.00 0.00 ? 1 PHE A HB2  11 
ATOM 1085 H HB3  . PHE A 1 1 ? 1.938  5.216  0.429  1.00 0.00 ? 1 PHE A HB3  11 
ATOM 1086 H HD1  . PHE A 1 1 ? -0.356 4.803  -0.175 1.00 0.00 ? 1 PHE A HD1  11 
ATOM 1087 H HD2  . PHE A 1 1 ? 1.149  3.266  3.482  1.00 0.00 ? 1 PHE A HD2  11 
ATOM 1088 H HE1  . PHE A 1 1 ? -2.697 4.267  0.527  1.00 0.00 ? 1 PHE A HE1  11 
ATOM 1089 H HE2  . PHE A 1 1 ? -1.186 2.662  4.226  1.00 0.00 ? 1 PHE A HE2  11 
ATOM 1090 H HZ   . PHE A 1 1 ? -3.083 3.237  2.717  1.00 0.00 ? 1 PHE A HZ   11 
ATOM 1091 N N    . VAL A 1 2 ? 3.527  2.011  2.552  1.00 0.00 ? 2 VAL A N    11 
ATOM 1092 C CA   . VAL A 1 2 ? 3.688  0.866  3.430  1.00 0.00 ? 2 VAL A CA   11 
ATOM 1093 C C    . VAL A 1 2 ? 2.361  0.398  4.039  1.00 0.00 ? 2 VAL A C    11 
ATOM 1094 O O    . VAL A 1 2 ? 1.632  1.181  4.609  1.00 0.00 ? 2 VAL A O    11 
ATOM 1095 C CB   . VAL A 1 2 ? 4.777  1.133  4.540  1.00 0.00 ? 2 VAL A CB   11 
ATOM 1096 C CG1  . VAL A 1 2 ? 4.436  2.366  5.407  1.00 0.00 ? 2 VAL A CG1  11 
ATOM 1097 C CG2  . VAL A 1 2 ? 4.969  -0.106 5.471  1.00 0.00 ? 2 VAL A CG2  11 
ATOM 1098 H H    . VAL A 1 2 ? 4.036  2.882  2.767  1.00 0.00 ? 2 VAL A H    11 
ATOM 1099 H HA   . VAL A 1 2 ? 4.080  0.063  2.804  1.00 0.00 ? 2 VAL A HA   11 
ATOM 1100 H HB   . VAL A 1 2 ? 5.738  1.344  4.045  1.00 0.00 ? 2 VAL A HB   11 
ATOM 1101 H HG11 . VAL A 1 2 ? 5.251  2.579  6.099  1.00 0.00 ? 2 VAL A HG11 11 
ATOM 1102 H HG12 . VAL A 1 2 ? 3.519  2.148  5.993  1.00 0.00 ? 2 VAL A HG12 11 
ATOM 1103 H HG13 . VAL A 1 2 ? 4.252  3.230  4.775  1.00 0.00 ? 2 VAL A HG13 11 
ATOM 1104 H HG21 . VAL A 1 2 ? 5.687  0.106  6.259  1.00 0.00 ? 2 VAL A HG21 11 
ATOM 1105 H HG22 . VAL A 1 2 ? 5.322  -0.971 4.898  1.00 0.00 ? 2 VAL A HG22 11 
ATOM 1106 H HG23 . VAL A 1 2 ? 4.020  -0.358 5.929  1.00 0.00 ? 2 VAL A HG23 11 
ATOM 1107 N N    . GLY A 1 3 ? 2.070  -0.866 3.874  1.00 0.00 ? 3 GLY A N    11 
ATOM 1108 C CA   . GLY A 1 3 ? 0.873  -1.426 4.417  1.00 0.00 ? 3 GLY A CA   11 
ATOM 1109 C C    . GLY A 1 3 ? -0.361 -1.253 3.530  1.00 0.00 ? 3 GLY A C    11 
ATOM 1110 O O    . GLY A 1 3 ? -1.427 -1.735 3.893  1.00 0.00 ? 3 GLY A O    11 
ATOM 1111 H H    . GLY A 1 3 ? 2.695  -1.467 3.367  1.00 0.00 ? 3 GLY A H    11 
ATOM 1112 H HA2  . GLY A 1 3 ? 1.012  -2.479 4.589  1.00 0.00 ? 3 GLY A HA2  11 
ATOM 1113 H HA3  . GLY A 1 3 ? 0.679  -0.952 5.382  1.00 0.00 ? 3 GLY A HA3  11 
ATOM 1114 N N    . GLY A 1 4 ? -0.210 -0.613 2.403  1.00 0.00 ? 4 GLY A N    11 
ATOM 1115 C CA   . GLY A 1 4 ? -1.337 -0.467 1.487  1.00 0.00 ? 4 GLY A CA   11 
ATOM 1116 C C    . GLY A 1 4 ? -1.364 -1.688 0.607  1.00 0.00 ? 4 GLY A C    11 
ATOM 1117 O O    . GLY A 1 4 ? -0.338 -2.086 0.069  1.00 0.00 ? 4 GLY A O    11 
ATOM 1118 H H    . GLY A 1 4 ? 0.687  -0.215 2.145  1.00 0.00 ? 4 GLY A H    11 
ATOM 1119 H HA2  . GLY A 1 4 ? -2.285 -0.395 2.048  1.00 0.00 ? 4 GLY A HA2  11 
ATOM 1120 H HA3  . GLY A 1 4 ? -1.191 0.411  0.879  1.00 0.00 ? 4 GLY A HA3  11 
ATOM 1121 N N    . THR A 1 5 ? -2.527 -2.283 0.431  1.00 0.00 ? 5 THR A N    11 
ATOM 1122 C CA   . THR A 1 5 ? -2.584 -3.474 -0.421 1.00 0.00 ? 5 THR A CA   11 
ATOM 1123 C C    . THR A 1 5 ? -2.628 -3.075 -1.889 1.00 0.00 ? 5 THR A C    11 
ATOM 1124 O O    . THR A 1 5 ? -1.924 -3.605 -2.714 1.00 0.00 ? 5 THR A O    11 
ATOM 1125 C CB   . THR A 1 5 ? -3.847 -4.306 -0.088 1.00 0.00 ? 5 THR A CB   11 
ATOM 1126 O OG1  . THR A 1 5 ? -3.817 -4.609 1.307  1.00 0.00 ? 5 THR A OG1  11 
ATOM 1127 C CG2  . THR A 1 5 ? -3.933 -5.597 -0.859 1.00 0.00 ? 5 THR A CG2  11 
ATOM 1128 H H    . THR A 1 5 ? -3.338 -1.971 0.883  1.00 0.00 ? 5 THR A H    11 
ATOM 1129 H HA   . THR A 1 5 ? -1.691 -4.078 -0.267 1.00 0.00 ? 5 THR A HA   11 
ATOM 1130 H HB   . THR A 1 5 ? -4.729 -3.694 -0.308 1.00 0.00 ? 5 THR A HB   11 
ATOM 1131 H HG1  . THR A 1 5 ? -4.325 -5.420 1.470  1.00 0.00 ? 5 THR A HG1  11 
ATOM 1132 H HG21 . THR A 1 5 ? -3.863 -5.380 -1.938 1.00 0.00 ? 5 THR A HG21 11 
ATOM 1133 H HG22 . THR A 1 5 ? -4.886 -6.085 -0.621 1.00 0.00 ? 5 THR A HG22 11 
ATOM 1134 H HG23 . THR A 1 5 ? -3.128 -6.267 -0.581 1.00 0.00 ? 5 THR A HG23 11 
ATOM 1135 N N    . SER A 1 6 ? -3.480 -2.108 -2.179 1.00 0.00 ? 6 SER A N    11 
ATOM 1136 C CA   . SER A 1 6 ? -3.701 -1.597 -3.528 1.00 0.00 ? 6 SER A CA   11 
ATOM 1137 C C    . SER A 1 6 ? -2.968 -0.266 -3.798 1.00 0.00 ? 6 SER A C    11 
ATOM 1138 O O    . SER A 1 6 ? -3.173 0.392  -4.814 1.00 0.00 ? 6 SER A O    11 
ATOM 1139 C CB   . SER A 1 6 ? -5.202 -1.293 -3.735 1.00 0.00 ? 6 SER A CB   11 
ATOM 1140 O OG   . SER A 1 6 ? -5.961 -2.438 -3.502 1.00 0.00 ? 6 SER A OG   11 
ATOM 1141 H H    . SER A 1 6 ? -4.033 -1.715 -1.420 1.00 0.00 ? 6 SER A H    11 
ATOM 1142 H HA   . SER A 1 6 ? -3.376 -2.363 -4.250 1.00 0.00 ? 6 SER A HA   11 
ATOM 1143 H HB2  . SER A 1 6 ? -5.474 -0.478 -3.056 1.00 0.00 ? 6 SER A HB2  11 
ATOM 1144 H HB3  . SER A 1 6 ? -5.412 -0.966 -4.756 1.00 0.00 ? 6 SER A HB3  11 
ATOM 1145 H HG   . SER A 1 6 ? -6.636 -2.517 -4.191 1.00 0.00 ? 6 SER A HG   11 
ATOM 1146 N N    . PHE A 1 7 ? -2.102 0.121  -2.864 1.00 0.00 ? 7 PHE A N    11 
ATOM 1147 C CA   . PHE A 1 7 ? -1.401 1.433  -2.866 1.00 0.00 ? 7 PHE A CA   11 
ATOM 1148 C C    . PHE A 1 7 ? 0.099  1.210  -2.752 1.00 0.00 ? 7 PHE A C    11 
ATOM 1149 O O    . PHE A 1 7 ? 0.506  0.099  -2.419 1.00 0.00 ? 7 PHE A O    11 
ATOM 1150 C CB   . PHE A 1 7 ? -1.854 2.247  -1.663 1.00 0.00 ? 7 PHE A CB   11 
ATOM 1151 C CG   . PHE A 1 7 ? -3.360 2.475  -1.617 1.00 0.00 ? 7 PHE A CG   11 
ATOM 1152 C CD1  . PHE A 1 7 ? -3.977 3.369  -2.477 1.00 0.00 ? 7 PHE A CD1  11 
ATOM 1153 C CD2  . PHE A 1 7 ? -4.160 1.793  -0.708 1.00 0.00 ? 7 PHE A CD2  11 
ATOM 1154 C CE1  . PHE A 1 7 ? -5.373 3.581  -2.459 1.00 0.00 ? 7 PHE A CE1  11 
ATOM 1155 C CE2  . PHE A 1 7 ? -5.571 2.000  -0.707 1.00 0.00 ? 7 PHE A CE2  11 
ATOM 1156 C CZ   . PHE A 1 7 ? -6.146 2.905  -1.588 1.00 0.00 ? 7 PHE A CZ   11 
ATOM 1157 H H    . PHE A 1 7 ? -1.902 -0.506 -2.100 1.00 0.00 ? 7 PHE A H    11 
ATOM 1158 H HA   . PHE A 1 7 ? -1.642 1.971  -3.792 1.00 0.00 ? 7 PHE A HA   11 
ATOM 1159 H HB2  . PHE A 1 7 ? -1.572 1.728  -0.766 1.00 0.00 ? 7 PHE A HB2  11 
ATOM 1160 H HB3  . PHE A 1 7 ? -1.350 3.205  -1.674 1.00 0.00 ? 7 PHE A HB3  11 
ATOM 1161 H HD1  . PHE A 1 7 ? -3.359 3.912  -3.193 1.00 0.00 ? 7 PHE A HD1  11 
ATOM 1162 H HD2  . PHE A 1 7 ? -3.731 1.091  -0.017 1.00 0.00 ? 7 PHE A HD2  11 
ATOM 1163 H HE1  . PHE A 1 7 ? -5.824 4.267  -3.160 1.00 0.00 ? 7 PHE A HE1  11 
ATOM 1164 H HE2  . PHE A 1 7 ? -6.214 1.460  0.020  1.00 0.00 ? 7 PHE A HE2  11 
ATOM 1165 H HZ   . PHE A 1 7 ? -7.199 3.048  -1.546 1.00 0.00 ? 7 PHE A HZ   11 
ATOM 1166 N N    . ASP A 1 8 ? 0.917  2.214  -3.064 1.00 0.00 ? 8 ASP A N    11 
ATOM 1167 C CA   . ASP A 1 8 ? 2.372  2.027  -3.080 1.00 0.00 ? 8 ASP A CA   11 
ATOM 1168 C C    . ASP A 1 8 ? 3.011  2.334  -1.699 1.00 0.00 ? 8 ASP A C    11 
ATOM 1169 O O    . ASP A 1 8 ? 4.209  2.071  -1.466 1.00 0.00 ? 8 ASP A O    11 
ATOM 1170 C CB   . ASP A 1 8 ? 3.008  2.915  -4.163 1.00 0.00 ? 8 ASP A CB   11 
ATOM 1171 C CG   . ASP A 1 8 ? 3.095  4.372  -3.742 1.00 0.00 ? 8 ASP A CG   11 
ATOM 1172 O OD1  . ASP A 1 8 ? 4.144  4.994  -3.952 1.00 0.00 ? 8 ASP A OD1  11 
ATOM 1173 O OD2  . ASP A 1 8 ? 2.092  4.893  -3.225 1.00 0.00 ? 8 ASP A OD2  11 
ATOM 1174 H H    . ASP A 1 8 ? 0.538  3.157  -3.310 1.00 0.00 ? 8 ASP A H    11 
ATOM 1175 H HA   . ASP A 1 8 ? 2.566  0.995  -3.336 1.00 0.00 ? 8 ASP A HA   11 
ATOM 1176 H HB2  . ASP A 1 8 ? 4.022  2.569  -4.367 1.00 0.00 ? 8 ASP A HB2  11 
ATOM 1177 H HB3  . ASP A 1 8 ? 2.421  2.821  -5.077 1.00 0.00 ? 8 ASP A HB3  11 
ATOM 1178 N N    . PHE A 1 1 ? 2.658  2.561  -1.066 1.00 0.00 ? 1 PHE A N    12 
ATOM 1179 C CA   . PHE A 1 1 ? 3.308  3.450  -0.113 1.00 0.00 ? 1 PHE A CA   12 
ATOM 1180 C C    . PHE A 1 1 ? 3.508  2.749  1.212  1.00 0.00 ? 1 PHE A C    12 
ATOM 1181 O O    . PHE A 1 1 ? 4.618  2.626  1.695  1.00 0.00 ? 1 PHE A O    12 
ATOM 1182 C CB   . PHE A 1 1 ? 2.441  4.716  0.088  1.00 0.00 ? 1 PHE A CB   12 
ATOM 1183 C CG   . PHE A 1 1 ? 3.173  5.854  0.826  1.00 0.00 ? 1 PHE A CG   12 
ATOM 1184 C CD1  . PHE A 1 1 ? 2.965  6.048  2.198  1.00 0.00 ? 1 PHE A CD1  12 
ATOM 1185 C CD2  . PHE A 1 1 ? 4.055  6.718  0.149  1.00 0.00 ? 1 PHE A CD2  12 
ATOM 1186 C CE1  . PHE A 1 1 ? 3.593  7.100  2.899  1.00 0.00 ? 1 PHE A CE1  12 
ATOM 1187 C CE2  . PHE A 1 1 ? 4.701  7.787  0.806  1.00 0.00 ? 1 PHE A CE2  12 
ATOM 1188 C CZ   . PHE A 1 1 ? 4.472  8.008  2.176  1.00 0.00 ? 1 PHE A CZ   12 
ATOM 1189 H H1   . PHE A 1 1 ? 2.051  1.805  -0.729 1.00 0.00 ? 1 PHE A H1   12 
ATOM 1190 H HA   . PHE A 1 1 ? 4.293  3.742  -0.520 1.00 0.00 ? 1 PHE A HA   12 
ATOM 1191 H HB2  . PHE A 1 1 ? 2.159  5.099  -0.877 1.00 0.00 ? 1 PHE A HB2  12 
ATOM 1192 H HB3  . PHE A 1 1 ? 1.542  4.467  0.625  1.00 0.00 ? 1 PHE A HB3  12 
ATOM 1193 H HD1  . PHE A 1 1 ? 2.327  5.384  2.754  1.00 0.00 ? 1 PHE A HD1  12 
ATOM 1194 H HD2  . PHE A 1 1 ? 4.258  6.540  -0.925 1.00 0.00 ? 1 PHE A HD2  12 
ATOM 1195 H HE1  . PHE A 1 1 ? 3.436  7.249  3.962  1.00 0.00 ? 1 PHE A HE1  12 
ATOM 1196 H HE2  . PHE A 1 1 ? 5.352  8.455  0.253  1.00 0.00 ? 1 PHE A HE2  12 
ATOM 1197 H HZ   . PHE A 1 1 ? 4.951  8.822  2.681  1.00 0.00 ? 1 PHE A HZ   12 
ATOM 1198 N N    . VAL A 1 2 ? 2.414  2.272  1.804  1.00 0.00 ? 2 VAL A N    12 
ATOM 1199 C CA   . VAL A 1 2 ? 2.462  1.619  3.127  1.00 0.00 ? 2 VAL A CA   12 
ATOM 1200 C C    . VAL A 1 2 ? 1.304  0.657  3.287  1.00 0.00 ? 2 VAL A C    12 
ATOM 1201 O O    . VAL A 1 2 ? 0.175  0.896  2.806  1.00 0.00 ? 2 VAL A O    12 
ATOM 1202 C CB   . VAL A 1 2 ? 2.462  2.711  4.239  1.00 0.00 ? 2 VAL A CB   12 
ATOM 1203 C CG1  . VAL A 1 2 ? 1.083  3.413  4.341  1.00 0.00 ? 2 VAL A CG1  12 
ATOM 1204 C CG2  . VAL A 1 2 ? 2.860  2.093  5.611  1.00 0.00 ? 2 VAL A CG2  12 
ATOM 1205 H H    . VAL A 1 2 ? 1.505  2.388  1.383  1.00 0.00 ? 2 VAL A H    12 
ATOM 1206 H HA   . VAL A 1 2 ? 3.382  1.039  3.198  1.00 0.00 ? 2 VAL A HA   12 
ATOM 1207 H HB   . VAL A 1 2 ? 3.209  3.467  3.972  1.00 0.00 ? 2 VAL A HB   12 
ATOM 1208 H HG11 . VAL A 1 2 ? 0.774  3.743  3.352  1.00 0.00 ? 2 VAL A HG11 12 
ATOM 1209 H HG12 . VAL A 1 2 ? 1.161  4.272  5.006  1.00 0.00 ? 2 VAL A HG12 12 
ATOM 1210 H HG13 . VAL A 1 2 ? 0.330  2.708  4.736  1.00 0.00 ? 2 VAL A HG13 12 
ATOM 1211 H HG21 . VAL A 1 2 ? 2.173  1.282  5.882  1.00 0.00 ? 2 VAL A HG21 12 
ATOM 1212 H HG22 . VAL A 1 2 ? 2.828  2.845  6.378  1.00 0.00 ? 2 VAL A HG22 12 
ATOM 1213 H HG23 . VAL A 1 2 ? 3.884  1.705  5.544  1.00 0.00 ? 2 VAL A HG23 12 
ATOM 1214 N N    . GLY A 1 3 ? 1.601  -0.451 3.977  1.00 0.00 ? 3 GLY A N    12 
ATOM 1215 C CA   . GLY A 1 3 ? 0.589  -1.461 4.265  1.00 0.00 ? 3 GLY A CA   12 
ATOM 1216 C C    . GLY A 1 3 ? 0.314  -2.416 3.098  1.00 0.00 ? 3 GLY A C    12 
ATOM 1217 O O    . GLY A 1 3 ? 0.943  -2.380 2.074  1.00 0.00 ? 3 GLY A O    12 
ATOM 1218 H H    . GLY A 1 3 ? 2.515  -0.589 4.284  1.00 0.00 ? 3 GLY A H    12 
ATOM 1219 H HA2  . GLY A 1 3 ? 0.879  -2.066 5.133  1.00 0.00 ? 3 GLY A HA2  12 
ATOM 1220 H HA3  . GLY A 1 3 ? -0.330 -0.934 4.522  1.00 0.00 ? 3 GLY A HA3  12 
ATOM 1221 N N    . GLY A 1 4 ? -0.684 -3.251 3.281  1.00 0.00 ? 4 GLY A N    12 
ATOM 1222 C CA   . GLY A 1 4 ? -1.052 -4.225 2.271  1.00 0.00 ? 4 GLY A CA   12 
ATOM 1223 C C    . GLY A 1 4 ? -2.064 -3.698 1.253  1.00 0.00 ? 4 GLY A C    12 
ATOM 1224 O O    . GLY A 1 4 ? -2.699 -4.485 0.587  1.00 0.00 ? 4 GLY A O    12 
ATOM 1225 H H    . GLY A 1 4 ? -1.193 -3.243 4.126  1.00 0.00 ? 4 GLY A H    12 
ATOM 1226 H HA2  . GLY A 1 4 ? -0.167 -4.576 1.737  1.00 0.00 ? 4 GLY A HA2  12 
ATOM 1227 H HA3  . GLY A 1 4 ? -1.521 -5.072 2.750  1.00 0.00 ? 4 GLY A HA3  12 
ATOM 1228 N N    . THR A 1 5 ? -2.203 -2.386 1.146  1.00 0.00 ? 5 THR A N    12 
ATOM 1229 C CA   . THR A 1 5 ? -3.183 -1.797 0.232  1.00 0.00 ? 5 THR A CA   12 
ATOM 1230 C C    . THR A 1 5 ? -2.619 -1.823 -1.194 1.00 0.00 ? 5 THR A C    12 
ATOM 1231 O O    . THR A 1 5 ? -1.429 -2.002 -1.381 1.00 0.00 ? 5 THR A O    12 
ATOM 1232 C CB   . THR A 1 5 ? -3.465 -0.344 0.630  1.00 0.00 ? 5 THR A CB   12 
ATOM 1233 O OG1  . THR A 1 5 ? -2.263 0.391  0.555  1.00 0.00 ? 5 THR A OG1  12 
ATOM 1234 C CG2  . THR A 1 5 ? -4.003 -0.250 2.047  1.00 0.00 ? 5 THR A CG2  12 
ATOM 1235 H H    . THR A 1 5 ? -1.609 -1.765 1.644  1.00 0.00 ? 5 THR A H    12 
ATOM 1236 H HA   . THR A 1 5 ? -4.134 -2.362 0.279  1.00 0.00 ? 5 THR A HA   12 
ATOM 1237 H HB   . THR A 1 5 ? -4.200 0.087  -0.063 1.00 0.00 ? 5 THR A HB   12 
ATOM 1238 H HG1  . THR A 1 5 ? -2.099 0.782  1.399  1.00 0.00 ? 5 THR A HG1  12 
ATOM 1239 H HG21 . THR A 1 5 ? -4.089 0.789  2.350  1.00 0.00 ? 5 THR A HG21 12 
ATOM 1240 H HG22 . THR A 1 5 ? -3.361 -0.791 2.745  1.00 0.00 ? 5 THR A HG22 12 
ATOM 1241 H HG23 . THR A 1 5 ? -5.002 -0.696 2.057  1.00 0.00 ? 5 THR A HG23 12 
ATOM 1242 N N    . SER A 1 6 ? -3.454 -1.608 -2.197 1.00 0.00 ? 6 SER A N    12 
ATOM 1243 C CA   . SER A 1 6 ? -2.962 -1.581 -3.573 1.00 0.00 ? 6 SER A CA   12 
ATOM 1244 C C    . SER A 1 6 ? -2.211 -0.287 -3.847 1.00 0.00 ? 6 SER A C    12 
ATOM 1245 O O    . SER A 1 6 ? -1.545 -0.156 -4.839 1.00 0.00 ? 6 SER A O    12 
ATOM 1246 C CB   . SER A 1 6 ? -4.144 -1.730 -4.535 1.00 0.00 ? 6 SER A CB   12 
ATOM 1247 O OG   . SER A 1 6 ? -4.876 -2.879 -4.194 1.00 0.00 ? 6 SER A OG   12 
ATOM 1248 H H    . SER A 1 6 ? -4.398 -1.411 -2.054 1.00 0.00 ? 6 SER A H    12 
ATOM 1249 H HA   . SER A 1 6 ? -2.296 -2.416 -3.701 1.00 0.00 ? 6 SER A HA   12 
ATOM 1250 H HB2  . SER A 1 6 ? -4.797 -0.860 -4.442 1.00 0.00 ? 6 SER A HB2  12 
ATOM 1251 H HB3  . SER A 1 6 ? -3.760 -1.801 -5.553 1.00 0.00 ? 6 SER A HB3  12 
ATOM 1252 H HG   . SER A 1 6 ? -4.292 -3.666 -4.373 1.00 0.00 ? 6 SER A HG   12 
ATOM 1253 N N    . PHE A 1 7 ? -2.306 0.672  -2.923 1.00 0.00 ? 7 PHE A N    12 
ATOM 1254 C CA   . PHE A 1 7 ? -1.567 1.903  -3.002 1.00 0.00 ? 7 PHE A CA   12 
ATOM 1255 C C    . PHE A 1 7 ? -0.133 1.588  -2.573 1.00 0.00 ? 7 PHE A C    12 
ATOM 1256 O O    . PHE A 1 7 ? 0.133  1.052  -1.464 1.00 0.00 ? 7 PHE A O    12 
ATOM 1257 C CB   . PHE A 1 7 ? -2.140 2.982  -2.071 1.00 0.00 ? 7 PHE A CB   12 
ATOM 1258 C CG   . PHE A 1 7 ? -3.529 3.414  -2.421 1.00 0.00 ? 7 PHE A CG   12 
ATOM 1259 C CD1  . PHE A 1 7 ? -4.619 3.010  -1.646 1.00 0.00 ? 7 PHE A CD1  12 
ATOM 1260 C CD2  . PHE A 1 7 ? -3.754 4.224  -3.544 1.00 0.00 ? 7 PHE A CD2  12 
ATOM 1261 C CE1  . PHE A 1 7 ? -5.946 3.405  -1.970 1.00 0.00 ? 7 PHE A CE1  12 
ATOM 1262 C CE2  . PHE A 1 7 ? -5.079 4.675  -3.882 1.00 0.00 ? 7 PHE A CE2  12 
ATOM 1263 C CZ   . PHE A 1 7 ? -6.170 4.238  -3.105 1.00 0.00 ? 7 PHE A CZ   12 
ATOM 1264 H H    . PHE A 1 7 ? -2.903 0.543  -2.118 1.00 0.00 ? 7 PHE A H    12 
ATOM 1265 H HA   . PHE A 1 7 ? -1.579 2.276  -4.036 1.00 0.00 ? 7 PHE A HA   12 
ATOM 1266 H HB2  . PHE A 1 7 ? -2.151 2.579  -1.048 1.00 0.00 ? 7 PHE A HB2  12 
ATOM 1267 H HB3  . PHE A 1 7 ? -1.451 3.844  -2.093 1.00 0.00 ? 7 PHE A HB3  12 
ATOM 1268 H HD1  . PHE A 1 7 ? -4.449 2.337  -0.779 1.00 0.00 ? 7 PHE A HD1  12 
ATOM 1269 H HD2  . PHE A 1 7 ? -2.904 4.537  -4.147 1.00 0.00 ? 7 PHE A HD2  12 
ATOM 1270 H HE1  . PHE A 1 7 ? -6.800 3.076  -1.372 1.00 0.00 ? 7 PHE A HE1  12 
ATOM 1271 H HE2  . PHE A 1 7 ? -5.231 5.353  -4.741 1.00 0.00 ? 7 PHE A HE2  12 
ATOM 1272 H HZ   . PHE A 1 7 ? -7.168 4.518  -3.336 1.00 0.00 ? 7 PHE A HZ   12 
ATOM 1273 N N    . ASP A 1 8 ? 0.801  1.900  -3.432 1.00 0.00 ? 8 ASP A N    12 
ATOM 1274 C CA   . ASP A 1 8 ? 2.201  1.598  -3.213 1.00 0.00 ? 8 ASP A CA   12 
ATOM 1275 C C    . ASP A 1 8 ? 2.891  2.648  -2.350 1.00 0.00 ? 8 ASP A C    12 
ATOM 1276 O O    . ASP A 1 8 ? 3.602  3.525  -2.828 1.00 0.00 ? 8 ASP A O    12 
ATOM 1277 C CB   . ASP A 1 8 ? 2.904  1.379  -4.570 1.00 0.00 ? 8 ASP A CB   12 
ATOM 1278 C CG   . ASP A 1 8 ? 2.935  2.628  -5.433 1.00 0.00 ? 8 ASP A CG   12 
ATOM 1279 O OD1  . ASP A 1 8 ? 4.050  3.070  -5.799 1.00 0.00 ? 8 ASP A OD1  12 
ATOM 1280 O OD2  . ASP A 1 8 ? 1.831  3.168  -5.749 1.00 0.00 ? 8 ASP A OD2  12 
ATOM 1281 H H    . ASP A 1 8 ? 0.574  2.374  -4.332 1.00 0.00 ? 8 ASP A H    12 
ATOM 1282 H HA   . ASP A 1 8 ? 2.259  0.670  -2.673 1.00 0.00 ? 8 ASP A HA   12 
ATOM 1283 H HB2  . ASP A 1 8 ? 3.931  1.086  -4.364 1.00 0.00 ? 8 ASP A HB2  12 
ATOM 1284 H HB3  . ASP A 1 8 ? 2.403  0.565  -5.108 1.00 0.00 ? 8 ASP A HB3  12 
ATOM 1285 N N    . PHE A 1 1 ? 2.229  2.368  -0.392 1.00 0.00 ? 1 PHE A N    13 
ATOM 1286 C CA   . PHE A 1 1 ? 1.997  2.964  0.907  1.00 0.00 ? 1 PHE A CA   13 
ATOM 1287 C C    . PHE A 1 1 ? 2.862  2.154  1.828  1.00 0.00 ? 1 PHE A C    13 
ATOM 1288 O O    . PHE A 1 1 ? 3.677  1.378  1.346  1.00 0.00 ? 1 PHE A O    13 
ATOM 1289 C CB   . PHE A 1 1 ? 0.520  2.824  1.343  1.00 0.00 ? 1 PHE A CB   13 
ATOM 1290 C CG   . PHE A 1 1 ? 0.068  3.666  2.458  1.00 0.00 ? 1 PHE A CG   13 
ATOM 1291 C CD1  . PHE A 1 1 ? -0.067 5.079  2.307  1.00 0.00 ? 1 PHE A CD1  13 
ATOM 1292 C CD2  . PHE A 1 1 ? -0.292 3.083  3.674  1.00 0.00 ? 1 PHE A CD2  13 
ATOM 1293 C CE1  . PHE A 1 1 ? -0.575 5.882  3.355  1.00 0.00 ? 1 PHE A CE1  13 
ATOM 1294 C CE2  . PHE A 1 1 ? -0.762 3.885  4.752  1.00 0.00 ? 1 PHE A CE2  13 
ATOM 1295 C CZ   . PHE A 1 1 ? -0.898 5.299  4.550  1.00 0.00 ? 1 PHE A CZ   13 
ATOM 1296 H H1   . PHE A 1 1 ? 2.652  1.466  -0.428 1.00 0.00 ? 1 PHE A H1   13 
ATOM 1297 H HA   . PHE A 1 1 ? 2.290  4.001  0.926  1.00 0.00 ? 1 PHE A HA   13 
ATOM 1298 H HB2  . PHE A 1 1 ? -0.092 3.078  0.457  1.00 0.00 ? 1 PHE A HB2  13 
ATOM 1299 H HB3  . PHE A 1 1 ? 0.362  1.785  1.559  1.00 0.00 ? 1 PHE A HB3  13 
ATOM 1300 H HD1  . PHE A 1 1 ? 0.224  5.548  1.389  1.00 0.00 ? 1 PHE A HD1  13 
ATOM 1301 H HD2  . PHE A 1 1 ? -0.231 2.012  3.793  1.00 0.00 ? 1 PHE A HD2  13 
ATOM 1302 H HE1  . PHE A 1 1 ? -0.669 6.961  3.180  1.00 0.00 ? 1 PHE A HE1  13 
ATOM 1303 H HE2  . PHE A 1 1 ? -1.001 3.458  5.702  1.00 0.00 ? 1 PHE A HE2  13 
ATOM 1304 H HZ   . PHE A 1 1 ? -1.246 5.914  5.400  1.00 0.00 ? 1 PHE A HZ   13 
ATOM 1305 N N    . VAL A 1 2 ? 2.738  2.296  3.124  1.00 0.00 ? 2 VAL A N    13 
ATOM 1306 C CA   . VAL A 1 2 ? 3.572  1.511  4.055  1.00 0.00 ? 2 VAL A CA   13 
ATOM 1307 C C    . VAL A 1 2 ? 3.252  0.008  3.900  1.00 0.00 ? 2 VAL A C    13 
ATOM 1308 O O    . VAL A 1 2 ? 4.085  -0.856 4.231  1.00 0.00 ? 2 VAL A O    13 
ATOM 1309 C CB   . VAL A 1 2 ? 3.405  1.992  5.533  1.00 0.00 ? 2 VAL A CB   13 
ATOM 1310 C CG1  . VAL A 1 2 ? 2.058  1.511  6.123  1.00 0.00 ? 2 VAL A CG1  13 
ATOM 1311 C CG2  . VAL A 1 2 ? 4.578  1.513  6.379  1.00 0.00 ? 2 VAL A CG2  13 
ATOM 1312 H H    . VAL A 1 2 ? 2.051  3.004  3.507  1.00 0.00 ? 2 VAL A H    13 
ATOM 1313 H HA   . VAL A 1 2 ? 4.640  1.649  3.771  1.00 0.00 ? 2 VAL A HA   13 
ATOM 1314 H HB   . VAL A 1 2 ? 3.374  3.086  5.545  1.00 0.00 ? 2 VAL A HB   13 
ATOM 1315 H HG11 . VAL A 1 2 ? 2.096  0.407  6.307  1.00 0.00 ? 2 VAL A HG11 13 
ATOM 1316 H HG12 . VAL A 1 2 ? 1.249  1.684  5.425  1.00 0.00 ? 2 VAL A HG12 13 
ATOM 1317 H HG13 . VAL A 1 2 ? 1.857  2.036  7.049  1.00 0.00 ? 2 VAL A HG13 13 
ATOM 1318 H HG21 . VAL A 1 2 ? 4.529  0.432  6.502  1.00 0.00 ? 2 VAL A HG21 13 
ATOM 1319 H HG22 . VAL A 1 2 ? 4.541  1.993  7.343  1.00 0.00 ? 2 VAL A HG22 13 
ATOM 1320 H HG23 . VAL A 1 2 ? 5.514  1.770  5.882  1.00 0.00 ? 2 VAL A HG23 13 
ATOM 1321 N N    . GLY A 1 3 ? 2.060  -0.303 3.415  1.00 0.00 ? 3 GLY A N    13 
ATOM 1322 C CA   . GLY A 1 3 ? 1.650  -1.670 3.138  1.00 0.00 ? 3 GLY A CA   13 
ATOM 1323 C C    . GLY A 1 3 ? 0.151  -1.851 3.385  1.00 0.00 ? 3 GLY A C    13 
ATOM 1324 O O    . GLY A 1 3 ? -0.497 -0.992 3.963  1.00 0.00 ? 3 GLY A O    13 
ATOM 1325 H H    . GLY A 1 3 ? 1.407  0.440  3.209  1.00 0.00 ? 3 GLY A H    13 
ATOM 1326 H HA2  . GLY A 1 3 ? 1.859  -1.903 2.087  1.00 0.00 ? 3 GLY A HA2  13 
ATOM 1327 H HA3  . GLY A 1 3 ? 2.227  -2.345 3.784  1.00 0.00 ? 3 GLY A HA3  13 
ATOM 1328 N N    . GLY A 1 4 ? -0.445 -2.964 2.927  1.00 0.00 ? 4 GLY A N    13 
ATOM 1329 C CA   . GLY A 1 4 ? -1.882 -3.219 3.126  1.00 0.00 ? 4 GLY A CA   13 
ATOM 1330 C C    . GLY A 1 4 ? -2.757 -2.540 2.099  1.00 0.00 ? 4 GLY A C    13 
ATOM 1331 O O    . GLY A 1 4 ? -3.978 -2.581 2.210  1.00 0.00 ? 4 GLY A O    13 
ATOM 1332 H H    . GLY A 1 4 ? 0.090  -3.643 2.425  1.00 0.00 ? 4 GLY A H    13 
ATOM 1333 H HA2  . GLY A 1 4 ? -2.056 -4.295 3.019  1.00 0.00 ? 4 GLY A HA2  13 
ATOM 1334 H HA3  . GLY A 1 4 ? -2.169 -2.946 4.138  1.00 0.00 ? 4 GLY A HA3  13 
ATOM 1335 N N    . THR A 1 5 ? -2.158 -1.905 1.112  1.00 0.00 ? 5 THR A N    13 
ATOM 1336 C CA   . THR A 1 5 ? -2.923 -1.142 0.126  1.00 0.00 ? 5 THR A CA   13 
ATOM 1337 C C    . THR A 1 5 ? -2.661 -1.662 -1.293 1.00 0.00 ? 5 THR A C    13 
ATOM 1338 O O    . THR A 1 5 ? -1.642 -2.285 -1.511 1.00 0.00 ? 5 THR A O    13 
ATOM 1339 C CB   . THR A 1 5 ? -2.538 0.391  0.205  1.00 0.00 ? 5 THR A CB   13 
ATOM 1340 O OG1  . THR A 1 5 ? -1.109 0.514  0.199  1.00 0.00 ? 5 THR A OG1  13 
ATOM 1341 C CG2  . THR A 1 5 ? -3.009 0.987  1.499  1.00 0.00 ? 5 THR A CG2  13 
ATOM 1342 H H    . THR A 1 5 ? -1.166 -1.903 1.062  1.00 0.00 ? 5 THR A H    13 
ATOM 1343 H HA   . THR A 1 5 ? -3.994 -1.259 0.356  1.00 0.00 ? 5 THR A HA   13 
ATOM 1344 H HB   . THR A 1 5 ? -2.977 0.941  -0.636 1.00 0.00 ? 5 THR A HB   13 
ATOM 1345 H HG1  . THR A 1 5 ? -0.808 0.525  -0.730 1.00 0.00 ? 5 THR A HG1  13 
ATOM 1346 H HG21 . THR A 1 5 ? -2.762 2.050  1.505  1.00 0.00 ? 5 THR A HG21 13 
ATOM 1347 H HG22 . THR A 1 5 ? -2.517 0.477  2.320  1.00 0.00 ? 5 THR A HG22 13 
ATOM 1348 H HG23 . THR A 1 5 ? -4.059 0.868  1.595  1.00 0.00 ? 5 THR A HG23 13 
ATOM 1349 N N    . SER A 1 6 ? -3.555 -1.393 -2.223 1.00 0.00 ? 6 SER A N    13 
ATOM 1350 C CA   . SER A 1 6 ? -3.358 -1.770 -3.623 1.00 0.00 ? 6 SER A CA   13 
ATOM 1351 C C    . SER A 1 6 ? -2.474 -0.776 -4.366 1.00 0.00 ? 6 SER A C    13 
ATOM 1352 O O    . SER A 1 6 ? -2.180 -0.996 -5.547 1.00 0.00 ? 6 SER A O    13 
ATOM 1353 C CB   . SER A 1 6 ? -4.699 -1.889 -4.283 1.00 0.00 ? 6 SER A CB   13 
ATOM 1354 O OG   . SER A 1 6 ? -5.524 -0.836 -3.791 1.00 0.00 ? 6 SER A OG   13 
ATOM 1355 H H    . SER A 1 6 ? -4.393 -0.891 -1.998 1.00 0.00 ? 6 SER A H    13 
ATOM 1356 H HA   . SER A 1 6 ? -2.860 -2.737 -3.680 1.00 0.00 ? 6 SER A HA   13 
ATOM 1357 H HB2  . SER A 1 6 ? -4.576 -1.828 -5.367 1.00 0.00 ? 6 SER A HB2  13 
ATOM 1358 H HB3  . SER A 1 6 ? -5.184 -2.829 -4.005 1.00 0.00 ? 6 SER A HB3  13 
ATOM 1359 H HG   . SER A 1 6 ? -6.307 -0.782 -4.357 1.00 0.00 ? 6 SER A HG   13 
ATOM 1360 N N    . PHE A 1 7 ? -2.115 0.297  -3.694 1.00 0.00 ? 7 PHE A N    13 
ATOM 1361 C CA   . PHE A 1 7 ? -1.257 1.366  -4.193 1.00 0.00 ? 7 PHE A CA   13 
ATOM 1362 C C    . PHE A 1 7 ? -0.030 1.420  -3.280 1.00 0.00 ? 7 PHE A C    13 
ATOM 1363 O O    . PHE A 1 7 ? -0.085 0.787  -2.206 1.00 0.00 ? 7 PHE A O    13 
ATOM 1364 C CB   . PHE A 1 7 ? -2.020 2.680  -4.208 1.00 0.00 ? 7 PHE A CB   13 
ATOM 1365 C CG   . PHE A 1 7 ? -3.247 2.683  -5.109 1.00 0.00 ? 7 PHE A CG   13 
ATOM 1366 C CD1  . PHE A 1 7 ? -3.094 2.989  -6.469 1.00 0.00 ? 7 PHE A CD1  13 
ATOM 1367 C CD2  . PHE A 1 7 ? -4.521 2.401  -4.607 1.00 0.00 ? 7 PHE A CD2  13 
ATOM 1368 C CE1  . PHE A 1 7 ? -4.190 3.004  -7.325 1.00 0.00 ? 7 PHE A CE1  13 
ATOM 1369 C CE2  . PHE A 1 7 ? -5.654 2.373  -5.425 1.00 0.00 ? 7 PHE A CE2  13 
ATOM 1370 C CZ   . PHE A 1 7 ? -5.492 2.691  -6.792 1.00 0.00 ? 7 PHE A CZ   13 
ATOM 1371 H H    . PHE A 1 7 ? -2.449 0.397  -2.705 1.00 0.00 ? 7 PHE A H    13 
ATOM 1372 H HA   . PHE A 1 7 ? -0.959 1.143  -5.201 1.00 0.00 ? 7 PHE A HA   13 
ATOM 1373 H HB2  . PHE A 1 7 ? -2.358 2.932  -3.188 1.00 0.00 ? 7 PHE A HB2  13 
ATOM 1374 H HB3  . PHE A 1 7 ? -1.303 3.466  -4.534 1.00 0.00 ? 7 PHE A HB3  13 
ATOM 1375 H HD1  . PHE A 1 7 ? -2.123 3.207  -6.846 1.00 0.00 ? 7 PHE A HD1  13 
ATOM 1376 H HD2  . PHE A 1 7 ? -4.673 2.183  -3.534 1.00 0.00 ? 7 PHE A HD2  13 
ATOM 1377 H HE1  . PHE A 1 7 ? -4.076 3.246  -8.369 1.00 0.00 ? 7 PHE A HE1  13 
ATOM 1378 H HE2  . PHE A 1 7 ? -6.617 2.138  -5.022 1.00 0.00 ? 7 PHE A HE2  13 
ATOM 1379 H HZ   . PHE A 1 7 ? -6.335 2.693  -7.429 1.00 0.00 ? 7 PHE A HZ   13 
ATOM 1380 N N    . ASP A 1 8 ? 0.998  2.153  -3.624 1.00 0.00 ? 8 ASP A N    13 
ATOM 1381 C CA   . ASP A 1 8 ? 2.215  2.227  -2.814 1.00 0.00 ? 8 ASP A CA   13 
ATOM 1382 C C    . ASP A 1 8 ? 1.905  2.986  -1.517 1.00 0.00 ? 8 ASP A C    13 
ATOM 1383 O O    . ASP A 1 8 ? 1.413  4.093  -1.535 1.00 0.00 ? 8 ASP A O    13 
ATOM 1384 C CB   . ASP A 1 8 ? 3.423  2.813  -3.585 1.00 0.00 ? 8 ASP A CB   13 
ATOM 1385 C CG   . ASP A 1 8 ? 3.268  4.323  -3.864 1.00 0.00 ? 8 ASP A CG   13 
ATOM 1386 O OD1  . ASP A 1 8 ? 4.128  5.125  -3.419 1.00 0.00 ? 8 ASP A OD1  13 
ATOM 1387 O OD2  . ASP A 1 8 ? 2.280  4.691  -4.571 1.00 0.00 ? 8 ASP A OD2  13 
ATOM 1388 H H    . ASP A 1 8 ? 0.952  2.697  -4.480 1.00 0.00 ? 8 ASP A H    13 
ATOM 1389 H HA   . ASP A 1 8 ? 2.495  1.201  -2.545 1.00 0.00 ? 8 ASP A HA   13 
ATOM 1390 H HB2  . ASP A 1 8 ? 4.315  2.634  -3.011 1.00 0.00 ? 8 ASP A HB2  13 
ATOM 1391 H HB3  . ASP A 1 8 ? 3.517  2.307  -4.544 1.00 0.00 ? 8 ASP A HB3  13 
ATOM 1392 N N    . PHE A 1 1 ? 3.374  2.045  -1.499 1.00 0.00 ? 1 PHE A N    14 
ATOM 1393 C CA   . PHE A 1 1 ? 4.013  1.769  -0.180 1.00 0.00 ? 1 PHE A CA   14 
ATOM 1394 C C    . PHE A 1 1 ? 3.128  1.813  1.093  1.00 0.00 ? 1 PHE A C    14 
ATOM 1395 O O    . PHE A 1 1 ? 3.708  1.650  2.166  1.00 0.00 ? 1 PHE A O    14 
ATOM 1396 C CB   . PHE A 1 1 ? 5.304  2.615  0.020  1.00 0.00 ? 1 PHE A CB   14 
ATOM 1397 C CG   . PHE A 1 1 ? 5.061  4.071  0.217  1.00 0.00 ? 1 PHE A CG   14 
ATOM 1398 C CD1  . PHE A 1 1 ? 4.789  4.590  1.503  1.00 0.00 ? 1 PHE A CD1  14 
ATOM 1399 C CD2  . PHE A 1 1 ? 5.130  4.961  -0.887 1.00 0.00 ? 1 PHE A CD2  14 
ATOM 1400 C CE1  . PHE A 1 1 ? 4.597  6.017  1.685  1.00 0.00 ? 1 PHE A CE1  14 
ATOM 1401 C CE2  . PHE A 1 1 ? 4.926  6.327  -0.741 1.00 0.00 ? 1 PHE A CE2  14 
ATOM 1402 C CZ   . PHE A 1 1 ? 4.672  6.897  0.557  1.00 0.00 ? 1 PHE A CZ   14 
ATOM 1403 H H1   . PHE A 1 1 ? 3.621  1.417  -2.249 1.00 0.00 ? 1 PHE A H1   14 
ATOM 1404 H HA   . PHE A 1 1 ? 4.343  0.731  -0.245 1.00 0.00 ? 1 PHE A HA   14 
ATOM 1405 H HB2  . PHE A 1 1 ? 5.803  2.224  0.894  1.00 0.00 ? 1 PHE A HB2  14 
ATOM 1406 H HB3  . PHE A 1 1 ? 5.980  2.460  -0.838 1.00 0.00 ? 1 PHE A HB3  14 
ATOM 1407 H HD1  . PHE A 1 1 ? 4.724  3.957  2.352  1.00 0.00 ? 1 PHE A HD1  14 
ATOM 1408 H HD2  . PHE A 1 1 ? 5.365  4.542  -1.861 1.00 0.00 ? 1 PHE A HD2  14 
ATOM 1409 H HE1  . PHE A 1 1 ? 4.425  6.414  2.685  1.00 0.00 ? 1 PHE A HE1  14 
ATOM 1410 H HE2  . PHE A 1 1 ? 4.971  6.979  -1.610 1.00 0.00 ? 1 PHE A HE2  14 
ATOM 1411 H HZ   . PHE A 1 1 ? 4.525  7.947  0.679  1.00 0.00 ? 1 PHE A HZ   14 
ATOM 1412 N N    . VAL A 1 2 ? 1.813  1.960  1.011  1.00 0.00 ? 2 VAL A N    14 
ATOM 1413 C CA   . VAL A 1 2 ? 0.923  1.907  2.164  1.00 0.00 ? 2 VAL A CA   14 
ATOM 1414 C C    . VAL A 1 2 ? 0.726  0.414  2.430  1.00 0.00 ? 2 VAL A C    14 
ATOM 1415 O O    . VAL A 1 2 ? 0.396  -0.380 1.558  1.00 0.00 ? 2 VAL A O    14 
ATOM 1416 C CB   . VAL A 1 2 ? -0.436 2.642  1.899  1.00 0.00 ? 2 VAL A CB   14 
ATOM 1417 C CG1  . VAL A 1 2 ? -1.414 2.468  3.081  1.00 0.00 ? 2 VAL A CG1  14 
ATOM 1418 C CG2  . VAL A 1 2 ? -0.199 4.118  1.672  1.00 0.00 ? 2 VAL A CG2  14 
ATOM 1419 H H    . VAL A 1 2 ? 1.384  2.113  0.053  1.00 0.00 ? 2 VAL A H    14 
ATOM 1420 H HA   . VAL A 1 2 ? 1.418  2.347  3.040  1.00 0.00 ? 2 VAL A HA   14 
ATOM 1421 H HB   . VAL A 1 2 ? -0.888 2.238  1.006  1.00 0.00 ? 2 VAL A HB   14 
ATOM 1422 H HG11 . VAL A 1 2 ? -0.985 2.879  3.983  1.00 0.00 ? 2 VAL A HG11 14 
ATOM 1423 H HG12 . VAL A 1 2 ? -1.622 1.406  3.234  1.00 0.00 ? 2 VAL A HG12 14 
ATOM 1424 H HG13 . VAL A 1 2 ? -2.358 2.962  2.837  1.00 0.00 ? 2 VAL A HG13 14 
ATOM 1425 H HG21 . VAL A 1 2 ? -1.139 4.595  1.387  1.00 0.00 ? 2 VAL A HG21 14 
ATOM 1426 H HG22 . VAL A 1 2 ? 0.522  4.258  0.862  1.00 0.00 ? 2 VAL A HG22 14 
ATOM 1427 H HG23 . VAL A 1 2 ? 0.177  4.610  2.580  1.00 0.00 ? 2 VAL A HG23 14 
ATOM 1428 N N    . GLY A 1 3 ? 1.027  0.019  3.647  1.00 0.00 ? 3 GLY A N    14 
ATOM 1429 C CA   . GLY A 1 3 ? 1.070  -1.387 3.999  1.00 0.00 ? 3 GLY A CA   14 
ATOM 1430 C C    . GLY A 1 3 ? -0.281 -2.097 3.892  1.00 0.00 ? 3 GLY A C    14 
ATOM 1431 O O    . GLY A 1 3 ? -1.260 -1.611 4.427  1.00 0.00 ? 3 GLY A O    14 
ATOM 1432 H H    . GLY A 1 3 ? 1.301  0.715  4.357  1.00 0.00 ? 3 GLY A H    14 
ATOM 1433 H HA2  . GLY A 1 3 ? 1.799  -1.916 3.340  1.00 0.00 ? 3 GLY A HA2  14 
ATOM 1434 H HA3  . GLY A 1 3 ? 1.410  -1.496 5.030  1.00 0.00 ? 3 GLY A HA3  14 
ATOM 1435 N N    . GLY A 1 4 ? -0.277 -3.246 3.264  1.00 0.00 ? 4 GLY A N    14 
ATOM 1436 C CA   . GLY A 1 4 ? -1.492 -4.038 3.204  1.00 0.00 ? 4 GLY A CA   14 
ATOM 1437 C C    . GLY A 1 4 ? -2.494 -3.514 2.207  1.00 0.00 ? 4 GLY A C    14 
ATOM 1438 O O    . GLY A 1 4 ? -3.633 -3.972 2.211  1.00 0.00 ? 4 GLY A O    14 
ATOM 1439 H H    . GLY A 1 4 ? 0.548  -3.589 2.830  1.00 0.00 ? 4 GLY A H    14 
ATOM 1440 H HA2  . GLY A 1 4 ? -1.251 -5.062 2.982  1.00 0.00 ? 4 GLY A HA2  14 
ATOM 1441 H HA3  . GLY A 1 4 ? -1.941 -4.013 4.218  1.00 0.00 ? 4 GLY A HA3  14 
ATOM 1442 N N    . THR A 1 5 ? -2.123 -2.584 1.337  1.00 0.00 ? 5 THR A N    14 
ATOM 1443 C CA   . THR A 1 5 ? -3.048 -2.056 0.300  1.00 0.00 ? 5 THR A CA   14 
ATOM 1444 C C    . THR A 1 5 ? -2.342 -1.988 -1.062 1.00 0.00 ? 5 THR A C    14 
ATOM 1445 O O    . THR A 1 5 ? -1.135 -2.176 -1.139 1.00 0.00 ? 5 THR A O    14 
ATOM 1446 C CB   . THR A 1 5 ? -3.461 -0.631 0.649  1.00 0.00 ? 5 THR A CB   14 
ATOM 1447 O OG1  . THR A 1 5 ? -2.354 0.248  0.518  1.00 0.00 ? 5 THR A OG1  14 
ATOM 1448 C CG2  . THR A 1 5 ? -3.976 -0.545 2.076  1.00 0.00 ? 5 THR A CG2  14 
ATOM 1449 H H    . THR A 1 5 ? -1.195 -2.216 1.354  1.00 0.00 ? 5 THR A H    14 
ATOM 1450 H HA   . THR A 1 5 ? -3.937 -2.704 0.246  1.00 0.00 ? 5 THR A HA   14 
ATOM 1451 H HB   . THR A 1 5 ? -4.223 -0.301 -0.056 1.00 0.00 ? 5 THR A HB   14 
ATOM 1452 H HG1  . THR A 1 5 ? -1.534 -0.228 0.693  1.00 0.00 ? 5 THR A HG1  14 
ATOM 1453 H HG21 . THR A 1 5 ? -4.492 0.388  2.220  1.00 0.00 ? 5 THR A HG21 14 
ATOM 1454 H HG22 . THR A 1 5 ? -3.136 -0.613 2.789  1.00 0.00 ? 5 THR A HG22 14 
ATOM 1455 H HG23 . THR A 1 5 ? -4.665 -1.359 2.278  1.00 0.00 ? 5 THR A HG23 14 
ATOM 1456 N N    . SER A 1 6 ? -3.098 -1.730 -2.109 1.00 0.00 ? 6 SER A N    14 
ATOM 1457 C CA   . SER A 1 6 ? -2.524 -1.642 -3.470 1.00 0.00 ? 6 SER A CA   14 
ATOM 1458 C C    . SER A 1 6 ? -2.026 -0.214 -3.755 1.00 0.00 ? 6 SER A C    14 
ATOM 1459 O O    . SER A 1 6 ? -1.532 0.072  -4.875 1.00 0.00 ? 6 SER A O    14 
ATOM 1460 C CB   . SER A 1 6 ? -3.573 -1.970 -4.543 1.00 0.00 ? 6 SER A CB   14 
ATOM 1461 O OG   . SER A 1 6 ? -4.004 -3.302 -4.410 1.00 0.00 ? 6 SER A OG   14 
ATOM 1462 H H    . SER A 1 6 ? -4.070 -1.544 -1.987 1.00 0.00 ? 6 SER A H    14 
ATOM 1463 H HA   . SER A 1 6 ? -1.698 -2.349 -3.572 1.00 0.00 ? 6 SER A HA   14 
ATOM 1464 H HB2  . SER A 1 6 ? -4.406 -1.287 -4.473 1.00 0.00 ? 6 SER A HB2  14 
ATOM 1465 H HB3  . SER A 1 6 ? -3.123 -1.861 -5.536 1.00 0.00 ? 6 SER A HB3  14 
ATOM 1466 H HG   . SER A 1 6 ? -3.218 -3.873 -4.273 1.00 0.00 ? 6 SER A HG   14 
ATOM 1467 N N    . PHE A 1 7 ? -2.166 0.674  -2.789 1.00 0.00 ? 7 PHE A N    14 
ATOM 1468 C CA   . PHE A 1 7 ? -1.690 2.058  -2.937 1.00 0.00 ? 7 PHE A CA   14 
ATOM 1469 C C    . PHE A 1 7 ? -0.172 2.018  -2.818 1.00 0.00 ? 7 PHE A C    14 
ATOM 1470 O O    . PHE A 1 7 ? 0.380  1.022  -2.300 1.00 0.00 ? 7 PHE A O    14 
ATOM 1471 C CB   . PHE A 1 7 ? -2.315 2.900  -1.838 1.00 0.00 ? 7 PHE A CB   14 
ATOM 1472 C CG   . PHE A 1 7 ? -3.848 2.885  -1.862 1.00 0.00 ? 7 PHE A CG   14 
ATOM 1473 C CD1  . PHE A 1 7 ? -4.611 2.387  -0.777 1.00 0.00 ? 7 PHE A CD1  14 
ATOM 1474 C CD2  . PHE A 1 7 ? -4.531 3.410  -2.980 1.00 0.00 ? 7 PHE A CD2  14 
ATOM 1475 C CE1  . PHE A 1 7 ? -6.049 2.426  -0.800 1.00 0.00 ? 7 PHE A CE1  14 
ATOM 1476 C CE2  . PHE A 1 7 ? -5.981 3.424  -3.031 1.00 0.00 ? 7 PHE A CE2  14 
ATOM 1477 C CZ   . PHE A 1 7 ? -6.717 2.933  -1.925 1.00 0.00 ? 7 PHE A CZ   14 
ATOM 1478 H H    . PHE A 1 7 ? -2.570 0.415  -1.918 1.00 0.00 ? 7 PHE A H    14 
ATOM 1479 H HA   . PHE A 1 7 ? -2.009 2.447  -3.882 1.00 0.00 ? 7 PHE A HA   14 
ATOM 1480 H HB2  . PHE A 1 7 ? -1.959 2.526  -0.886 1.00 0.00 ? 7 PHE A HB2  14 
ATOM 1481 H HB3  . PHE A 1 7 ? -1.960 3.925  -1.932 1.00 0.00 ? 7 PHE A HB3  14 
ATOM 1482 H HD1  . PHE A 1 7 ? -4.105 1.967  0.088  1.00 0.00 ? 7 PHE A HD1  14 
ATOM 1483 H HD2  . PHE A 1 7 ? -3.947 3.812  -3.840 1.00 0.00 ? 7 PHE A HD2  14 
ATOM 1484 H HE1  . PHE A 1 7 ? -6.637 2.039  0.033  1.00 0.00 ? 7 PHE A HE1  14 
ATOM 1485 H HE2  . PHE A 1 7 ? -6.536 3.837  -3.870 1.00 0.00 ? 7 PHE A HE2  14 
ATOM 1486 H HZ   . PHE A 1 7 ? -7.779 2.936  -1.887 1.00 0.00 ? 7 PHE A HZ   14 
ATOM 1487 N N    . ASP A 1 8 ? 0.516  3.063  -3.247 1.00 0.00 ? 8 ASP A N    14 
ATOM 1488 C CA   . ASP A 1 8 ? 1.957  3.035  -3.175 1.00 0.00 ? 8 ASP A CA   14 
ATOM 1489 C C    . ASP A 1 8 ? 2.512  3.022  -1.775 1.00 0.00 ? 8 ASP A C    14 
ATOM 1490 O O    . ASP A 1 8 ? 2.146  3.832  -0.957 1.00 0.00 ? 8 ASP A O    14 
ATOM 1491 C CB   . ASP A 1 8 ? 2.464  4.248  -3.873 1.00 0.00 ? 8 ASP A CB   14 
ATOM 1492 C CG   . ASP A 1 8 ? 2.119  4.251  -5.313 1.00 0.00 ? 8 ASP A CG   14 
ATOM 1493 O OD1  . ASP A 1 8 ? 1.969  5.355  -5.850 1.00 0.00 ? 8 ASP A OD1  14 
ATOM 1494 O OD2  . ASP A 1 8 ? 1.981  3.145  -5.919 1.00 0.00 ? 8 ASP A OD2  14 
ATOM 1495 H H    . ASP A 1 8 ? 0.074  3.860  -3.620 1.00 0.00 ? 8 ASP A H    14 
ATOM 1496 H HA   . ASP A 1 8 ? 2.332  2.144  -3.679 1.00 0.00 ? 8 ASP A HA   14 
ATOM 1497 H HB2  . ASP A 1 8 ? 2.009  5.122  -3.405 1.00 0.00 ? 8 ASP A HB2  14 
ATOM 1498 H HB3  . ASP A 1 8 ? 3.560  4.289  -3.790 1.00 0.00 ? 8 ASP A HB3  14 
ATOM 1499 N N    . PHE A 1 1 ? 2.478  3.002  -0.920 1.00 0.00 ? 1 PHE A N    15 
ATOM 1500 C CA   . PHE A 1 1 ? 2.788  3.797  0.239  1.00 0.00 ? 1 PHE A CA   15 
ATOM 1501 C C    . PHE A 1 1 ? 2.117  3.048  1.422  1.00 0.00 ? 1 PHE A C    15 
ATOM 1502 O O    . PHE A 1 1 ? 0.917  2.752  1.350  1.00 0.00 ? 1 PHE A O    15 
ATOM 1503 C CB   . PHE A 1 1 ? 2.216  5.191  0.073  1.00 0.00 ? 1 PHE A CB   15 
ATOM 1504 C CG   . PHE A 1 1 ? 2.413  6.109  1.232  1.00 0.00 ? 1 PHE A CG   15 
ATOM 1505 C CD1  . PHE A 1 1 ? 1.310  6.520  2.030  1.00 0.00 ? 1 PHE A CD1  15 
ATOM 1506 C CD2  . PHE A 1 1 ? 3.707  6.591  1.583  1.00 0.00 ? 1 PHE A CD2  15 
ATOM 1507 C CE1  . PHE A 1 1 ? 1.486  7.409  3.122  1.00 0.00 ? 1 PHE A CE1  15 
ATOM 1508 C CE2  . PHE A 1 1 ? 3.880  7.458  2.674  1.00 0.00 ? 1 PHE A CE2  15 
ATOM 1509 C CZ   . PHE A 1 1 ? 2.771  7.878  3.442  1.00 0.00 ? 1 PHE A CZ   15 
ATOM 1510 H H1   . PHE A 1 1 ? 1.782  3.343  -1.573 1.00 0.00 ? 1 PHE A H1   15 
ATOM 1511 H HA   . PHE A 1 1 ? 3.861  3.838  0.371  1.00 0.00 ? 1 PHE A HA   15 
ATOM 1512 H HB2  . PHE A 1 1 ? 2.634  5.657  -0.798 1.00 0.00 ? 1 PHE A HB2  15 
ATOM 1513 H HB3  . PHE A 1 1 ? 1.138  5.093  -0.080 1.00 0.00 ? 1 PHE A HB3  15 
ATOM 1514 H HD1  . PHE A 1 1 ? 0.328  6.159  1.781  1.00 0.00 ? 1 PHE A HD1  15 
ATOM 1515 H HD2  . PHE A 1 1 ? 4.589  6.304  1.019  1.00 0.00 ? 1 PHE A HD2  15 
ATOM 1516 H HE1  . PHE A 1 1 ? 0.639  7.707  3.703  1.00 0.00 ? 1 PHE A HE1  15 
ATOM 1517 H HE2  . PHE A 1 1 ? 4.871  7.849  2.916  1.00 0.00 ? 1 PHE A HE2  15 
ATOM 1518 H HZ   . PHE A 1 1 ? 2.914  8.536  4.272  1.00 0.00 ? 1 PHE A HZ   15 
ATOM 1519 N N    . VAL A 1 2 ? 2.904  2.738  2.466  1.00 0.00 ? 2 VAL A N    15 
ATOM 1520 C CA   . VAL A 1 2 ? 2.447  1.991  3.665  1.00 0.00 ? 2 VAL A CA   15 
ATOM 1521 C C    . VAL A 1 2 ? 2.247  0.483  3.333  1.00 0.00 ? 2 VAL A C    15 
ATOM 1522 O O    . VAL A 1 2 ? 2.769  -0.397 3.994  1.00 0.00 ? 2 VAL A O    15 
ATOM 1523 C CB   . VAL A 1 2 ? 1.138  2.598  4.301  1.00 0.00 ? 2 VAL A CB   15 
ATOM 1524 C CG1  . VAL A 1 2 ? 0.763  1.793  5.573  1.00 0.00 ? 2 VAL A CG1  15 
ATOM 1525 C CG2  . VAL A 1 2 ? 1.349  4.095  4.699  1.00 0.00 ? 2 VAL A CG2  15 
ATOM 1526 H H    . VAL A 1 2 ? 3.891  2.981  2.408  1.00 0.00 ? 2 VAL A H    15 
ATOM 1527 H HA   . VAL A 1 2 ? 3.231  2.079  4.406  1.00 0.00 ? 2 VAL A HA   15 
ATOM 1528 H HB   . VAL A 1 2 ? 0.332  2.528  3.597  1.00 0.00 ? 2 VAL A HB   15 
ATOM 1529 H HG11 . VAL A 1 2 ? 1.635  1.695  6.219  1.00 0.00 ? 2 VAL A HG11 15 
ATOM 1530 H HG12 . VAL A 1 2 ? 0.420  0.782  5.284  1.00 0.00 ? 2 VAL A HG12 15 
ATOM 1531 H HG13 . VAL A 1 2 ? -0.056 2.282  6.114  1.00 0.00 ? 2 VAL A HG13 15 
ATOM 1532 H HG21 . VAL A 1 2 ? 0.455  4.488  5.162  1.00 0.00 ? 2 VAL A HG21 15 
ATOM 1533 H HG22 . VAL A 1 2 ? 1.553  4.690  3.805  1.00 0.00 ? 2 VAL A HG22 15 
ATOM 1534 H HG23 . VAL A 1 2 ? 2.195  4.154  5.376  1.00 0.00 ? 2 VAL A HG23 15 
ATOM 1535 N N    . GLY A 1 3 ? 1.490  0.202  2.302  1.00 0.00 ? 3 GLY A N    15 
ATOM 1536 C CA   . GLY A 1 3 ? 1.213  -1.167 1.887  1.00 0.00 ? 3 GLY A CA   15 
ATOM 1537 C C    . GLY A 1 3 ? 0.077  -1.805 2.615  1.00 0.00 ? 3 GLY A C    15 
ATOM 1538 O O    . GLY A 1 3 ? -0.547 -1.215 3.508  1.00 0.00 ? 3 GLY A O    15 
ATOM 1539 H H    . GLY A 1 3 ? 1.090  0.943  1.757  1.00 0.00 ? 3 GLY A H    15 
ATOM 1540 H HA2  . GLY A 1 3 ? 0.960  -1.158 0.828  1.00 0.00 ? 3 GLY A HA2  15 
ATOM 1541 H HA3  . GLY A 1 3 ? 2.114  -1.781 2.004  1.00 0.00 ? 3 GLY A HA3  15 
ATOM 1542 N N    . GLY A 1 4 ? -0.195 -3.021 2.168  1.00 0.00 ? 4 GLY A N    15 
ATOM 1543 C CA   . GLY A 1 4 ? -1.284 -3.806 2.731  1.00 0.00 ? 4 GLY A CA   15 
ATOM 1544 C C    . GLY A 1 4 ? -2.563 -3.439 2.022  1.00 0.00 ? 4 GLY A C    15 
ATOM 1545 O O    . GLY A 1 4 ? -3.646 -3.870 2.388  1.00 0.00 ? 4 GLY A O    15 
ATOM 1546 H H    . GLY A 1 4 ? 0.377  -3.424 1.430  1.00 0.00 ? 4 GLY A H    15 
ATOM 1547 H HA2  . GLY A 1 4 ? -1.059 -4.880 2.623  1.00 0.00 ? 4 GLY A HA2  15 
ATOM 1548 H HA3  . GLY A 1 4 ? -1.383 -3.556 3.787  1.00 0.00 ? 4 GLY A HA3  15 
ATOM 1549 N N    . THR A 1 5 ? -2.432 -2.615 0.997  1.00 0.00 ? 5 THR A N    15 
ATOM 1550 C CA   . THR A 1 5 ? -3.529 -2.089 0.222  1.00 0.00 ? 5 THR A CA   15 
ATOM 1551 C C    . THR A 1 5 ? -2.992 -2.045 -1.211 1.00 0.00 ? 5 THR A C    15 
ATOM 1552 O O    . THR A 1 5 ? -1.838 -2.406 -1.400 1.00 0.00 ? 5 THR A O    15 
ATOM 1553 C CB   . THR A 1 5 ? -3.865 -0.657 0.650  1.00 0.00 ? 5 THR A CB   15 
ATOM 1554 O OG1  . THR A 1 5 ? -2.689 0.157  0.496  1.00 0.00 ? 5 THR A OG1  15 
ATOM 1555 C CG2  . THR A 1 5 ? -4.302 -0.542 2.108  1.00 0.00 ? 5 THR A CG2  15 
ATOM 1556 H H    . THR A 1 5 ? -1.479 -2.282 0.731  1.00 0.00 ? 5 THR A H    15 
ATOM 1557 H HA   . THR A 1 5 ? -4.389 -2.728 0.319  1.00 0.00 ? 5 THR A HA   15 
ATOM 1558 H HB   . THR A 1 5 ? -4.658 -0.271 0.016  1.00 0.00 ? 5 THR A HB   15 
ATOM 1559 H HG1  . THR A 1 5 ? -2.214 0.124  1.323  1.00 0.00 ? 5 THR A HG1  15 
ATOM 1560 H HG21 . THR A 1 5 ? -3.437 -0.742 2.746  1.00 0.00 ? 5 THR A HG21 15 
ATOM 1561 H HG22 . THR A 1 5 ? -5.099 -1.269 2.320  1.00 0.00 ? 5 THR A HG22 15 
ATOM 1562 H HG23 . THR A 1 5 ? -4.656 0.471  2.291  1.00 0.00 ? 5 THR A HG23 15 
ATOM 1563 N N    . SER A 1 6 ? -3.756 -1.618 -2.203 1.00 0.00 ? 6 SER A N    15 
ATOM 1564 C CA   . SER A 1 6 ? -3.239 -1.495 -3.592 1.00 0.00 ? 6 SER A CA   15 
ATOM 1565 C C    . SER A 1 6 ? -2.202 -0.398 -3.735 1.00 0.00 ? 6 SER A C    15 
ATOM 1566 O O    . SER A 1 6 ? -1.568 -0.302 -4.795 1.00 0.00 ? 6 SER A O    15 
ATOM 1567 C CB   . SER A 1 6 ? -4.392 -1.146 -4.544 1.00 0.00 ? 6 SER A CB   15 
ATOM 1568 O OG   . SER A 1 6 ? -5.424 -2.096 -4.425 1.00 0.00 ? 6 SER A OG   15 
ATOM 1569 H H    . SER A 1 6 ? -4.702 -1.326 -2.014 1.00 0.00 ? 6 SER A H    15 
ATOM 1570 H HA   . SER A 1 6 ? -2.787 -2.441 -3.917 1.00 0.00 ? 6 SER A HA   15 
ATOM 1571 H HB2  . SER A 1 6 ? -4.788 -0.152 -4.293 1.00 0.00 ? 6 SER A HB2  15 
ATOM 1572 H HB3  . SER A 1 6 ? -4.011 -1.132 -5.585 1.00 0.00 ? 6 SER A HB3  15 
ATOM 1573 H HG   . SER A 1 6 ? -5.765 -2.280 -5.311 1.00 0.00 ? 6 SER A HG   15 
ATOM 1574 N N    . PHE A 1 7 ? -2.041 0.463  -2.724 1.00 0.00 ? 7 PHE A N    15 
ATOM 1575 C CA   . PHE A 1 7 ? -1.081 1.555  -2.782 1.00 0.00 ? 7 PHE A CA   15 
ATOM 1576 C C    . PHE A 1 7 ? 0.244  1.060  -2.232 1.00 0.00 ? 7 PHE A C    15 
ATOM 1577 O O    . PHE A 1 7 ? 0.286  0.351  -1.197 1.00 0.00 ? 7 PHE A O    15 
ATOM 1578 C CB   . PHE A 1 7 ? -1.549 2.667  -1.865 1.00 0.00 ? 7 PHE A CB   15 
ATOM 1579 C CG   . PHE A 1 7 ? -2.952 3.137  -2.171 1.00 0.00 ? 7 PHE A CG   15 
ATOM 1580 C CD1  . PHE A 1 7 ? -4.030 2.828  -1.285 1.00 0.00 ? 7 PHE A CD1  15 
ATOM 1581 C CD2  . PHE A 1 7 ? -3.217 3.924  -3.330 1.00 0.00 ? 7 PHE A CD2  15 
ATOM 1582 C CE1  . PHE A 1 7 ? -5.327 3.299  -1.513 1.00 0.00 ? 7 PHE A CE1  15 
ATOM 1583 C CE2  . PHE A 1 7 ? -4.555 4.400  -3.574 1.00 0.00 ? 7 PHE A CE2  15 
ATOM 1584 C CZ   . PHE A 1 7 ? -5.599 4.094  -2.658 1.00 0.00 ? 7 PHE A CZ   15 
ATOM 1585 H H    . PHE A 1 7 ? -2.612 0.346  -1.858 1.00 0.00 ? 7 PHE A H    15 
ATOM 1586 H HA   . PHE A 1 7 ? -0.957 1.925  -3.809 1.00 0.00 ? 7 PHE A HA   15 
ATOM 1587 H HB2  . PHE A 1 7 ? -1.504 2.327  -0.824 1.00 0.00 ? 7 PHE A HB2  15 
ATOM 1588 H HB3  . PHE A 1 7 ? -0.876 3.513  -1.968 1.00 0.00 ? 7 PHE A HB3  15 
ATOM 1589 H HD1  . PHE A 1 7 ? -3.828 2.234  -0.389 1.00 0.00 ? 7 PHE A HD1  15 
ATOM 1590 H HD2  . PHE A 1 7 ? -2.378 4.134  -4.026 1.00 0.00 ? 7 PHE A HD2  15 
ATOM 1591 H HE1  . PHE A 1 7 ? -6.101 3.017  -0.802 1.00 0.00 ? 7 PHE A HE1  15 
ATOM 1592 H HE2  . PHE A 1 7 ? -4.727 5.002  -4.445 1.00 0.00 ? 7 PHE A HE2  15 
ATOM 1593 H HZ   . PHE A 1 7 ? -6.589 4.483  -2.848 1.00 0.00 ? 7 PHE A HZ   15 
ATOM 1594 N N    . ASP A 1 8 ? 1.316  1.459  -2.862 1.00 0.00 ? 8 ASP A N    15 
ATOM 1595 C CA   . ASP A 1 8 ? 2.672  1.074  -2.420 1.00 0.00 ? 8 ASP A CA   15 
ATOM 1596 C C    . ASP A 1 8 ? 3.085  1.843  -1.142 1.00 0.00 ? 8 ASP A C    15 
ATOM 1597 O O    . ASP A 1 8 ? 3.956  1.414  -0.354 1.00 0.00 ? 8 ASP A O    15 
ATOM 1598 C CB   . ASP A 1 8 ? 3.684  1.335  -3.547 1.00 0.00 ? 8 ASP A CB   15 
ATOM 1599 C CG   . ASP A 1 8 ? 3.548  0.350  -4.722 1.00 0.00 ? 8 ASP A CG   15 
ATOM 1600 O OD1  . ASP A 1 8 ? 4.044  0.691  -5.815 1.00 0.00 ? 8 ASP A OD1  15 
ATOM 1601 O OD2  . ASP A 1 8 ? 2.948  -0.763 -4.518 1.00 0.00 ? 8 ASP A OD2  15 
ATOM 1602 H H    . ASP A 1 8 ? 1.211  2.002  -3.699 1.00 0.00 ? 8 ASP A H    15 
ATOM 1603 H HA   . ASP A 1 8 ? 2.693  0.011  -2.192 1.00 0.00 ? 8 ASP A HA   15 
ATOM 1604 H HB2  . ASP A 1 8 ? 3.535  2.378  -3.872 1.00 0.00 ? 8 ASP A HB2  15 
ATOM 1605 H HB3  . ASP A 1 8 ? 4.695  1.235  -3.177 1.00 0.00 ? 8 ASP A HB3  15 
ATOM 1606 N N    . PHE A 1 1 ? 2.129  2.703  -1.038 1.00 0.00 ? 1 PHE A N    16 
ATOM 1607 C CA   . PHE A 1 1 ? 2.278  3.307  0.292  1.00 0.00 ? 1 PHE A CA   16 
ATOM 1608 C C    . PHE A 1 1 ? 2.354  2.165  1.350  1.00 0.00 ? 1 PHE A C    16 
ATOM 1609 O O    . PHE A 1 1 ? 1.995  1.026  1.036  1.00 0.00 ? 1 PHE A O    16 
ATOM 1610 C CB   . PHE A 1 1 ? 1.097  4.238  0.576  1.00 0.00 ? 1 PHE A CB   16 
ATOM 1611 C CG   . PHE A 1 1 ? 1.281  5.101  1.793  1.00 0.00 ? 1 PHE A CG   16 
ATOM 1612 C CD1  . PHE A 1 1 ? 2.344  6.007  1.854  1.00 0.00 ? 1 PHE A CD1  16 
ATOM 1613 C CD2  . PHE A 1 1 ? 0.394  5.005  2.908  1.00 0.00 ? 1 PHE A CD2  16 
ATOM 1614 C CE1  . PHE A 1 1 ? 2.562  6.816  3.018  1.00 0.00 ? 1 PHE A CE1  16 
ATOM 1615 C CE2  . PHE A 1 1 ? 0.579  5.804  4.065  1.00 0.00 ? 1 PHE A CE2  16 
ATOM 1616 C CZ   . PHE A 1 1 ? 1.656  6.721  4.140  1.00 0.00 ? 1 PHE A CZ   16 
ATOM 1617 H H1   . PHE A 1 1 ? 1.240  2.743  -1.478 1.00 0.00 ? 1 PHE A H1   16 
ATOM 1618 H HA   . PHE A 1 1 ? 3.217  3.875  0.318  1.00 0.00 ? 1 PHE A HA   16 
ATOM 1619 H HB2  . PHE A 1 1 ? 0.945  4.876  -0.318 1.00 0.00 ? 1 PHE A HB2  16 
ATOM 1620 H HB3  . PHE A 1 1 ? 0.216  3.617  0.695  1.00 0.00 ? 1 PHE A HB3  16 
ATOM 1621 H HD1  . PHE A 1 1 ? 3.014  6.111  1.028  1.00 0.00 ? 1 PHE A HD1  16 
ATOM 1622 H HD2  . PHE A 1 1 ? -0.453 4.324  2.837  1.00 0.00 ? 1 PHE A HD2  16 
ATOM 1623 H HE1  . PHE A 1 1 ? 3.388  7.497  3.077  1.00 0.00 ? 1 PHE A HE1  16 
ATOM 1624 H HE2  . PHE A 1 1 ? -0.094 5.714  4.900  1.00 0.00 ? 1 PHE A HE2  16 
ATOM 1625 H HZ   . PHE A 1 1 ? 1.804  7.318  5.040  1.00 0.00 ? 1 PHE A HZ   16 
ATOM 1626 N N    . VAL A 1 2 ? 2.798  2.454  2.562  1.00 0.00 ? 2 VAL A N    16 
ATOM 1627 C CA   . VAL A 1 2 ? 2.958  1.420  3.603  1.00 0.00 ? 2 VAL A CA   16 
ATOM 1628 C C    . VAL A 1 2 ? 1.607  0.706  3.826  1.00 0.00 ? 2 VAL A C    16 
ATOM 1629 O O    . VAL A 1 2 ? 0.568  1.322  3.740  1.00 0.00 ? 2 VAL A O    16 
ATOM 1630 C CB   . VAL A 1 2 ? 3.476  1.987  4.959  1.00 0.00 ? 2 VAL A CB   16 
ATOM 1631 C CG1  . VAL A 1 2 ? 4.844  2.587  4.730  1.00 0.00 ? 2 VAL A CG1  16 
ATOM 1632 C CG2  . VAL A 1 2 ? 2.502  3.056  5.551  1.00 0.00 ? 2 VAL A CG2  16 
ATOM 1633 H H    . VAL A 1 2 ? 3.095  3.384  2.781  1.00 0.00 ? 2 VAL A H    16 
ATOM 1634 H HA   . VAL A 1 2 ? 3.687  0.683  3.242  1.00 0.00 ? 2 VAL A HA   16 
ATOM 1635 H HB   . VAL A 1 2 ? 3.574  1.176  5.675  1.00 0.00 ? 2 VAL A HB   16 
ATOM 1636 H HG11 . VAL A 1 2 ? 4.767  3.361  3.970  1.00 0.00 ? 2 VAL A HG11 16 
ATOM 1637 H HG12 . VAL A 1 2 ? 5.530  1.813  4.387  1.00 0.00 ? 2 VAL A HG12 16 
ATOM 1638 H HG13 . VAL A 1 2 ? 5.215  3.011  5.660  1.00 0.00 ? 2 VAL A HG13 16 
ATOM 1639 H HG21 . VAL A 1 2 ? 2.346  3.857  4.830  1.00 0.00 ? 2 VAL A HG21 16 
ATOM 1640 H HG22 . VAL A 1 2 ? 2.940  3.477  6.446  1.00 0.00 ? 2 VAL A HG22 16 
ATOM 1641 H HG23 . VAL A 1 2 ? 1.557  2.584  5.797  1.00 0.00 ? 2 VAL A HG23 16 
ATOM 1642 N N    . GLY A 1 3 ? 1.650  -0.586 4.081  1.00 0.00 ? 3 GLY A N    16 
ATOM 1643 C CA   . GLY A 1 3 ? 0.448  -1.367 4.205  1.00 0.00 ? 3 GLY A CA   16 
ATOM 1644 C C    . GLY A 1 3 ? 0.275  -2.188 2.918  1.00 0.00 ? 3 GLY A C    16 
ATOM 1645 O O    . GLY A 1 3 ? -0.129 -3.326 3.009  1.00 0.00 ? 3 GLY A O    16 
ATOM 1646 H H    . GLY A 1 3 ? 2.545  -1.058 4.200  1.00 0.00 ? 3 GLY A H    16 
ATOM 1647 H HA2  . GLY A 1 3 ? 0.521  -2.051 5.045  1.00 0.00 ? 3 GLY A HA2  16 
ATOM 1648 H HA3  . GLY A 1 3 ? -0.409 -0.691 4.354  1.00 0.00 ? 3 GLY A HA3  16 
ATOM 1649 N N    . GLY A 1 4 ? 0.561  -1.616 1.749  1.00 0.00 ? 4 GLY A N    16 
ATOM 1650 C CA   . GLY A 1 4 ? 0.422  -2.356 0.510  1.00 0.00 ? 4 GLY A CA   16 
ATOM 1651 C C    . GLY A 1 4 ? -0.969 -2.896 0.182  1.00 0.00 ? 4 GLY A C    16 
ATOM 1652 O O    . GLY A 1 4 ? -1.057 -3.882 -0.566 1.00 0.00 ? 4 GLY A O    16 
ATOM 1653 H H    . GLY A 1 4 ? 0.892  -0.675 1.706  1.00 0.00 ? 4 GLY A H    16 
ATOM 1654 H HA2  . GLY A 1 4 ? 0.718  -1.709 -0.312 1.00 0.00 ? 4 GLY A HA2  16 
ATOM 1655 H HA3  . GLY A 1 4 ? 1.095  -3.228 0.507  1.00 0.00 ? 4 GLY A HA3  16 
ATOM 1656 N N    . THR A 1 5 ? -2.030 -2.295 0.729  1.00 0.00 ? 5 THR A N    16 
ATOM 1657 C CA   . THR A 1 5 ? -3.391 -2.770 0.440  1.00 0.00 ? 5 THR A CA   16 
ATOM 1658 C C    . THR A 1 5 ? -3.742 -2.637 -1.075 1.00 0.00 ? 5 THR A C    16 
ATOM 1659 O O    . THR A 1 5 ? -4.413 -3.516 -1.655 1.00 0.00 ? 5 THR A O    16 
ATOM 1660 C CB   . THR A 1 5 ? -4.422 -1.907 1.244  1.00 0.00 ? 5 THR A CB   16 
ATOM 1661 O OG1  . THR A 1 5 ? -4.105 -1.904 2.608  1.00 0.00 ? 5 THR A OG1  16 
ATOM 1662 C CG2  . THR A 1 5 ? -5.887 -2.421 1.083  1.00 0.00 ? 5 THR A CG2  16 
ATOM 1663 H H    . THR A 1 5 ? -1.892 -1.524 1.329  1.00 0.00 ? 5 THR A H    16 
ATOM 1664 H HA   . THR A 1 5 ? -3.457 -3.809 0.732  1.00 0.00 ? 5 THR A HA   16 
ATOM 1665 H HB   . THR A 1 5 ? -4.365 -0.870 0.872  1.00 0.00 ? 5 THR A HB   16 
ATOM 1666 H HG1  . THR A 1 5 ? -4.657 -1.230 3.036  1.00 0.00 ? 5 THR A HG1  16 
ATOM 1667 H HG21 . THR A 1 5 ? -6.551 -1.912 1.783  1.00 0.00 ? 5 THR A HG21 16 
ATOM 1668 H HG22 . THR A 1 5 ? -5.938 -3.491 1.275  1.00 0.00 ? 5 THR A HG22 16 
ATOM 1669 H HG23 . THR A 1 5 ? -6.226 -2.235 0.066  1.00 0.00 ? 5 THR A HG23 16 
ATOM 1670 N N    . SER A 1 6 ? -3.289 -1.542 -1.693 1.00 0.00 ? 6 SER A N    16 
ATOM 1671 C CA   . SER A 1 6 ? -3.564 -1.199 -3.104 1.00 0.00 ? 6 SER A CA   16 
ATOM 1672 C C    . SER A 1 6 ? -2.439 -0.320 -3.637 1.00 0.00 ? 6 SER A C    16 
ATOM 1673 O O    . SER A 1 6 ? -1.869 -0.626 -4.687 1.00 0.00 ? 6 SER A O    16 
ATOM 1674 C CB   . SER A 1 6 ? -4.923 -0.510 -3.239 1.00 0.00 ? 6 SER A CB   16 
ATOM 1675 O OG   . SER A 1 6 ? -5.233 -0.115 -4.574 1.00 0.00 ? 6 SER A OG   16 
ATOM 1676 H H    . SER A 1 6 ? -2.672 -0.906 -1.145 1.00 0.00 ? 6 SER A H    16 
ATOM 1677 H HA   . SER A 1 6 ? -3.584 -2.116 -3.709 1.00 0.00 ? 6 SER A HA   16 
ATOM 1678 H HB2  . SER A 1 6 ? -5.712 -1.177 -2.844 1.00 0.00 ? 6 SER A HB2  16 
ATOM 1679 H HB3  . SER A 1 6 ? -4.889 0.380  -2.610 1.00 0.00 ? 6 SER A HB3  16 
ATOM 1680 H HG   . SER A 1 6 ? -5.375 -0.924 -5.054 1.00 0.00 ? 6 SER A HG   16 
ATOM 1681 N N    . PHE A 1 7 ? -2.134 0.762  -2.932 1.00 0.00 ? 7 PHE A N    16 
ATOM 1682 C CA   . PHE A 1 7 ? -1.047 1.670  -3.340 1.00 0.00 ? 7 PHE A CA   16 
ATOM 1683 C C    . PHE A 1 7 ? 0.300  1.150  -2.883 1.00 0.00 ? 7 PHE A C    16 
ATOM 1684 O O    . PHE A 1 7 ? 0.371  0.228  -2.070 1.00 0.00 ? 7 PHE A O    16 
ATOM 1685 C CB   . PHE A 1 7 ? -1.286 3.024  -2.682 1.00 0.00 ? 7 PHE A CB   16 
ATOM 1686 C CG   . PHE A 1 7 ? -2.605 3.645  -3.058 1.00 0.00 ? 7 PHE A CG   16 
ATOM 1687 C CD1  . PHE A 1 7 ? -2.916 3.851  -4.428 1.00 0.00 ? 7 PHE A CD1  16 
ATOM 1688 C CD2  . PHE A 1 7 ? -3.549 4.029  -2.075 1.00 0.00 ? 7 PHE A CD2  16 
ATOM 1689 C CE1  . PHE A 1 7 ? -4.155 4.438  -4.804 1.00 0.00 ? 7 PHE A CE1  16 
ATOM 1690 C CE2  . PHE A 1 7 ? -4.787 4.612  -2.449 1.00 0.00 ? 7 PHE A CE2  16 
ATOM 1691 C CZ   . PHE A 1 7 ? -5.104 4.808  -3.822 1.00 0.00 ? 7 PHE A CZ   16 
ATOM 1692 H H    . PHE A 1 7 ? -2.665 0.981  -2.089 1.00 0.00 ? 7 PHE A H    16 
ATOM 1693 H HA   . PHE A 1 7 ? -1.032 1.788  -4.417 1.00 0.00 ? 7 PHE A HA   16 
ATOM 1694 H HB2  . PHE A 1 7 ? -1.252 2.921  -1.592 1.00 0.00 ? 7 PHE A HB2  16 
ATOM 1695 H HB3  . PHE A 1 7 ? -0.500 3.720  -2.995 1.00 0.00 ? 7 PHE A HB3  16 
ATOM 1696 H HD1  . PHE A 1 7 ? -2.205 3.565  -5.211 1.00 0.00 ? 7 PHE A HD1  16 
ATOM 1697 H HD2  . PHE A 1 7 ? -3.304 3.902  -1.033 1.00 0.00 ? 7 PHE A HD2  16 
ATOM 1698 H HE1  . PHE A 1 7 ? -4.394 4.582  -5.850 1.00 0.00 ? 7 PHE A HE1  16 
ATOM 1699 H HE2  . PHE A 1 7 ? -5.462 4.908  -1.665 1.00 0.00 ? 7 PHE A HE2  16 
ATOM 1700 H HZ   . PHE A 1 7 ? -6.051 5.249  -4.140 1.00 0.00 ? 7 PHE A HZ   16 
ATOM 1701 N N    . ASP A 1 8 ? 1.377  1.769  -3.365 1.00 0.00 ? 8 ASP A N    16 
ATOM 1702 C CA   . ASP A 1 8 ? 2.752  1.410  -2.989 1.00 0.00 ? 8 ASP A CA   16 
ATOM 1703 C C    . ASP A 1 8 ? 3.140  2.076  -1.672 1.00 0.00 ? 8 ASP A C    16 
ATOM 1704 O O    . ASP A 1 8 ? 4.277  2.025  -1.215 1.00 0.00 ? 8 ASP A O    16 
ATOM 1705 C CB   . ASP A 1 8 ? 3.739  1.822  -4.114 1.00 0.00 ? 8 ASP A CB   16 
ATOM 1706 C CG   . ASP A 1 8 ? 3.920  3.346  -4.233 1.00 0.00 ? 8 ASP A CG   16 
ATOM 1707 O OD1  . ASP A 1 8 ? 5.036  3.805  -4.441 1.00 0.00 ? 8 ASP A OD1  16 
ATOM 1708 O OD2  . ASP A 1 8 ? 2.906  4.067  -4.152 1.00 0.00 ? 8 ASP A OD2  16 
ATOM 1709 H H    . ASP A 1 8 ? 1.274  2.529  -4.024 1.00 0.00 ? 8 ASP A H    16 
ATOM 1710 H HA   . ASP A 1 8 ? 2.795  0.340  -2.856 1.00 0.00 ? 8 ASP A HA   16 
ATOM 1711 H HB2  . ASP A 1 8 ? 4.714  1.380  -3.893 1.00 0.00 ? 8 ASP A HB2  16 
ATOM 1712 H HB3  . ASP A 1 8 ? 3.383  1.432  -5.071 1.00 0.00 ? 8 ASP A HB3  16 
ATOM 1713 N N    . PHE A 1 1 ? 2.398  2.602  -0.979 1.00 0.00 ? 1 PHE A N    17 
ATOM 1714 C CA   . PHE A 1 1 ? 2.668  3.369  0.210  1.00 0.00 ? 1 PHE A CA   17 
ATOM 1715 C C    . PHE A 1 1 ? 1.623  2.809  1.152  1.00 0.00 ? 1 PHE A C    17 
ATOM 1716 O O    . PHE A 1 1 ? 0.622  2.413  0.658  1.00 0.00 ? 1 PHE A O    17 
ATOM 1717 C CB   . PHE A 1 1 ? 2.472  4.885  -0.071 1.00 0.00 ? 1 PHE A CB   17 
ATOM 1718 C CG   . PHE A 1 1 ? 3.226  5.787  0.897  1.00 0.00 ? 1 PHE A CG   17 
ATOM 1719 C CD1  . PHE A 1 1 ? 4.591  6.018  0.725  1.00 0.00 ? 1 PHE A CD1  17 
ATOM 1720 C CD2  . PHE A 1 1 ? 2.551  6.377  1.952  1.00 0.00 ? 1 PHE A CD2  17 
ATOM 1721 C CE1  . PHE A 1 1 ? 5.313  6.837  1.635  1.00 0.00 ? 1 PHE A CE1  17 
ATOM 1722 C CE2  . PHE A 1 1 ? 3.229  7.195  2.892  1.00 0.00 ? 1 PHE A CE2  17 
ATOM 1723 C CZ   . PHE A 1 1 ? 4.638  7.429  2.704  1.00 0.00 ? 1 PHE A CZ   17 
ATOM 1724 H H1   . PHE A 1 1 ? 1.425  2.325  -1.156 1.00 0.00 ? 1 PHE A H1   17 
ATOM 1725 H HA   . PHE A 1 1 ? 3.670  3.176  0.612  1.00 0.00 ? 1 PHE A HA   17 
ATOM 1726 H HB2  . PHE A 1 1 ? 2.851  5.116  -1.075 1.00 0.00 ? 1 PHE A HB2  17 
ATOM 1727 H HB3  . PHE A 1 1 ? 1.403  5.102  -0.061 1.00 0.00 ? 1 PHE A HB3  17 
ATOM 1728 H HD1  . PHE A 1 1 ? 5.100  5.581  -0.099 1.00 0.00 ? 1 PHE A HD1  17 
ATOM 1729 H HD2  . PHE A 1 1 ? 1.502  6.197  2.038  1.00 0.00 ? 1 PHE A HD2  17 
ATOM 1730 H HE1  . PHE A 1 1 ? 6.397  7.011  1.505  1.00 0.00 ? 1 PHE A HE1  17 
ATOM 1731 H HE2  . PHE A 1 1 ? 2.708  7.629  3.767  1.00 0.00 ? 1 PHE A HE2  17 
ATOM 1732 H HZ   . PHE A 1 1 ? 5.169  8.055  3.394  1.00 0.00 ? 1 PHE A HZ   17 
ATOM 1733 N N    . VAL A 1 2 ? 1.908  2.725  2.460  1.00 0.00 ? 2 VAL A N    17 
ATOM 1734 C CA   . VAL A 1 2 ? 1.016  2.076  3.429  1.00 0.00 ? 2 VAL A CA   17 
ATOM 1735 C C    . VAL A 1 2 ? 0.883  0.583  3.005  1.00 0.00 ? 2 VAL A C    17 
ATOM 1736 O O    . VAL A 1 2 ? -0.009 0.203  2.269  1.00 0.00 ? 2 VAL A O    17 
ATOM 1737 C CB   . VAL A 1 2 ? -0.386 2.793  3.549  1.00 0.00 ? 2 VAL A CB   17 
ATOM 1738 C CG1  . VAL A 1 2 ? -1.270 2.139  4.647  1.00 0.00 ? 2 VAL A CG1  17 
ATOM 1739 C CG2  . VAL A 1 2 ? -0.192 4.268  3.842  1.00 0.00 ? 2 VAL A CG2  17 
ATOM 1740 H H    . VAL A 1 2 ? 2.772  3.087  2.794  1.00 0.00 ? 2 VAL A H    17 
ATOM 1741 H HA   . VAL A 1 2 ? 1.489  2.110  4.405  1.00 0.00 ? 2 VAL A HA   17 
ATOM 1742 H HB   . VAL A 1 2 ? -0.887 2.687  2.583  1.00 0.00 ? 2 VAL A HB   17 
ATOM 1743 H HG11 . VAL A 1 2 ? -1.296 1.056  4.509  1.00 0.00 ? 2 VAL A HG11 17 
ATOM 1744 H HG12 . VAL A 1 2 ? -2.290 2.524  4.538  1.00 0.00 ? 2 VAL A HG12 17 
ATOM 1745 H HG13 . VAL A 1 2 ? -0.861 2.374  5.638  1.00 0.00 ? 2 VAL A HG13 17 
ATOM 1746 H HG21 . VAL A 1 2 ? 0.310  4.727  3.026  1.00 0.00 ? 2 VAL A HG21 17 
ATOM 1747 H HG22 . VAL A 1 2 ? 0.419  4.397  4.716  1.00 0.00 ? 2 VAL A HG22 17 
ATOM 1748 H HG23 . VAL A 1 2 ? -1.143 4.733  3.983  1.00 0.00 ? 2 VAL A HG23 17 
ATOM 1749 N N    . GLY A 1 3 ? 1.811  -0.266 3.488  1.00 0.00 ? 3 GLY A N    17 
ATOM 1750 C CA   . GLY A 1 3 ? 1.887  -1.658 3.045  1.00 0.00 ? 3 GLY A CA   17 
ATOM 1751 C C    . GLY A 1 3 ? 0.643  -2.465 3.251  1.00 0.00 ? 3 GLY A C    17 
ATOM 1752 O O    . GLY A 1 3 ? 0.012  -2.384 4.275  1.00 0.00 ? 3 GLY A O    17 
ATOM 1753 H H    . GLY A 1 3 ? 2.480  0.096  4.165  1.00 0.00 ? 3 GLY A H    17 
ATOM 1754 H HA2  . GLY A 1 3 ? 2.150  -1.670 1.971  1.00 0.00 ? 3 GLY A HA2  17 
ATOM 1755 H HA3  . GLY A 1 3 ? 2.736  -2.149 3.588  1.00 0.00 ? 3 GLY A HA3  17 
ATOM 1756 N N    . GLY A 1 4 ? 0.296  -3.279 2.244  1.00 0.00 ? 4 GLY A N    17 
ATOM 1757 C CA   . GLY A 1 4 ? -0.940 -4.098 2.290  1.00 0.00 ? 4 GLY A CA   17 
ATOM 1758 C C    . GLY A 1 4 ? -2.134 -3.445 1.572  1.00 0.00 ? 4 GLY A C    17 
ATOM 1759 O O    . GLY A 1 4 ? -3.173 -4.085 1.402  1.00 0.00 ? 4 GLY A O    17 
ATOM 1760 H H    . GLY A 1 4 ? 0.879  -3.335 1.421  1.00 0.00 ? 4 GLY A H    17 
ATOM 1761 H HA2  . GLY A 1 4 ? -0.750 -5.058 1.796  1.00 0.00 ? 4 GLY A HA2  17 
ATOM 1762 H HA3  . GLY A 1 4 ? -1.173 -4.296 3.358  1.00 0.00 ? 4 GLY A HA3  17 
ATOM 1763 N N    . THR A 1 5 ? -2.033 -2.188 1.116  1.00 0.00 ? 5 THR A N    17 
ATOM 1764 C CA   . THR A 1 5 ? -3.144 -1.543 0.433  1.00 0.00 ? 5 THR A CA   17 
ATOM 1765 C C    . THR A 1 5 ? -2.818 -1.682 -1.043 1.00 0.00 ? 5 THR A C    17 
ATOM 1766 O O    . THR A 1 5 ? -1.765 -2.178 -1.416 1.00 0.00 ? 5 THR A O    17 
ATOM 1767 C CB   . THR A 1 5 ? -3.277 -0.032 0.757  1.00 0.00 ? 5 THR A CB   17 
ATOM 1768 O OG1  . THR A 1 5 ? -2.090 0.620  0.321  1.00 0.00 ? 5 THR A OG1  17 
ATOM 1769 C CG2  . THR A 1 5 ? -3.537 0.207  2.215  1.00 0.00 ? 5 THR A CG2  17 
ATOM 1770 H H    . THR A 1 5 ? -1.193 -1.674 1.212  1.00 0.00 ? 5 THR A H    17 
ATOM 1771 H HA   . THR A 1 5 ? -4.083 -2.064 0.657  1.00 0.00 ? 5 THR A HA   17 
ATOM 1772 H HB   . THR A 1 5 ? -4.128 0.361  0.202  1.00 0.00 ? 5 THR A HB   17 
ATOM 1773 H HG1  . THR A 1 5 ? -1.449 0.623  1.032  1.00 0.00 ? 5 THR A HG1  17 
ATOM 1774 H HG21 . THR A 1 5 ? -3.792 1.259  2.378  1.00 0.00 ? 5 THR A HG21 17 
ATOM 1775 H HG22 . THR A 1 5 ? -2.657 -0.068 2.802  1.00 0.00 ? 5 THR A HG22 17 
ATOM 1776 H HG23 . THR A 1 5 ? -4.359 -0.421 2.542  1.00 0.00 ? 5 THR A HG23 17 
ATOM 1777 N N    . SER A 1 6 ? -3.702 -1.244 -1.921 1.00 0.00 ? 6 SER A N    17 
ATOM 1778 C CA   . SER A 1 6 ? -3.408 -1.326 -3.354 1.00 0.00 ? 6 SER A CA   17 
ATOM 1779 C C    . SER A 1 6 ? -2.262 -0.403 -3.734 1.00 0.00 ? 6 SER A C    17 
ATOM 1780 O O    . SER A 1 6 ? -1.611 -0.581 -4.733 1.00 0.00 ? 6 SER A O    17 
ATOM 1781 C CB   . SER A 1 6 ? -4.645 -0.909 -4.160 1.00 0.00 ? 6 SER A CB   17 
ATOM 1782 O OG   . SER A 1 6 ? -5.138 0.309  -3.667 1.00 0.00 ? 6 SER A OG   17 
ATOM 1783 H H    . SER A 1 6 ? -4.575 -0.876 -1.616 1.00 0.00 ? 6 SER A H    17 
ATOM 1784 H HA   . SER A 1 6 ? -3.111 -2.338 -3.625 1.00 0.00 ? 6 SER A HA   17 
ATOM 1785 H HB2  . SER A 1 6 ? -4.400 -0.822 -5.218 1.00 0.00 ? 6 SER A HB2  17 
ATOM 1786 H HB3  . SER A 1 6 ? -5.448 -1.605 -4.041 1.00 0.00 ? 6 SER A HB3  17 
ATOM 1787 H HG   . SER A 1 6 ? -5.766 0.673  -4.313 1.00 0.00 ? 6 SER A HG   17 
ATOM 1788 N N    . PHE A 1 7 ? -2.032 0.620  -2.940 1.00 0.00 ? 7 PHE A N    17 
ATOM 1789 C CA   . PHE A 1 7 ? -1.010 1.605  -3.276 1.00 0.00 ? 7 PHE A CA   17 
ATOM 1790 C C    . PHE A 1 7 ? 0.373  1.046  -2.958 1.00 0.00 ? 7 PHE A C    17 
ATOM 1791 O O    . PHE A 1 7 ? 0.500  -0.002 -2.363 1.00 0.00 ? 7 PHE A O    17 
ATOM 1792 C CB   . PHE A 1 7 ? -1.267 2.836  -2.417 1.00 0.00 ? 7 PHE A CB   17 
ATOM 1793 C CG   . PHE A 1 7 ? -2.642 3.433  -2.609 1.00 0.00 ? 7 PHE A CG   17 
ATOM 1794 C CD1  . PHE A 1 7 ? -2.927 4.194  -3.743 1.00 0.00 ? 7 PHE A CD1  17 
ATOM 1795 C CD2  . PHE A 1 7 ? -3.625 3.275  -1.615 1.00 0.00 ? 7 PHE A CD2  17 
ATOM 1796 C CE1  . PHE A 1 7 ? -4.236 4.801  -3.915 1.00 0.00 ? 7 PHE A CE1  17 
ATOM 1797 C CE2  . PHE A 1 7 ? -4.888 3.870  -1.736 1.00 0.00 ? 7 PHE A CE2  17 
ATOM 1798 C CZ   . PHE A 1 7 ? -5.198 4.648  -2.905 1.00 0.00 ? 7 PHE A CZ   17 
ATOM 1799 H H    . PHE A 1 7 ? -2.519 0.738  -2.076 1.00 0.00 ? 7 PHE A H    17 
ATOM 1800 H HA   . PHE A 1 7 ? -1.091 1.866  -4.329 1.00 0.00 ? 7 PHE A HA   17 
ATOM 1801 H HB2  . PHE A 1 7 ? -1.103 2.578  -1.376 1.00 0.00 ? 7 PHE A HB2  17 
ATOM 1802 H HB3  . PHE A 1 7 ? -0.569 3.595  -2.695 1.00 0.00 ? 7 PHE A HB3  17 
ATOM 1803 H HD1  . PHE A 1 7 ? -2.163 4.310  -4.489 1.00 0.00 ? 7 PHE A HD1  17 
ATOM 1804 H HD2  . PHE A 1 7 ? -3.407 2.705  -0.735 1.00 0.00 ? 7 PHE A HD2  17 
ATOM 1805 H HE1  . PHE A 1 7 ? -4.448 5.380  -4.792 1.00 0.00 ? 7 PHE A HE1  17 
ATOM 1806 H HE2  . PHE A 1 7 ? -5.627 3.717  -0.934 1.00 0.00 ? 7 PHE A HE2  17 
ATOM 1807 H HZ   . PHE A 1 7 ? -6.171 5.099  -2.995 1.00 0.00 ? 7 PHE A HZ   17 
ATOM 1808 N N    . ASP A 1 8 ? 1.427  1.762  -3.310 1.00 0.00 ? 8 ASP A N    17 
ATOM 1809 C CA   . ASP A 1 8 ? 2.798  1.330  -2.970 1.00 0.00 ? 8 ASP A CA   17 
ATOM 1810 C C    . ASP A 1 8 ? 3.338  2.186  -1.803 1.00 0.00 ? 8 ASP A C    17 
ATOM 1811 O O    . ASP A 1 8 ? 4.545  2.438  -1.671 1.00 0.00 ? 8 ASP A O    17 
ATOM 1812 C CB   . ASP A 1 8 ? 3.739  1.366  -4.197 1.00 0.00 ? 8 ASP A CB   17 
ATOM 1813 C CG   . ASP A 1 8 ? 3.305  0.393  -5.285 1.00 0.00 ? 8 ASP A CG   17 
ATOM 1814 O OD1  . ASP A 1 8 ? 3.576  0.678  -6.449 1.00 0.00 ? 8 ASP A OD1  17 
ATOM 1815 O OD2  . ASP A 1 8 ? 2.718  -0.631 -4.971 1.00 0.00 ? 8 ASP A OD2  17 
ATOM 1816 H H    . ASP A 1 8 ? 1.312  2.650  -3.808 1.00 0.00 ? 8 ASP A H    17 
ATOM 1817 H HA   . ASP A 1 8 ? 2.755  0.289  -2.622 1.00 0.00 ? 8 ASP A HA   17 
ATOM 1818 H HB2  . ASP A 1 8 ? 3.802  2.372  -4.637 1.00 0.00 ? 8 ASP A HB2  17 
ATOM 1819 H HB3  . ASP A 1 8 ? 4.748  1.103  -3.848 1.00 0.00 ? 8 ASP A HB3  17 
ATOM 1820 N N    . PHE A 1 1 ? 1.045  3.083  -0.777 1.00 0.00 ? 1 PHE A N    18 
ATOM 1821 C CA   . PHE A 1 1 ? 1.267  2.805  0.634  1.00 0.00 ? 1 PHE A CA   18 
ATOM 1822 C C    . PHE A 1 1 ? 1.915  1.430  0.773  1.00 0.00 ? 1 PHE A C    18 
ATOM 1823 O O    . PHE A 1 1 ? 1.806  0.608  -0.111 1.00 0.00 ? 1 PHE A O    18 
ATOM 1824 C CB   . PHE A 1 1 ? -0.082 2.847  1.329  1.00 0.00 ? 1 PHE A CB   18 
ATOM 1825 C CG   . PHE A 1 1 ? -0.022 2.983  2.803  1.00 0.00 ? 1 PHE A CG   18 
ATOM 1826 C CD1  . PHE A 1 1 ? 0.053  4.247  3.402  1.00 0.00 ? 1 PHE A CD1  18 
ATOM 1827 C CD2  . PHE A 1 1 ? -0.041 1.819  3.609  1.00 0.00 ? 1 PHE A CD2  18 
ATOM 1828 C CE1  . PHE A 1 1 ? 0.087  4.385  4.787  1.00 0.00 ? 1 PHE A CE1  18 
ATOM 1829 C CE2  . PHE A 1 1 ? -0.009 1.934  5.037  1.00 0.00 ? 1 PHE A CE2  18 
ATOM 1830 C CZ   . PHE A 1 1 ? 0.043  3.214  5.609  1.00 0.00 ? 1 PHE A CZ   18 
ATOM 1831 H H1   . PHE A 1 1 ? 0.140  2.908  -1.154 1.00 0.00 ? 1 PHE A H1   18 
ATOM 1832 H HA   . PHE A 1 1 ? 1.905  3.579  1.049  1.00 0.00 ? 1 PHE A HA   18 
ATOM 1833 H HB2  . PHE A 1 1 ? -0.658 3.652  0.905  1.00 0.00 ? 1 PHE A HB2  18 
ATOM 1834 H HB3  . PHE A 1 1 ? -0.600 1.908  1.122  1.00 0.00 ? 1 PHE A HB3  18 
ATOM 1835 H HD1  . PHE A 1 1 ? 0.107  5.128  2.769  1.00 0.00 ? 1 PHE A HD1  18 
ATOM 1836 H HD2  . PHE A 1 1 ? -0.070 0.834  3.175  1.00 0.00 ? 1 PHE A HD2  18 
ATOM 1837 H HE1  . PHE A 1 1 ? 0.120  5.365  5.233  1.00 0.00 ? 1 PHE A HE1  18 
ATOM 1838 H HE2  . PHE A 1 1 ? -0.009 1.056  5.668  1.00 0.00 ? 1 PHE A HE2  18 
ATOM 1839 H HZ   . PHE A 1 1 ? 0.065  3.309  6.690  1.00 0.00 ? 1 PHE A HZ   18 
ATOM 1840 N N    . VAL A 1 2 ? 2.591  1.221  1.892  1.00 0.00 ? 2 VAL A N    18 
ATOM 1841 C CA   . VAL A 1 2 ? 3.256  -0.072 2.190  1.00 0.00 ? 2 VAL A CA   18 
ATOM 1842 C C    . VAL A 1 2 ? 2.675  -0.595 3.506  1.00 0.00 ? 2 VAL A C    18 
ATOM 1843 O O    . VAL A 1 2 ? 2.398  0.172  4.380  1.00 0.00 ? 2 VAL A O    18 
ATOM 1844 C CB   . VAL A 1 2 ? 4.787  0.087  2.221  1.00 0.00 ? 2 VAL A CB   18 
ATOM 1845 C CG1  . VAL A 1 2 ? 5.306  0.409  0.778  1.00 0.00 ? 2 VAL A CG1  18 
ATOM 1846 C CG2  . VAL A 1 2 ? 5.257  1.207  3.151  1.00 0.00 ? 2 VAL A CG2  18 
ATOM 1847 H H    . VAL A 1 2 ? 2.654  1.968  2.578  1.00 0.00 ? 2 VAL A H    18 
ATOM 1848 H HA   . VAL A 1 2 ? 3.010  -0.801 1.409  1.00 0.00 ? 2 VAL A HA   18 
ATOM 1849 H HB   . VAL A 1 2 ? 5.231  -0.857 2.566  1.00 0.00 ? 2 VAL A HB   18 
ATOM 1850 H HG11 . VAL A 1 2 ? 6.393  0.530  0.814  1.00 0.00 ? 2 VAL A HG11 18 
ATOM 1851 H HG12 . VAL A 1 2 ? 4.894  1.342  0.421  1.00 0.00 ? 2 VAL A HG12 18 
ATOM 1852 H HG13 . VAL A 1 2 ? 5.002  -0.403 0.090  1.00 0.00 ? 2 VAL A HG13 18 
ATOM 1853 H HG21 . VAL A 1 2 ? 6.352  1.323  3.082  1.00 0.00 ? 2 VAL A HG21 18 
ATOM 1854 H HG22 . VAL A 1 2 ? 4.983  0.940  4.173  1.00 0.00 ? 2 VAL A HG22 18 
ATOM 1855 H HG23 . VAL A 1 2 ? 4.786  2.130  2.858  1.00 0.00 ? 2 VAL A HG23 18 
ATOM 1856 N N    . GLY A 1 3 ? 2.504  -1.906 3.629  1.00 0.00 ? 3 GLY A N    18 
ATOM 1857 C CA   . GLY A 1 3 ? 1.882  -2.444 4.835  1.00 0.00 ? 3 GLY A CA   18 
ATOM 1858 C C    . GLY A 1 3 ? 0.369  -2.307 4.764  1.00 0.00 ? 3 GLY A C    18 
ATOM 1859 O O    . GLY A 1 3 ? -0.338 -2.501 5.749  1.00 0.00 ? 3 GLY A O    18 
ATOM 1860 H H    . GLY A 1 3 ? 2.770  -2.506 2.888  1.00 0.00 ? 3 GLY A H    18 
ATOM 1861 H HA2  . GLY A 1 3 ? 2.159  -3.473 4.943  1.00 0.00 ? 3 GLY A HA2  18 
ATOM 1862 H HA3  . GLY A 1 3 ? 2.249  -1.868 5.681  1.00 0.00 ? 3 GLY A HA3  18 
ATOM 1863 N N    . GLY A 1 4 ? -0.151 -2.002 3.572  1.00 0.00 ? 4 GLY A N    18 
ATOM 1864 C CA   . GLY A 1 4 ? -1.582 -1.884 3.327  1.00 0.00 ? 4 GLY A CA   18 
ATOM 1865 C C    . GLY A 1 4 ? -1.771 -1.293 1.953  1.00 0.00 ? 4 GLY A C    18 
ATOM 1866 O O    . GLY A 1 4 ? -0.796 -0.859 1.362  1.00 0.00 ? 4 GLY A O    18 
ATOM 1867 H H    . GLY A 1 4 ? 0.451  -1.832 2.785  1.00 0.00 ? 4 GLY A H    18 
ATOM 1868 H HA2  . GLY A 1 4 ? -2.069 -2.871 3.363  1.00 0.00 ? 4 GLY A HA2  18 
ATOM 1869 H HA3  . GLY A 1 4 ? -2.047 -1.239 4.085  1.00 0.00 ? 4 GLY A HA3  18 
ATOM 1870 N N    . THR A 1 5 ? -3.014 -1.306 1.474  1.00 0.00 ? 5 THR A N    18 
ATOM 1871 C CA   . THR A 1 5 ? -3.405 -0.772 0.141  1.00 0.00 ? 5 THR A CA   18 
ATOM 1872 C C    . THR A 1 5 ? -2.757 -1.520 -1.049 1.00 0.00 ? 5 THR A C    18 
ATOM 1873 O O    . THR A 1 5 ? -1.841 -2.297 -0.871 1.00 0.00 ? 5 THR A O    18 
ATOM 1874 C CB   . THR A 1 5 ? -3.099 0.762  0.064  1.00 0.00 ? 5 THR A CB   18 
ATOM 1875 O OG1  . THR A 1 5 ? -3.270 1.342  1.362  1.00 0.00 ? 5 THR A OG1  18 
ATOM 1876 C CG2  . THR A 1 5 ? -3.998 1.506  -0.901 1.00 0.00 ? 5 THR A CG2  18 
ATOM 1877 H H    . THR A 1 5 ? -3.746 -1.680 2.044  1.00 0.00 ? 5 THR A H    18 
ATOM 1878 H HA   . THR A 1 5 ? -4.479 -0.903 0.052  1.00 0.00 ? 5 THR A HA   18 
ATOM 1879 H HB   . THR A 1 5 ? -2.061 0.900  -0.235 1.00 0.00 ? 5 THR A HB   18 
ATOM 1880 H HG1  . THR A 1 5 ? -2.411 1.401  1.779  1.00 0.00 ? 5 THR A HG1  18 
ATOM 1881 H HG21 . THR A 1 5 ? -3.643 1.358  -1.908 1.00 0.00 ? 5 THR A HG21 18 
ATOM 1882 H HG22 . THR A 1 5 ? -3.966 2.560  -0.681 1.00 0.00 ? 5 THR A HG22 18 
ATOM 1883 H HG23 . THR A 1 5 ? -5.026 1.177  -0.837 1.00 0.00 ? 5 THR A HG23 18 
ATOM 1884 N N    . SER A 1 6 ? -3.253 -1.281 -2.249 1.00 0.00 ? 6 SER A N    18 
ATOM 1885 C CA   . SER A 1 6 ? -2.743 -1.977 -3.429 1.00 0.00 ? 6 SER A CA   18 
ATOM 1886 C C    . SER A 1 6 ? -1.756 -1.149 -4.195 1.00 0.00 ? 6 SER A C    18 
ATOM 1887 O O    . SER A 1 6 ? -1.163 -1.603 -5.183 1.00 0.00 ? 6 SER A O    18 
ATOM 1888 C CB   . SER A 1 6 ? -3.883 -2.367 -4.358 1.00 0.00 ? 6 SER A CB   18 
ATOM 1889 O OG   . SER A 1 6 ? -4.668 -1.229 -4.682 1.00 0.00 ? 6 SER A OG   18 
ATOM 1890 H H    . SER A 1 6 ? -4.009 -0.636 -2.379 1.00 0.00 ? 6 SER A H    18 
ATOM 1891 H HA   . SER A 1 6 ? -2.227 -2.896 -3.118 1.00 0.00 ? 6 SER A HA   18 
ATOM 1892 H HB2  . SER A 1 6 ? -3.491 -2.786 -5.295 1.00 0.00 ? 6 SER A HB2  18 
ATOM 1893 H HB3  . SER A 1 6 ? -4.512 -3.118 -3.871 1.00 0.00 ? 6 SER A HB3  18 
ATOM 1894 H HG   . SER A 1 6 ? -5.442 -1.530 -5.202 1.00 0.00 ? 6 SER A HG   18 
ATOM 1895 N N    . PHE A 1 7 ? -1.539 0.073  -3.751 1.00 0.00 ? 7 PHE A N    18 
ATOM 1896 C CA   . PHE A 1 7 ? -0.538 0.926  -4.427 1.00 0.00 ? 7 PHE A CA   18 
ATOM 1897 C C    . PHE A 1 7 ? -0.136 2.052  -3.470 1.00 0.00 ? 7 PHE A C    18 
ATOM 1898 O O    . PHE A 1 7 ? -0.885 2.388  -2.569 1.00 0.00 ? 7 PHE A O    18 
ATOM 1899 C CB   . PHE A 1 7 ? -1.109 1.554  -5.714 1.00 0.00 ? 7 PHE A CB   18 
ATOM 1900 C CG   . PHE A 1 7 ? -2.186 2.611  -5.471 1.00 0.00 ? 7 PHE A CG   18 
ATOM 1901 C CD1  . PHE A 1 7 ? -3.523 2.210  -5.245 1.00 0.00 ? 7 PHE A CD1  18 
ATOM 1902 C CD2  . PHE A 1 7 ? -1.899 4.010  -5.473 1.00 0.00 ? 7 PHE A CD2  18 
ATOM 1903 C CE1  . PHE A 1 7 ? -4.540 3.177  -5.061 1.00 0.00 ? 7 PHE A CE1  18 
ATOM 1904 C CE2  . PHE A 1 7 ? -2.906 4.943  -5.273 1.00 0.00 ? 7 PHE A CE2  18 
ATOM 1905 C CZ   . PHE A 1 7 ? -4.210 4.527  -5.106 1.00 0.00 ? 7 PHE A CZ   18 
ATOM 1906 H H    . PHE A 1 7 ? -1.999 0.432  -2.933 1.00 0.00 ? 7 PHE A H    18 
ATOM 1907 H HA   . PHE A 1 7 ? 0.339  0.307  -4.689 1.00 0.00 ? 7 PHE A HA   18 
ATOM 1908 H HB2  . PHE A 1 7 ? -0.297 2.011  -6.304 1.00 0.00 ? 7 PHE A HB2  18 
ATOM 1909 H HB3  . PHE A 1 7 ? -1.534 0.756  -6.307 1.00 0.00 ? 7 PHE A HB3  18 
ATOM 1910 H HD1  . PHE A 1 7 ? -3.787 1.163  -5.262 1.00 0.00 ? 7 PHE A HD1  18 
ATOM 1911 H HD2  . PHE A 1 7 ? -0.885 4.355  -5.595 1.00 0.00 ? 7 PHE A HD2  18 
ATOM 1912 H HE1  . PHE A 1 7 ? -5.580 2.910  -4.921 1.00 0.00 ? 7 PHE A HE1  18 
ATOM 1913 H HE2  . PHE A 1 7 ? -2.685 5.969  -5.258 1.00 0.00 ? 7 PHE A HE2  18 
ATOM 1914 H HZ   . PHE A 1 7 ? -4.986 5.277  -5.004 1.00 0.00 ? 7 PHE A HZ   18 
ATOM 1915 N N    . ASP A 1 8 ? 1.041  2.624  -3.753 1.00 0.00 ? 8 ASP A N    18 
ATOM 1916 C CA   . ASP A 1 8 ? 1.650  3.797  -3.062 1.00 0.00 ? 8 ASP A CA   18 
ATOM 1917 C C    . ASP A 1 8 ? 2.002  3.552  -1.578 1.00 0.00 ? 8 ASP A C    18 
ATOM 1918 O O    . ASP A 1 8 ? 3.133  3.768  -1.158 1.00 0.00 ? 8 ASP A O    18 
ATOM 1919 C CB   . ASP A 1 8 ? 0.751  5.034  -3.217 1.00 0.00 ? 8 ASP A CB   18 
ATOM 1920 C CG   . ASP A 1 8 ? 1.267  6.215  -2.402 1.00 0.00 ? 8 ASP A CG   18 
ATOM 1921 O OD1  . ASP A 1 8 ? 0.617  6.564  -1.389 1.00 0.00 ? 8 ASP A OD1  18 
ATOM 1922 O OD2  . ASP A 1 8 ? 2.333  6.777  -2.788 1.00 0.00 ? 8 ASP A OD2  18 
ATOM 1923 H H    . ASP A 1 8 ? 1.561  2.247  -4.472 1.00 0.00 ? 8 ASP A H    18 
ATOM 1924 H HA   . ASP A 1 8 ? 2.607  4.036  -3.566 1.00 0.00 ? 8 ASP A HA   18 
ATOM 1925 H HB2  . ASP A 1 8 ? 0.748  5.296  -4.269 1.00 0.00 ? 8 ASP A HB2  18 
ATOM 1926 H HB3  . ASP A 1 8 ? -0.267 4.805  -2.920 1.00 0.00 ? 8 ASP A HB3  18 
ATOM 1927 N N    . PHE A 1 1 ? 1.932  1.629  -1.247 1.00 0.00 ? 1 PHE A N    19 
ATOM 1928 C CA   . PHE A 1 1 ? 2.946  0.560  -1.222 1.00 0.00 ? 1 PHE A CA   19 
ATOM 1929 C C    . PHE A 1 1 ? 2.950  -0.322 0.047  1.00 0.00 ? 1 PHE A C    19 
ATOM 1930 O O    . PHE A 1 1 ? 2.255  -1.313 0.089  1.00 0.00 ? 1 PHE A O    19 
ATOM 1931 C CB   . PHE A 1 1 ? 4.364  1.139  -1.483 1.00 0.00 ? 1 PHE A CB   19 
ATOM 1932 C CG   . PHE A 1 1 ? 4.507  1.690  -2.869 1.00 0.00 ? 1 PHE A CG   19 
ATOM 1933 C CD1  . PHE A 1 1 ? 4.910  0.863  -3.925 1.00 0.00 ? 1 PHE A CD1  19 
ATOM 1934 C CD2  . PHE A 1 1 ? 4.228  3.032  -3.141 1.00 0.00 ? 1 PHE A CD2  19 
ATOM 1935 C CE1  . PHE A 1 1 ? 5.005  1.346  -5.224 1.00 0.00 ? 1 PHE A CE1  19 
ATOM 1936 C CE2  . PHE A 1 1 ? 4.364  3.537  -4.460 1.00 0.00 ? 1 PHE A CE2  19 
ATOM 1937 C CZ   . PHE A 1 1 ? 4.753  2.693  -5.499 1.00 0.00 ? 1 PHE A CZ   19 
ATOM 1938 H H1   . PHE A 1 1 ? 1.338  1.681  -2.050 1.00 0.00 ? 1 PHE A H1   19 
ATOM 1939 H HA   . PHE A 1 1 ? 2.707  -0.103 -2.054 1.00 0.00 ? 1 PHE A HA   19 
ATOM 1940 H HB2  . PHE A 1 1 ? 4.580  1.957  -0.765 1.00 0.00 ? 1 PHE A HB2  19 
ATOM 1941 H HB3  . PHE A 1 1 ? 5.118  0.356  -1.329 1.00 0.00 ? 1 PHE A HB3  19 
ATOM 1942 H HD1  . PHE A 1 1 ? 5.097  -0.178 -3.724 1.00 0.00 ? 1 PHE A HD1  19 
ATOM 1943 H HD2  . PHE A 1 1 ? 3.926  3.752  -2.341 1.00 0.00 ? 1 PHE A HD2  19 
ATOM 1944 H HE1  . PHE A 1 1 ? 5.317  0.694  -6.032 1.00 0.00 ? 1 PHE A HE1  19 
ATOM 1945 H HE2  . PHE A 1 1 ? 4.168  4.577  -4.647 1.00 0.00 ? 1 PHE A HE2  19 
ATOM 1946 H HZ   . PHE A 1 1 ? 4.833  3.071  -6.509 1.00 0.00 ? 1 PHE A HZ   19 
ATOM 1947 N N    . VAL A 1 2 ? 3.755  -0.008 1.037  1.00 0.00 ? 2 VAL A N    19 
ATOM 1948 C CA   . VAL A 1 2 ? 3.815  -0.830 2.275  1.00 0.00 ? 2 VAL A CA   19 
ATOM 1949 C C    . VAL A 1 2 ? 2.704  -0.466 3.261  1.00 0.00 ? 2 VAL A C    19 
ATOM 1950 O O    . VAL A 1 2 ? 2.577  -1.159 4.271  1.00 0.00 ? 2 VAL A O    19 
ATOM 1951 C CB   . VAL A 1 2 ? 5.222  -0.614 2.939  1.00 0.00 ? 2 VAL A CB   19 
ATOM 1952 C CG1  . VAL A 1 2 ? 6.356  -1.001 1.935  1.00 0.00 ? 2 VAL A CG1  19 
ATOM 1953 C CG2  . VAL A 1 2 ? 5.412  0.878  3.353  1.00 0.00 ? 2 VAL A CG2  19 
ATOM 1954 H H    . VAL A 1 2 ? 4.302  0.850  0.967  1.00 0.00 ? 2 VAL A H    19 
ATOM 1955 H HA   . VAL A 1 2 ? 3.725  -1.890 2.035  1.00 0.00 ? 2 VAL A HA   19 
ATOM 1956 H HB   . VAL A 1 2 ? 5.299  -1.233 3.791  1.00 0.00 ? 2 VAL A HB   19 
ATOM 1957 H HG11 . VAL A 1 2 ? 7.336  -1.069 2.448  1.00 0.00 ? 2 VAL A HG11 19 
ATOM 1958 H HG12 . VAL A 1 2 ? 6.422  -0.248 1.151  1.00 0.00 ? 2 VAL A HG12 19 
ATOM 1959 H HG13 . VAL A 1 2 ? 6.133  -1.968 1.476  1.00 0.00 ? 2 VAL A HG13 19 
ATOM 1960 H HG21 . VAL A 1 2 ? 5.190  1.550  2.522  1.00 0.00 ? 2 VAL A HG21 19 
ATOM 1961 H HG22 . VAL A 1 2 ? 6.420  1.038  3.678  1.00 0.00 ? 2 VAL A HG22 19 
ATOM 1962 H HG23 . VAL A 1 2 ? 4.742  1.100  4.193  1.00 0.00 ? 2 VAL A HG23 19 
ATOM 1963 N N    . GLY A 1 3 ? 1.952  0.613  2.983  1.00 0.00 ? 3 GLY A N    19 
ATOM 1964 C CA   . GLY A 1 3 ? 0.938  1.132  3.909  1.00 0.00 ? 3 GLY A CA   19 
ATOM 1965 C C    . GLY A 1 3 ? -0.460 0.516  3.694  1.00 0.00 ? 3 GLY A C    19 
ATOM 1966 O O    . GLY A 1 3 ? -1.401 0.742  4.472  1.00 0.00 ? 3 GLY A O    19 
ATOM 1967 H H    . GLY A 1 3 ? 2.061  1.101  2.094  1.00 0.00 ? 3 GLY A H    19 
ATOM 1968 H HA2  . GLY A 1 3 ? 1.270  0.927  4.918  1.00 0.00 ? 3 GLY A HA2  19 
ATOM 1969 H HA3  . GLY A 1 3 ? 0.872  2.214  3.795  1.00 0.00 ? 3 GLY A HA3  19 
ATOM 1970 N N    . GLY A 1 4 ? -0.585 -0.264 2.631  1.00 0.00 ? 4 GLY A N    19 
ATOM 1971 C CA   . GLY A 1 4 ? -1.855 -0.914 2.324  1.00 0.00 ? 4 GLY A CA   19 
ATOM 1972 C C    . GLY A 1 4 ? -1.733 -1.869 1.141  1.00 0.00 ? 4 GLY A C    19 
ATOM 1973 O O    . GLY A 1 4 ? -0.641 -2.084 0.599  1.00 0.00 ? 4 GLY A O    19 
ATOM 1974 H H    . GLY A 1 4 ? 0.212  -0.429 1.997  1.00 0.00 ? 4 GLY A H    19 
ATOM 1975 H HA2  . GLY A 1 4 ? -2.186 -1.476 3.197  1.00 0.00 ? 4 GLY A HA2  19 
ATOM 1976 H HA3  . GLY A 1 4 ? -2.612 -0.151 2.110  1.00 0.00 ? 4 GLY A HA3  19 
ATOM 1977 N N    . THR A 1 5 ? -2.849 -2.436 0.726  1.00 0.00 ? 5 THR A N    19 
ATOM 1978 C CA   . THR A 1 5 ? -2.867 -3.287 -0.467 1.00 0.00 ? 5 THR A CA   19 
ATOM 1979 C C    . THR A 1 5 ? -2.963 -2.431 -1.717 1.00 0.00 ? 5 THR A C    19 
ATOM 1980 O O    . THR A 1 5 ? -3.944 -1.686 -1.887 1.00 0.00 ? 5 THR A O    19 
ATOM 1981 C CB   . THR A 1 5 ? -4.053 -4.250 -0.410 1.00 0.00 ? 5 THR A CB   19 
ATOM 1982 O OG1  . THR A 1 5 ? -4.074 -4.886 0.874  1.00 0.00 ? 5 THR A OG1  19 
ATOM 1983 C CG2  . THR A 1 5 ? -3.965 -5.360 -1.482 1.00 0.00 ? 5 THR A CG2  19 
ATOM 1984 H H    . THR A 1 5 ? -3.725 -2.242 1.221  1.00 0.00 ? 5 THR A H    19 
ATOM 1985 H HA   . THR A 1 5 ? -1.950 -3.865 -0.492 1.00 0.00 ? 5 THR A HA   19 
ATOM 1986 H HB   . THR A 1 5 ? -4.979 -3.689 -0.538 1.00 0.00 ? 5 THR A HB   19 
ATOM 1987 H HG1  . THR A 1 5 ? -4.960 -5.228 1.008  1.00 0.00 ? 5 THR A HG1  19 
ATOM 1988 H HG21 . THR A 1 5 ? -3.055 -5.944 -1.316 1.00 0.00 ? 5 THR A HG21 19 
ATOM 1989 H HG22 . THR A 1 5 ? -3.942 -4.921 -2.478 1.00 0.00 ? 5 THR A HG22 19 
ATOM 1990 H HG23 . THR A 1 5 ? -4.840 -6.016 -1.395 1.00 0.00 ? 5 THR A HG23 19 
ATOM 1991 N N    . SER A 1 6 ? -1.967 -2.549 -2.604 1.00 0.00 ? 6 SER A N    19 
ATOM 1992 C CA   . SER A 1 6 ? -1.839 -1.812 -3.874 1.00 0.00 ? 6 SER A CA   19 
ATOM 1993 C C    . SER A 1 6 ? -1.554 -0.323 -3.745 1.00 0.00 ? 6 SER A C    19 
ATOM 1994 O O    . SER A 1 6 ? -0.795 0.219  -4.573 1.00 0.00 ? 6 SER A O    19 
ATOM 1995 C CB   . SER A 1 6 ? -3.027 -2.090 -4.779 1.00 0.00 ? 6 SER A CB   19 
ATOM 1996 O OG   . SER A 1 6 ? -3.458 -3.446 -4.713 1.00 0.00 ? 6 SER A OG   19 
ATOM 1997 H H    . SER A 1 6 ? -1.225 -3.205 -2.392 1.00 0.00 ? 6 SER A H    19 
ATOM 1998 H HA   . SER A 1 6 ? -0.983 -2.241 -4.400 1.00 0.00 ? 6 SER A HA   19 
ATOM 1999 H HB2  . SER A 1 6 ? -3.833 -1.443 -4.478 1.00 0.00 ? 6 SER A HB2  19 
ATOM 2000 H HB3  . SER A 1 6 ? -2.746 -1.897 -5.803 1.00 0.00 ? 6 SER A HB3  19 
ATOM 2001 H HG   . SER A 1 6 ? -4.350 -3.461 -5.062 1.00 0.00 ? 6 SER A HG   19 
ATOM 2002 N N    . PHE A 1 7 ? -2.133 0.330  -2.758 1.00 0.00 ? 7 PHE A N    19 
ATOM 2003 C CA   . PHE A 1 7 ? -1.941 1.769  -2.590 1.00 0.00 ? 7 PHE A CA   19 
ATOM 2004 C C    . PHE A 1 7 ? -1.045 2.041  -1.384 1.00 0.00 ? 7 PHE A C    19 
ATOM 2005 O O    . PHE A 1 7 ? -1.024 1.292  -0.407 1.00 0.00 ? 7 PHE A O    19 
ATOM 2006 C CB   . PHE A 1 7 ? -3.308 2.438  -2.418 1.00 0.00 ? 7 PHE A CB   19 
ATOM 2007 C CG   . PHE A 1 7 ? -4.231 2.238  -3.579 1.00 0.00 ? 7 PHE A CG   19 
ATOM 2008 C CD1  . PHE A 1 7 ? -5.333 1.409  -3.448 1.00 0.00 ? 7 PHE A CD1  19 
ATOM 2009 C CD2  . PHE A 1 7 ? -4.000 2.897  -4.795 1.00 0.00 ? 7 PHE A CD2  19 
ATOM 2010 C CE1  . PHE A 1 7 ? -6.235 1.213  -4.509 1.00 0.00 ? 7 PHE A CE1  19 
ATOM 2011 C CE2  . PHE A 1 7 ? -4.875 2.718  -5.906 1.00 0.00 ? 7 PHE A CE2  19 
ATOM 2012 C CZ   . PHE A 1 7 ? -5.979 1.881  -5.772 1.00 0.00 ? 7 PHE A CZ   19 
ATOM 2013 H H    . PHE A 1 7 ? -2.762 -0.184 -2.090 1.00 0.00 ? 7 PHE A H    19 
ATOM 2014 H HA   . PHE A 1 7 ? -1.461 2.173  -3.482 1.00 0.00 ? 7 PHE A HA   19 
ATOM 2015 H HB2  . PHE A 1 7 ? -3.780 2.033  -1.528 1.00 0.00 ? 7 PHE A HB2  19 
ATOM 2016 H HB3  . PHE A 1 7 ? -3.117 3.498  -2.302 1.00 0.00 ? 7 PHE A HB3  19 
ATOM 2017 H HD1  . PHE A 1 7 ? -5.501 0.915  -2.507 1.00 0.00 ? 7 PHE A HD1  19 
ATOM 2018 H HD2  . PHE A 1 7 ? -3.168 3.527  -4.927 1.00 0.00 ? 7 PHE A HD2  19 
ATOM 2019 H HE1  . PHE A 1 7 ? -7.083 0.581  -4.426 1.00 0.00 ? 7 PHE A HE1  19 
ATOM 2020 H HE2  . PHE A 1 7 ? -4.713 3.253  -6.866 1.00 0.00 ? 7 PHE A HE2  19 
ATOM 2021 H HZ   . PHE A 1 7 ? -6.656 1.747  -6.611 1.00 0.00 ? 7 PHE A HZ   19 
ATOM 2022 N N    . ASP A 1 8 ? -0.281 3.135  -1.502 1.00 0.00 ? 8 ASP A N    19 
ATOM 2023 C CA   . ASP A 1 8 ? 0.676  3.563  -0.455 1.00 0.00 ? 8 ASP A CA   19 
ATOM 2024 C C    . ASP A 1 8 ? 1.756  2.493  -0.243 1.00 0.00 ? 8 ASP A C    19 
ATOM 2025 O O    . ASP A 1 8 ? 2.431  2.472  0.787  1.00 0.00 ? 8 ASP A O    19 
ATOM 2026 C CB   . ASP A 1 8 ? -0.038 3.881  0.857  1.00 0.00 ? 8 ASP A CB   19 
ATOM 2027 C CG   . ASP A 1 8 ? 0.783  4.749  1.818  1.00 0.00 ? 8 ASP A CG   19 
ATOM 2028 O OD1  . ASP A 1 8 ? 1.463  5.692  1.336  1.00 0.00 ? 8 ASP A OD1  19 
ATOM 2029 O OD2  . ASP A 1 8 ? 0.732  4.492  3.036  1.00 0.00 ? 8 ASP A OD2  19 
ATOM 2030 H H    . ASP A 1 8 ? -0.352 3.724  -2.337 1.00 0.00 ? 8 ASP A H    19 
ATOM 2031 H HA   . ASP A 1 8 ? 1.158  4.472  -0.802 1.00 0.00 ? 8 ASP A HA   19 
ATOM 2032 H HB2  . ASP A 1 8 ? -0.978 4.400  0.630  1.00 0.00 ? 8 ASP A HB2  19 
ATOM 2033 H HB3  . ASP A 1 8 ? -0.258 2.951  1.354  1.00 0.00 ? 8 ASP A HB3  19 
ATOM 2034 N N    . PHE A 1 1 ? 2.602  2.978  -0.839 1.00 0.00 ? 1 PHE A N    20 
ATOM 2035 C CA   . PHE A 1 1 ? 3.433  3.249  0.323  1.00 0.00 ? 1 PHE A CA   20 
ATOM 2036 C C    . PHE A 1 1 ? 2.781  2.833  1.644  1.00 0.00 ? 1 PHE A C    20 
ATOM 2037 O O    . PHE A 1 1 ? 1.554  2.889  1.770  1.00 0.00 ? 1 PHE A O    20 
ATOM 2038 C CB   . PHE A 1 1 ? 3.751  4.730  0.364  1.00 0.00 ? 1 PHE A CB   20 
ATOM 2039 C CG   . PHE A 1 1 ? 5.082  5.033  1.029  1.00 0.00 ? 1 PHE A CG   20 
ATOM 2040 C CD1  . PHE A 1 1 ? 6.279  4.444  0.585  1.00 0.00 ? 1 PHE A CD1  20 
ATOM 2041 C CD2  . PHE A 1 1 ? 5.146  5.928  2.098  1.00 0.00 ? 1 PHE A CD2  20 
ATOM 2042 C CE1  . PHE A 1 1 ? 7.498  4.761  1.187  1.00 0.00 ? 1 PHE A CE1  20 
ATOM 2043 C CE2  . PHE A 1 1 ? 6.402  6.217  2.749  1.00 0.00 ? 1 PHE A CE2  20 
ATOM 2044 C CZ   . PHE A 1 1 ? 7.575  5.625  2.267  1.00 0.00 ? 1 PHE A CZ   20 
ATOM 2045 H H1   . PHE A 1 1 ? 1.536  3.041  -0.720 1.00 0.00 ? 1 PHE A H1   20 
ATOM 2046 H HA   . PHE A 1 1 ? 4.377  2.696  0.195  1.00 0.00 ? 1 PHE A HA   20 
ATOM 2047 H HB2  . PHE A 1 1 ? 3.759  5.087  -0.670 1.00 0.00 ? 1 PHE A HB2  20 
ATOM 2048 H HB3  . PHE A 1 1 ? 2.943  5.233  0.873  1.00 0.00 ? 1 PHE A HB3  20 
ATOM 2049 H HD1  . PHE A 1 1 ? 6.284  3.771  -0.272 1.00 0.00 ? 1 PHE A HD1  20 
ATOM 2050 H HD2  . PHE A 1 1 ? 4.235  6.407  2.441  1.00 0.00 ? 1 PHE A HD2  20 
ATOM 2051 H HE1  . PHE A 1 1 ? 8.413  4.342  0.809  1.00 0.00 ? 1 PHE A HE1  20 
ATOM 2052 H HE2  . PHE A 1 1 ? 6.389  6.864  3.622  1.00 0.00 ? 1 PHE A HE2  20 
ATOM 2053 H HZ   . PHE A 1 1 ? 8.506  5.859  2.754  1.00 0.00 ? 1 PHE A HZ   20 
ATOM 2054 N N    . VAL A 1 2 ? 3.622  2.417  2.574  1.00 0.00 ? 2 VAL A N    20 
ATOM 2055 C CA   . VAL A 1 2 ? 3.260  1.980  3.941  1.00 0.00 ? 2 VAL A CA   20 
ATOM 2056 C C    . VAL A 1 2 ? 2.315  0.773  3.981  1.00 0.00 ? 2 VAL A C    20 
ATOM 2057 O O    . VAL A 1 2 ? 1.582  0.550  4.939  1.00 0.00 ? 2 VAL A O    20 
ATOM 2058 C CB   . VAL A 1 2 ? 2.687  3.170  4.891  1.00 0.00 ? 2 VAL A CB   20 
ATOM 2059 C CG1  . VAL A 1 2 ? 2.979  2.854  6.348  1.00 0.00 ? 2 VAL A CG1  20 
ATOM 2060 C CG2  . VAL A 1 2 ? 3.299  4.536  4.504  1.00 0.00 ? 2 VAL A CG2  20 
ATOM 2061 H H    . VAL A 1 2 ? 4.600  2.401  2.329  1.00 0.00 ? 2 VAL A H    20 
ATOM 2062 H HA   . VAL A 1 2 ? 4.200  1.660  4.386  1.00 0.00 ? 2 VAL A HA   20 
ATOM 2063 H HB   . VAL A 1 2 ? 1.605  3.240  4.777  1.00 0.00 ? 2 VAL A HB   20 
ATOM 2064 H HG11 . VAL A 1 2 ? 2.641  3.667  6.970  1.00 0.00 ? 2 VAL A HG11 20 
ATOM 2065 H HG12 . VAL A 1 2 ? 4.050  2.728  6.488  1.00 0.00 ? 2 VAL A HG12 20 
ATOM 2066 H HG13 . VAL A 1 2 ? 2.464  1.928  6.641  1.00 0.00 ? 2 VAL A HG13 20 
ATOM 2067 H HG21 . VAL A 1 2 ? 3.126  5.255  5.308  1.00 0.00 ? 2 VAL A HG21 20 
ATOM 2068 H HG22 . VAL A 1 2 ? 2.806  4.894  3.593  1.00 0.00 ? 2 VAL A HG22 20 
ATOM 2069 H HG23 . VAL A 1 2 ? 4.374  4.427  4.305  1.00 0.00 ? 2 VAL A HG23 20 
ATOM 2070 N N    . GLY A 1 3 ? 2.362  -0.080 2.979  1.00 0.00 ? 3 GLY A N    20 
ATOM 2071 C CA   . GLY A 1 3 ? 1.557  -1.318 2.977  1.00 0.00 ? 3 GLY A CA   20 
ATOM 2072 C C    . GLY A 1 3 ? 0.081  -1.023 2.739  1.00 0.00 ? 3 GLY A C    20 
ATOM 2073 O O    . GLY A 1 3 ? -0.338 0.100  2.633  1.00 0.00 ? 3 GLY A O    20 
ATOM 2074 H H    . GLY A 1 3 ? 2.993  0.109  2.171  1.00 0.00 ? 3 GLY A H    20 
ATOM 2075 H HA2  . GLY A 1 3 ? 1.908  -1.971 2.201  1.00 0.00 ? 3 GLY A HA2  20 
ATOM 2076 H HA3  . GLY A 1 3 ? 1.690  -1.800 3.939  1.00 0.00 ? 3 GLY A HA3  20 
ATOM 2077 N N    . GLY A 1 4 ? -0.720 -2.063 2.624  1.00 0.00 ? 4 GLY A N    20 
ATOM 2078 C CA   . GLY A 1 4 ? -2.104 -1.941 2.289  1.00 0.00 ? 4 GLY A CA   20 
ATOM 2079 C C    . GLY A 1 4 ? -2.338 -2.481 0.907  1.00 0.00 ? 4 GLY A C    20 
ATOM 2080 O O    . GLY A 1 4 ? -1.445 -2.661 0.102  1.00 0.00 ? 4 GLY A O    20 
ATOM 2081 H H    . GLY A 1 4 ? -0.336 -3.013 2.743  1.00 0.00 ? 4 GLY A H    20 
ATOM 2082 H HA2  . GLY A 1 4 ? -2.729 -2.519 2.987  1.00 0.00 ? 4 GLY A HA2  20 
ATOM 2083 H HA3  . GLY A 1 4 ? -2.400 -0.900 2.365  1.00 0.00 ? 4 GLY A HA3  20 
ATOM 2084 N N    . THR A 1 5 ? -3.590 -2.761 0.663  1.00 0.00 ? 5 THR A N    20 
ATOM 2085 C CA   . THR A 1 5 ? -4.058 -3.347 -0.599 1.00 0.00 ? 5 THR A CA   20 
ATOM 2086 C C    . THR A 1 5 ? -4.023 -2.278 -1.692 1.00 0.00 ? 5 THR A C    20 
ATOM 2087 O O    . THR A 1 5 ? -4.641 -1.220 -1.544 1.00 0.00 ? 5 THR A O    20 
ATOM 2088 C CB   . THR A 1 5 ? -5.521 -3.845 -0.457 1.00 0.00 ? 5 THR A CB   20 
ATOM 2089 O OG1  . THR A 1 5 ? -5.642 -4.617 0.733  1.00 0.00 ? 5 THR A OG1  20 
ATOM 2090 C CG2  . THR A 1 5 ? -5.948 -4.748 -1.653 1.00 0.00 ? 5 THR A CG2  20 
ATOM 2091 H H    . THR A 1 5 ? -4.300 -2.531 1.353  1.00 0.00 ? 5 THR A H    20 
ATOM 2092 H HA   . THR A 1 5 ? -3.410 -4.162 -0.854 1.00 0.00 ? 5 THR A HA   20 
ATOM 2093 H HB   . THR A 1 5 ? -6.186 -2.970 -0.378 1.00 0.00 ? 5 THR A HB   20 
ATOM 2094 H HG1  . THR A 1 5 ? -6.358 -5.248 0.621  1.00 0.00 ? 5 THR A HG1  20 
ATOM 2095 H HG21 . THR A 1 5 ? -5.389 -5.673 -1.630 1.00 0.00 ? 5 THR A HG21 20 
ATOM 2096 H HG22 . THR A 1 5 ? -5.734 -4.217 -2.588 1.00 0.00 ? 5 THR A HG22 20 
ATOM 2097 H HG23 . THR A 1 5 ? -7.001 -4.982 -1.589 1.00 0.00 ? 5 THR A HG23 20 
ATOM 2098 N N    . SER A 1 6 ? -3.276 -2.579 -2.754 1.00 0.00 ? 6 SER A N    20 
ATOM 2099 C CA   . SER A 1 6 ? -3.026 -1.693 -3.902 1.00 0.00 ? 6 SER A CA   20 
ATOM 2100 C C    . SER A 1 6 ? -2.539 -0.318 -3.457 1.00 0.00 ? 6 SER A C    20 
ATOM 2101 O O    . SER A 1 6 ? -2.954 0.698  -4.029 1.00 0.00 ? 6 SER A O    20 
ATOM 2102 C CB   . SER A 1 6 ? -4.282 -1.593 -4.754 1.00 0.00 ? 6 SER A CB   20 
ATOM 2103 O OG   . SER A 1 6 ? -4.805 -2.879 -5.085 1.00 0.00 ? 6 SER A OG   20 
ATOM 2104 H H    . SER A 1 6 ? -2.810 -3.485 -2.769 1.00 0.00 ? 6 SER A H    20 
ATOM 2105 H HA   . SER A 1 6 ? -2.238 -2.127 -4.523 1.00 0.00 ? 6 SER A HA   20 
ATOM 2106 H HB2  . SER A 1 6 ? -5.036 -1.016 -4.224 1.00 0.00 ? 6 SER A HB2  20 
ATOM 2107 H HB3  . SER A 1 6 ? -4.038 -1.072 -5.674 1.00 0.00 ? 6 SER A HB3  20 
ATOM 2108 H HG   . SER A 1 6 ? -5.535 -2.743 -5.689 1.00 0.00 ? 6 SER A HG   20 
ATOM 2109 N N    . PHE A 1 7 ? -1.677 -0.300 -2.457 1.00 0.00 ? 7 PHE A N    20 
ATOM 2110 C CA   . PHE A 1 7 ? -1.073 0.958  -2.005 1.00 0.00 ? 7 PHE A CA   20 
ATOM 2111 C C    . PHE A 1 7 ? 0.386  1.028  -2.403 1.00 0.00 ? 7 PHE A C    20 
ATOM 2112 O O    . PHE A 1 7 ? 1.133  0.049  -2.298 1.00 0.00 ? 7 PHE A O    20 
ATOM 2113 C CB   . PHE A 1 7 ? -1.092 1.050  -0.498 1.00 0.00 ? 7 PHE A CB   20 
ATOM 2114 C CG   . PHE A 1 7 ? -2.142 1.956  0.016  1.00 0.00 ? 7 PHE A CG   20 
ATOM 2115 C CD1  . PHE A 1 7 ? -1.910 3.332  0.109  1.00 0.00 ? 7 PHE A CD1  20 
ATOM 2116 C CD2  . PHE A 1 7 ? -3.369 1.448  0.423  1.00 0.00 ? 7 PHE A CD2  20 
ATOM 2117 C CE1  . PHE A 1 7 ? -2.875 4.201  0.616  1.00 0.00 ? 7 PHE A CE1  20 
ATOM 2118 C CE2  . PHE A 1 7 ? -4.362 2.312  0.921  1.00 0.00 ? 7 PHE A CE2  20 
ATOM 2119 C CZ   . PHE A 1 7 ? -4.119 3.697  1.021  1.00 0.00 ? 7 PHE A CZ   20 
ATOM 2120 H H    . PHE A 1 7 ? -1.394 -1.147 -1.985 1.00 0.00 ? 7 PHE A H    20 
ATOM 2121 H HA   . PHE A 1 7 ? -1.630 1.812  -2.432 1.00 0.00 ? 7 PHE A HA   20 
ATOM 2122 H HB2  . PHE A 1 7 ? -1.260 0.054  -0.085 1.00 0.00 ? 7 PHE A HB2  20 
ATOM 2123 H HB3  . PHE A 1 7 ? -0.139 1.424  -0.139 1.00 0.00 ? 7 PHE A HB3  20 
ATOM 2124 H HD1  . PHE A 1 7 ? -0.946 3.739  -0.207 1.00 0.00 ? 7 PHE A HD1  20 
ATOM 2125 H HD2  . PHE A 1 7 ? -3.551 0.375  0.339  1.00 0.00 ? 7 PHE A HD2  20 
ATOM 2126 H HE1  . PHE A 1 7 ? -2.645 5.269  0.704  1.00 0.00 ? 7 PHE A HE1  20 
ATOM 2127 H HE2  . PHE A 1 7 ? -5.304 1.931  1.247  1.00 0.00 ? 7 PHE A HE2  20 
ATOM 2128 H HZ   . PHE A 1 7 ? -4.903 4.356  1.402  1.00 0.00 ? 7 PHE A HZ   20 
ATOM 2129 N N    . ASP A 1 8 ? 0.801  2.199  -2.810 1.00 0.00 ? 8 ASP A N    20 
ATOM 2130 C CA   . ASP A 1 8 ? 2.169  2.440  -3.214 1.00 0.00 ? 8 ASP A CA   20 
ATOM 2131 C C    . ASP A 1 8 ? 3.131  2.644  -2.023 1.00 0.00 ? 8 ASP A C    20 
ATOM 2132 O O    . ASP A 1 8 ? 4.337  2.472  -2.170 1.00 0.00 ? 8 ASP A O    20 
ATOM 2133 C CB   . ASP A 1 8 ? 2.188  3.700  -4.084 1.00 0.00 ? 8 ASP A CB   20 
ATOM 2134 C CG   . ASP A 1 8 ? 2.015  4.951  -3.281 1.00 0.00 ? 8 ASP A CG   20 
ATOM 2135 O OD1  . ASP A 1 8 ? 3.008  5.693  -3.164 1.00 0.00 ? 8 ASP A OD1  20 
ATOM 2136 O OD2  . ASP A 1 8 ? 0.899  5.186  -2.750 1.00 0.00 ? 8 ASP A OD2  20 
ATOM 2137 H H    . ASP A 1 8 ? 0.131  2.972  -2.886 1.00 0.00 ? 8 ASP A H    20 
ATOM 2138 H HA   . ASP A 1 8 ? 2.527  1.597  -3.798 1.00 0.00 ? 8 ASP A HA   20 
ATOM 2139 H HB2  . ASP A 1 8 ? 3.147  3.775  -4.600 1.00 0.00 ? 8 ASP A HB2  20 
ATOM 2140 H HB3  . ASP A 1 8 ? 1.389  3.677  -4.821 1.00 0.00 ? 8 ASP A HB3  20 
# 
